data_6TBC
#
_entry.id   6TBC
#
_cell.length_a   64.316
_cell.length_b   108.564
_cell.length_c   296.183
_cell.angle_alpha   90.000
_cell.angle_beta   90.000
_cell.angle_gamma   90.000
#
_symmetry.space_group_name_H-M   'P 21 21 21'
#
loop_
_entity.id
_entity.type
_entity.pdbx_description
1 polymer 'Enoyl-[acyl-carrier-protein] reductase [NADPH]'
2 non-polymer 'NADPH DIHYDRO-NICOTINAMIDE-ADENINE-DINUCLEOTIDE PHOSPHATE'
3 non-polymer '(2~{E},5~{R},10~{E},12~{E},15~{S},19~{R})-20-[[(2~{R},3~{R})-3-aminocarbonyloxy-2-methyl-butanoyl]amino]-3,5,15-trimethyl-7-methylidene-19-oxidanyl-17-oxidanylidene-icosa-2,10,12-trienoic acid'
4 water water
#
_entity_poly.entity_id   1
_entity_poly.type   'polypeptide(L)'
_entity_poly.pdbx_seq_one_letter_code
;GSHMASLNLENKTYVIMGIANKRSIAFGVAKVLDQLGAKLVFTYRKERSRKELEKLLEQLNQPEAHLYQIDVQSDEEVIN
GFEQIGKDVGNIDGVYHSIAFANMEDLRGRFSETSREGFLLAQDISSYSLTIVAHEAKKLMPEGGSIVATTYLGGEFAVQ
NYNVMGVAKASLEANVKYLALDLGPDNIRVNAISAGPIRTLSAKGVGGFNTILKEIEERAPLKRNVDQVEVGKTAAYLLS
DLSSGVTGENIHVDSGFHAIK
;
_entity_poly.pdbx_strand_id   A,B,C,D,E,F,G,H
#
# COMPACT_ATOMS: atom_id res chain seq x y z
N SER A 2 -21.56 -69.76 -7.94
CA SER A 2 -22.29 -69.78 -9.26
C SER A 2 -23.14 -68.50 -9.48
N HIS A 3 -23.52 -67.79 -8.42
CA HIS A 3 -24.06 -66.40 -8.50
C HIS A 3 -22.95 -65.41 -8.15
N MET A 4 -22.36 -64.74 -9.16
CA MET A 4 -21.50 -63.52 -9.07
C MET A 4 -22.03 -62.56 -7.99
N ALA A 5 -23.29 -62.14 -8.14
CA ALA A 5 -24.06 -61.33 -7.18
C ALA A 5 -24.81 -62.24 -6.20
N SER A 6 -24.46 -62.17 -4.92
CA SER A 6 -25.11 -63.00 -3.87
C SER A 6 -25.34 -62.19 -2.58
N LEU A 7 -26.54 -62.32 -2.02
CA LEU A 7 -26.89 -61.76 -0.69
C LEU A 7 -27.14 -62.90 0.30
N ASN A 8 -26.52 -64.07 0.06
CA ASN A 8 -26.65 -65.26 0.93
C ASN A 8 -25.51 -65.22 1.96
N LEU A 9 -25.82 -64.88 3.20
CA LEU A 9 -24.80 -64.63 4.27
C LEU A 9 -24.70 -65.81 5.25
N GLU A 10 -25.10 -67.01 4.85
CA GLU A 10 -24.72 -68.26 5.59
C GLU A 10 -23.19 -68.37 5.52
N ASN A 11 -22.56 -68.93 6.55
CA ASN A 11 -21.08 -69.09 6.63
C ASN A 11 -20.38 -67.73 6.74
N LYS A 12 -21.12 -66.65 7.05
CA LYS A 12 -20.57 -65.29 7.31
C LYS A 12 -20.85 -64.94 8.78
N THR A 13 -19.87 -64.36 9.45
CA THR A 13 -19.98 -63.88 10.86
C THR A 13 -19.68 -62.38 10.91
N TYR A 14 -20.57 -61.61 11.55
CA TYR A 14 -20.49 -60.13 11.65
C TYR A 14 -20.60 -59.72 13.12
N VAL A 15 -19.65 -58.92 13.60
CA VAL A 15 -19.73 -58.23 14.93
C VAL A 15 -20.59 -56.98 14.74
N ILE A 16 -21.57 -56.76 15.62
CA ILE A 16 -22.48 -55.58 15.58
C ILE A 16 -22.38 -54.84 16.91
N MET A 17 -21.77 -53.66 16.89
CA MET A 17 -21.49 -52.83 18.09
C MET A 17 -22.54 -51.71 18.14
N GLY A 18 -23.23 -51.55 19.27
CA GLY A 18 -24.06 -50.38 19.56
C GLY A 18 -25.56 -50.64 19.50
N ILE A 19 -26.00 -51.88 19.79
CA ILE A 19 -27.43 -52.13 20.11
C ILE A 19 -27.66 -51.76 21.59
N ALA A 20 -28.73 -51.00 21.86
CA ALA A 20 -29.13 -50.52 23.20
C ALA A 20 -30.60 -50.86 23.47
N ASN A 21 -31.45 -50.83 22.43
CA ASN A 21 -32.89 -51.20 22.52
C ASN A 21 -33.41 -51.55 21.12
N LYS A 22 -34.71 -51.80 20.99
CA LYS A 22 -35.35 -52.28 19.72
C LYS A 22 -35.31 -51.16 18.67
N ARG A 23 -35.13 -49.91 19.10
CA ARG A 23 -35.18 -48.72 18.20
C ARG A 23 -33.79 -48.42 17.63
N SER A 24 -32.71 -48.97 18.22
CA SER A 24 -31.31 -48.80 17.77
C SER A 24 -31.20 -49.12 16.27
N ILE A 25 -30.46 -48.27 15.53
CA ILE A 25 -30.16 -48.48 14.09
C ILE A 25 -29.45 -49.83 13.95
N ALA A 26 -28.50 -50.13 14.83
CA ALA A 26 -27.72 -51.40 14.79
C ALA A 26 -28.65 -52.61 14.88
N PHE A 27 -29.83 -52.46 15.50
CA PHE A 27 -30.83 -53.56 15.59
C PHE A 27 -31.47 -53.79 14.22
N GLY A 28 -31.87 -52.70 13.55
CA GLY A 28 -32.25 -52.72 12.12
C GLY A 28 -31.24 -53.50 11.29
N VAL A 29 -29.94 -53.21 11.48
CA VAL A 29 -28.85 -53.92 10.75
C VAL A 29 -28.93 -55.41 11.09
N ALA A 30 -29.09 -55.74 12.38
CA ALA A 30 -29.11 -57.13 12.90
C ALA A 30 -30.28 -57.92 12.28
N LYS A 31 -31.50 -57.39 12.37
CA LYS A 31 -32.71 -58.03 11.78
C LYS A 31 -32.41 -58.43 10.33
N VAL A 32 -31.86 -57.52 9.53
CA VAL A 32 -31.63 -57.72 8.08
C VAL A 32 -30.58 -58.81 7.87
N LEU A 33 -29.45 -58.73 8.58
CA LEU A 33 -28.32 -59.69 8.41
C LEU A 33 -28.78 -61.09 8.84
N ASP A 34 -29.60 -61.15 9.91
CA ASP A 34 -30.23 -62.37 10.43
C ASP A 34 -31.06 -63.05 9.33
N GLN A 35 -32.05 -62.34 8.76
CA GLN A 35 -32.92 -62.84 7.66
C GLN A 35 -32.08 -63.41 6.51
N LEU A 36 -30.84 -62.95 6.31
CA LEU A 36 -29.95 -63.40 5.21
C LEU A 36 -29.05 -64.54 5.70
N GLY A 37 -29.20 -64.93 6.97
CA GLY A 37 -28.65 -66.17 7.54
C GLY A 37 -27.22 -66.02 8.02
N ALA A 38 -26.88 -64.90 8.63
CA ALA A 38 -25.52 -64.61 9.13
C ALA A 38 -25.44 -64.98 10.61
N LYS A 39 -24.26 -65.42 11.06
CA LYS A 39 -23.93 -65.57 12.50
C LYS A 39 -23.57 -64.18 13.01
N LEU A 40 -24.22 -63.73 14.08
CA LEU A 40 -24.09 -62.35 14.62
C LEU A 40 -23.50 -62.40 16.04
N VAL A 41 -22.37 -61.73 16.23
CA VAL A 41 -21.76 -61.38 17.54
C VAL A 41 -22.20 -59.95 17.86
N PHE A 42 -22.55 -59.67 19.13
CA PHE A 42 -23.08 -58.36 19.60
C PHE A 42 -22.14 -57.77 20.67
N THR A 43 -22.09 -56.44 20.78
CA THR A 43 -21.34 -55.71 21.84
C THR A 43 -22.22 -54.61 22.41
N TYR A 44 -21.97 -54.25 23.68
CA TYR A 44 -22.75 -53.32 24.52
C TYR A 44 -21.80 -52.70 25.55
N ARG A 45 -22.16 -51.55 26.14
CA ARG A 45 -21.39 -50.92 27.26
C ARG A 45 -22.16 -51.14 28.57
N LYS A 46 -23.33 -50.51 28.72
CA LYS A 46 -24.18 -50.55 29.93
C LYS A 46 -24.80 -51.94 30.09
N GLU A 47 -25.15 -52.32 31.32
CA GLU A 47 -25.81 -53.61 31.65
C GLU A 47 -27.26 -53.57 31.16
N ARG A 48 -27.91 -52.39 31.21
CA ARG A 48 -29.28 -52.16 30.68
C ARG A 48 -29.36 -52.68 29.24
N SER A 49 -28.29 -52.50 28.46
CA SER A 49 -28.19 -52.89 27.02
C SER A 49 -28.09 -54.42 26.88
N ARG A 50 -27.44 -55.10 27.84
CA ARG A 50 -27.30 -56.58 27.84
C ARG A 50 -28.68 -57.22 28.07
N LYS A 51 -29.43 -56.75 29.06
CA LYS A 51 -30.80 -57.24 29.37
C LYS A 51 -31.65 -57.11 28.10
N GLU A 52 -31.63 -55.93 27.47
CA GLU A 52 -32.40 -55.62 26.24
C GLU A 52 -31.95 -56.55 25.10
N LEU A 53 -30.65 -56.80 24.97
CA LEU A 53 -30.08 -57.64 23.87
C LEU A 53 -30.60 -59.08 23.99
N GLU A 54 -30.55 -59.65 25.20
CA GLU A 54 -31.00 -61.05 25.48
C GLU A 54 -32.49 -61.17 25.13
N LYS A 55 -33.31 -60.20 25.54
CA LYS A 55 -34.76 -60.13 25.20
C LYS A 55 -34.94 -60.10 23.68
N LEU A 56 -34.09 -59.35 22.96
CA LEU A 56 -34.25 -59.10 21.50
C LEU A 56 -33.78 -60.29 20.66
N LEU A 57 -32.79 -61.06 21.13
CA LEU A 57 -32.29 -62.29 20.44
C LEU A 57 -33.43 -63.29 20.16
N GLU A 58 -34.52 -63.24 20.95
CA GLU A 58 -35.72 -64.10 20.76
C GLU A 58 -36.38 -63.78 19.43
N GLN A 59 -36.34 -62.51 19.00
CA GLN A 59 -36.88 -62.02 17.70
C GLN A 59 -36.04 -62.54 16.52
N LEU A 60 -34.77 -62.92 16.76
CA LEU A 60 -33.83 -63.38 15.70
C LEU A 60 -33.77 -64.92 15.69
N ASN A 61 -33.17 -65.46 14.63
CA ASN A 61 -32.92 -66.91 14.42
C ASN A 61 -31.44 -67.20 14.69
N GLN A 62 -30.91 -66.67 15.79
CA GLN A 62 -29.51 -66.89 16.23
C GLN A 62 -29.47 -68.06 17.20
N PRO A 63 -28.89 -69.22 16.81
CA PRO A 63 -28.89 -70.40 17.66
C PRO A 63 -28.14 -70.09 18.97
N GLU A 64 -26.88 -69.67 18.84
CA GLU A 64 -25.98 -69.38 19.99
C GLU A 64 -25.86 -67.86 20.15
N ALA A 65 -26.21 -67.35 21.34
CA ALA A 65 -26.02 -65.94 21.75
C ALA A 65 -24.54 -65.73 22.10
N HIS A 66 -23.84 -64.81 21.42
CA HIS A 66 -22.49 -64.34 21.81
C HIS A 66 -22.55 -62.83 22.08
N LEU A 67 -22.62 -62.44 23.36
CA LEU A 67 -22.63 -61.04 23.83
C LEU A 67 -21.31 -60.74 24.53
N TYR A 68 -20.70 -59.59 24.24
CA TYR A 68 -19.43 -59.12 24.86
C TYR A 68 -19.59 -57.67 25.28
N GLN A 69 -19.30 -57.36 26.55
CA GLN A 69 -19.26 -55.98 27.07
C GLN A 69 -17.97 -55.31 26.57
N ILE A 70 -18.08 -54.27 25.74
CA ILE A 70 -16.93 -53.42 25.32
C ILE A 70 -17.33 -51.96 25.46
N ASP A 71 -16.66 -51.25 26.38
CA ASP A 71 -16.60 -49.77 26.44
C ASP A 71 -15.42 -49.34 25.57
N VAL A 72 -15.72 -48.63 24.46
CA VAL A 72 -14.70 -48.27 23.42
C VAL A 72 -13.74 -47.20 23.97
N GLN A 73 -14.02 -46.63 25.15
CA GLN A 73 -13.12 -45.68 25.87
C GLN A 73 -11.88 -46.40 26.42
N SER A 74 -11.91 -47.73 26.54
CA SER A 74 -10.84 -48.57 27.16
C SER A 74 -10.14 -49.42 26.09
N ASP A 75 -8.83 -49.18 25.85
CA ASP A 75 -8.03 -50.01 24.93
C ASP A 75 -8.15 -51.48 25.33
N GLU A 76 -8.15 -51.78 26.64
CA GLU A 76 -8.14 -53.16 27.18
C GLU A 76 -9.47 -53.85 26.83
N GLU A 77 -10.62 -53.24 27.16
CA GLU A 77 -11.96 -53.84 26.89
C GLU A 77 -12.10 -54.15 25.38
N VAL A 78 -11.52 -53.32 24.51
CA VAL A 78 -11.60 -53.47 23.02
C VAL A 78 -10.64 -54.56 22.57
N ILE A 79 -9.37 -54.51 22.99
CA ILE A 79 -8.34 -55.53 22.61
C ILE A 79 -8.79 -56.91 23.11
N ASN A 80 -9.26 -57.00 24.37
CA ASN A 80 -9.65 -58.27 25.04
C ASN A 80 -10.95 -58.80 24.41
N GLY A 81 -11.96 -57.94 24.26
CA GLY A 81 -13.24 -58.28 23.61
C GLY A 81 -13.04 -58.98 22.27
N PHE A 82 -12.14 -58.47 21.42
CA PHE A 82 -11.94 -58.95 20.03
C PHE A 82 -11.06 -60.22 20.08
N GLU A 83 -10.08 -60.27 20.99
CA GLU A 83 -9.28 -61.50 21.26
C GLU A 83 -10.25 -62.64 21.64
N GLN A 84 -11.22 -62.35 22.51
CA GLN A 84 -12.21 -63.32 23.06
C GLN A 84 -13.14 -63.81 21.94
N ILE A 85 -13.64 -62.89 21.10
CA ILE A 85 -14.50 -63.21 19.92
C ILE A 85 -13.74 -64.17 18.98
N GLY A 86 -12.45 -63.92 18.77
CA GLY A 86 -11.55 -64.77 17.96
C GLY A 86 -11.51 -66.20 18.47
N LYS A 87 -11.52 -66.39 19.78
CA LYS A 87 -11.49 -67.73 20.44
C LYS A 87 -12.88 -68.37 20.36
N ASP A 88 -13.93 -67.65 20.75
CA ASP A 88 -15.32 -68.18 20.89
C ASP A 88 -15.90 -68.54 19.52
N VAL A 89 -15.77 -67.67 18.50
CA VAL A 89 -16.44 -67.85 17.17
C VAL A 89 -15.40 -67.98 16.04
N GLY A 90 -14.13 -67.63 16.27
CA GLY A 90 -13.10 -67.69 15.22
C GLY A 90 -13.08 -66.42 14.39
N ASN A 91 -12.70 -66.55 13.12
CA ASN A 91 -12.54 -65.42 12.15
C ASN A 91 -13.92 -64.86 11.78
N ILE A 92 -13.99 -63.54 11.55
CA ILE A 92 -15.24 -62.79 11.20
C ILE A 92 -15.09 -62.23 9.78
N ASP A 93 -16.20 -61.79 9.19
CA ASP A 93 -16.23 -61.22 7.81
C ASP A 93 -16.41 -59.70 7.84
N GLY A 94 -16.82 -59.13 8.98
CA GLY A 94 -16.90 -57.66 9.10
C GLY A 94 -17.43 -57.19 10.45
N VAL A 95 -17.50 -55.86 10.61
CA VAL A 95 -17.93 -55.15 11.84
C VAL A 95 -18.90 -54.04 11.42
N TYR A 96 -20.07 -53.96 12.04
CA TYR A 96 -20.96 -52.77 11.98
C TYR A 96 -20.78 -51.94 13.25
N HIS A 97 -20.30 -50.71 13.11
CA HIS A 97 -20.04 -49.72 14.18
C HIS A 97 -21.23 -48.75 14.22
N SER A 98 -21.99 -48.75 15.31
CA SER A 98 -23.16 -47.86 15.53
C SER A 98 -23.02 -47.17 16.89
N ILE A 99 -21.84 -46.59 17.16
CA ILE A 99 -21.48 -46.02 18.49
C ILE A 99 -21.17 -44.53 18.33
N ALA A 100 -21.83 -43.70 19.14
CA ALA A 100 -21.58 -42.26 19.29
C ALA A 100 -22.05 -41.80 20.67
N PHE A 101 -21.44 -40.73 21.18
CA PHE A 101 -21.84 -40.05 22.43
C PHE A 101 -21.25 -38.63 22.50
N ALA A 102 -22.06 -37.69 23.01
CA ALA A 102 -21.59 -36.38 23.51
C ALA A 102 -22.44 -35.96 24.71
N ASN A 103 -21.89 -35.09 25.57
CA ASN A 103 -22.60 -34.53 26.76
C ASN A 103 -23.75 -33.66 26.26
N MET A 104 -24.97 -33.91 26.77
CA MET A 104 -26.17 -33.09 26.48
C MET A 104 -25.85 -31.60 26.73
N GLU A 105 -24.99 -31.31 27.72
CA GLU A 105 -24.54 -29.93 28.04
C GLU A 105 -24.04 -29.24 26.76
N ASP A 106 -23.12 -29.92 26.03
CA ASP A 106 -22.40 -29.39 24.84
C ASP A 106 -23.35 -29.33 23.62
N LEU A 107 -24.37 -30.18 23.57
CA LEU A 107 -25.34 -30.27 22.44
C LEU A 107 -26.43 -29.18 22.53
N ARG A 108 -26.64 -28.59 23.70
CA ARG A 108 -27.67 -27.51 23.88
C ARG A 108 -26.97 -26.16 23.67
N GLY A 109 -25.81 -25.98 24.31
CA GLY A 109 -24.98 -24.77 24.21
C GLY A 109 -24.74 -24.35 22.76
N ARG A 110 -24.48 -23.07 22.57
CA ARG A 110 -23.75 -22.50 21.40
C ARG A 110 -22.46 -23.31 21.22
N PHE A 111 -22.13 -23.71 19.98
CA PHE A 111 -20.97 -24.60 19.71
C PHE A 111 -19.68 -23.97 20.27
N SER A 112 -19.54 -22.64 20.22
CA SER A 112 -18.34 -21.92 20.69
C SER A 112 -18.16 -22.07 22.20
N GLU A 113 -19.21 -22.42 22.94
CA GLU A 113 -19.17 -22.63 24.42
C GLU A 113 -18.66 -24.05 24.76
N THR A 114 -18.52 -24.94 23.79
CA THR A 114 -18.11 -26.36 24.00
C THR A 114 -16.87 -26.44 24.90
N SER A 115 -16.90 -27.36 25.86
CA SER A 115 -15.77 -27.66 26.78
C SER A 115 -14.75 -28.56 26.09
N ARG A 116 -13.47 -28.38 26.40
CA ARG A 116 -12.36 -29.26 25.93
C ARG A 116 -12.68 -30.72 26.26
N GLU A 117 -13.29 -30.98 27.43
CA GLU A 117 -13.59 -32.36 27.90
C GLU A 117 -14.71 -32.93 27.02
N GLY A 118 -15.79 -32.17 26.82
CA GLY A 118 -16.96 -32.56 26.00
C GLY A 118 -16.57 -32.84 24.55
N PHE A 119 -15.65 -32.05 24.00
CA PHE A 119 -15.16 -32.13 22.61
C PHE A 119 -14.34 -33.41 22.43
N LEU A 120 -13.29 -33.59 23.24
CA LEU A 120 -12.38 -34.75 23.15
C LEU A 120 -13.14 -36.04 23.50
N LEU A 121 -14.17 -35.96 24.33
CA LEU A 121 -15.00 -37.14 24.70
C LEU A 121 -15.73 -37.63 23.45
N ALA A 122 -16.45 -36.72 22.79
CA ALA A 122 -17.19 -36.95 21.52
C ALA A 122 -16.24 -37.57 20.46
N GLN A 123 -15.04 -37.01 20.29
CA GLN A 123 -14.02 -37.54 19.35
C GLN A 123 -13.66 -38.98 19.74
N ASP A 124 -13.40 -39.23 21.02
CA ASP A 124 -12.91 -40.53 21.58
C ASP A 124 -13.91 -41.63 21.23
N ILE A 125 -15.16 -41.46 21.64
CA ILE A 125 -16.23 -42.51 21.49
C ILE A 125 -16.69 -42.57 20.04
N SER A 126 -16.89 -41.42 19.37
CA SER A 126 -17.65 -41.32 18.10
C SER A 126 -16.77 -41.51 16.86
N SER A 127 -15.44 -41.35 17.01
CA SER A 127 -14.45 -41.40 15.91
C SER A 127 -13.29 -42.37 16.23
N TYR A 128 -12.47 -42.12 17.26
CA TYR A 128 -11.28 -42.97 17.54
C TYR A 128 -11.70 -44.43 17.73
N SER A 129 -12.86 -44.67 18.35
CA SER A 129 -13.40 -46.04 18.58
C SER A 129 -13.28 -46.86 17.30
N LEU A 130 -13.62 -46.28 16.15
CA LEU A 130 -13.54 -46.98 14.85
C LEU A 130 -12.10 -47.38 14.54
N THR A 131 -11.13 -46.50 14.80
CA THR A 131 -9.69 -46.76 14.52
C THR A 131 -9.21 -48.00 15.30
N ILE A 132 -9.43 -48.04 16.62
CA ILE A 132 -8.95 -49.16 17.48
C ILE A 132 -9.74 -50.43 17.15
N VAL A 133 -11.07 -50.34 17.05
CA VAL A 133 -11.94 -51.49 16.63
C VAL A 133 -11.38 -52.09 15.33
N ALA A 134 -11.04 -51.26 14.35
CA ALA A 134 -10.51 -51.70 13.03
C ALA A 134 -9.19 -52.45 13.21
N HIS A 135 -8.28 -51.93 14.04
CA HIS A 135 -6.94 -52.51 14.30
C HIS A 135 -7.07 -53.92 14.85
N GLU A 136 -8.02 -54.12 15.75
CA GLU A 136 -8.23 -55.41 16.47
C GLU A 136 -8.97 -56.38 15.56
N ALA A 137 -10.08 -55.95 14.95
CA ALA A 137 -10.93 -56.78 14.07
C ALA A 137 -10.11 -57.30 12.89
N LYS A 138 -9.15 -56.51 12.41
CA LYS A 138 -8.20 -56.89 11.32
C LYS A 138 -7.59 -58.26 11.65
N LYS A 139 -7.20 -58.48 12.90
CA LYS A 139 -6.58 -59.74 13.42
C LYS A 139 -7.49 -60.95 13.10
N LEU A 140 -8.82 -60.77 13.06
CA LEU A 140 -9.81 -61.84 12.79
C LEU A 140 -10.28 -61.85 11.32
N MET A 141 -9.60 -61.11 10.43
CA MET A 141 -10.02 -60.97 9.01
C MET A 141 -8.79 -61.10 8.12
N PRO A 142 -8.06 -62.23 8.21
CA PRO A 142 -6.85 -62.41 7.42
C PRO A 142 -7.16 -62.57 5.92
N GLU A 143 -8.38 -63.00 5.61
CA GLU A 143 -8.86 -63.25 4.22
C GLU A 143 -9.46 -61.94 3.64
N GLY A 144 -9.63 -60.92 4.50
CA GLY A 144 -10.30 -59.65 4.16
C GLY A 144 -11.67 -59.57 4.80
N GLY A 145 -12.37 -58.46 4.58
CA GLY A 145 -13.67 -58.18 5.21
C GLY A 145 -14.16 -56.77 4.93
N SER A 146 -15.17 -56.33 5.66
CA SER A 146 -15.89 -55.05 5.44
C SER A 146 -16.21 -54.42 6.81
N ILE A 147 -15.81 -53.18 7.02
CA ILE A 147 -16.18 -52.40 8.24
C ILE A 147 -17.08 -51.24 7.80
N VAL A 148 -18.17 -51.01 8.52
CA VAL A 148 -19.17 -49.95 8.22
C VAL A 148 -19.44 -49.17 9.50
N ALA A 149 -19.36 -47.84 9.42
CA ALA A 149 -19.70 -46.90 10.50
C ALA A 149 -20.93 -46.09 10.10
N THR A 150 -21.64 -45.56 11.08
CA THR A 150 -22.91 -44.82 10.91
C THR A 150 -22.62 -43.34 11.15
N THR A 151 -23.01 -42.47 10.21
CA THR A 151 -22.76 -41.03 10.31
C THR A 151 -24.05 -40.29 9.97
N TYR A 152 -23.98 -38.97 10.02
CA TYR A 152 -25.13 -38.05 9.79
C TYR A 152 -24.60 -36.86 8.99
N LEU A 153 -25.48 -36.27 8.19
CA LEU A 153 -25.20 -35.13 7.28
C LEU A 153 -24.47 -34.00 8.01
N GLY A 154 -24.61 -33.94 9.34
CA GLY A 154 -23.98 -32.89 10.17
C GLY A 154 -22.46 -33.00 10.16
N GLY A 155 -21.92 -34.12 9.70
CA GLY A 155 -20.47 -34.26 9.46
C GLY A 155 -20.02 -33.44 8.27
N GLU A 156 -20.92 -33.17 7.32
CA GLU A 156 -20.63 -32.54 6.01
C GLU A 156 -21.07 -31.07 6.02
N PHE A 157 -22.12 -30.72 6.75
CA PHE A 157 -22.69 -29.35 6.82
C PHE A 157 -22.97 -29.00 8.28
N ALA A 158 -22.88 -27.72 8.62
CA ALA A 158 -23.35 -27.18 9.91
C ALA A 158 -24.87 -27.27 9.93
N VAL A 159 -25.43 -28.15 10.75
CA VAL A 159 -26.90 -28.22 11.04
C VAL A 159 -27.13 -27.71 12.47
N GLN A 160 -28.22 -26.98 12.69
CA GLN A 160 -28.62 -26.42 14.01
C GLN A 160 -28.67 -27.55 15.05
N ASN A 161 -27.98 -27.36 16.18
CA ASN A 161 -28.07 -28.17 17.43
C ASN A 161 -27.14 -29.40 17.43
N TYR A 162 -26.60 -29.81 16.27
CA TYR A 162 -25.71 -31.00 16.20
C TYR A 162 -24.35 -30.66 16.85
N ASN A 163 -23.93 -29.40 16.73
CA ASN A 163 -22.73 -28.81 17.40
C ASN A 163 -21.59 -29.84 17.45
N VAL A 164 -21.15 -30.25 18.63
CA VAL A 164 -19.90 -31.03 18.85
C VAL A 164 -19.99 -32.39 18.14
N MET A 165 -21.20 -32.91 17.92
CA MET A 165 -21.36 -34.23 17.25
C MET A 165 -21.07 -34.08 15.74
N GLY A 166 -21.36 -32.92 15.16
CA GLY A 166 -21.00 -32.58 13.77
C GLY A 166 -19.49 -32.69 13.56
N VAL A 167 -18.70 -32.16 14.50
CA VAL A 167 -17.22 -32.18 14.38
C VAL A 167 -16.74 -33.62 14.60
N ALA A 168 -17.41 -34.38 15.45
CA ALA A 168 -17.09 -35.81 15.67
C ALA A 168 -17.38 -36.61 14.39
N LYS A 169 -18.50 -36.34 13.71
CA LYS A 169 -18.90 -37.10 12.50
C LYS A 169 -17.97 -36.73 11.33
N ALA A 170 -17.57 -35.47 11.22
CA ALA A 170 -16.58 -35.03 10.21
C ALA A 170 -15.30 -35.85 10.42
N SER A 171 -14.90 -36.00 11.68
CA SER A 171 -13.73 -36.78 12.12
C SER A 171 -13.93 -38.26 11.74
N LEU A 172 -15.10 -38.82 12.05
CA LEU A 172 -15.43 -40.23 11.73
C LEU A 172 -15.31 -40.45 10.22
N GLU A 173 -15.85 -39.52 9.42
CA GLU A 173 -15.94 -39.68 7.95
C GLU A 173 -14.53 -39.66 7.35
N ALA A 174 -13.60 -38.94 7.97
CA ALA A 174 -12.18 -38.86 7.51
C ALA A 174 -11.46 -40.12 8.00
N ASN A 175 -11.80 -40.56 9.22
CA ASN A 175 -11.34 -41.84 9.80
C ASN A 175 -11.59 -42.95 8.76
N VAL A 176 -12.82 -43.05 8.27
CA VAL A 176 -13.24 -44.07 7.26
C VAL A 176 -12.30 -44.01 6.04
N LYS A 177 -12.02 -42.81 5.53
CA LYS A 177 -11.17 -42.65 4.32
C LYS A 177 -9.75 -43.15 4.63
N TYR A 178 -9.17 -42.73 5.76
CA TYR A 178 -7.77 -43.07 6.13
C TYR A 178 -7.68 -44.58 6.46
N LEU A 179 -8.68 -45.17 7.10
CA LEU A 179 -8.73 -46.64 7.34
C LEU A 179 -8.84 -47.36 5.99
N ALA A 180 -9.68 -46.88 5.09
CA ALA A 180 -9.89 -47.49 3.75
C ALA A 180 -8.55 -47.58 3.01
N LEU A 181 -7.72 -46.53 3.12
CA LEU A 181 -6.42 -46.45 2.41
C LEU A 181 -5.40 -47.39 3.08
N ASP A 182 -5.42 -47.46 4.42
CA ASP A 182 -4.51 -48.30 5.25
C ASP A 182 -4.82 -49.78 5.05
N LEU A 183 -6.09 -50.19 5.21
CA LEU A 183 -6.52 -51.61 5.28
C LEU A 183 -6.93 -52.13 3.90
N GLY A 184 -6.91 -51.30 2.86
CA GLY A 184 -7.26 -51.73 1.49
C GLY A 184 -6.35 -52.86 1.01
N PRO A 185 -5.00 -52.70 1.12
CA PRO A 185 -4.06 -53.75 0.74
C PRO A 185 -4.29 -55.10 1.45
N ASP A 186 -4.90 -55.10 2.63
CA ASP A 186 -5.28 -56.31 3.39
C ASP A 186 -6.69 -56.77 2.99
N ASN A 187 -7.20 -56.26 1.87
CA ASN A 187 -8.55 -56.57 1.34
C ASN A 187 -9.61 -56.34 2.43
N ILE A 188 -9.46 -55.29 3.23
CA ILE A 188 -10.52 -54.81 4.18
C ILE A 188 -11.08 -53.49 3.67
N ARG A 189 -12.38 -53.48 3.39
CA ARG A 189 -13.13 -52.28 2.91
C ARG A 189 -13.73 -51.55 4.13
N VAL A 190 -13.66 -50.22 4.12
CA VAL A 190 -14.18 -49.34 5.19
C VAL A 190 -15.07 -48.28 4.52
N ASN A 191 -16.31 -48.19 4.97
CA ASN A 191 -17.34 -47.31 4.38
C ASN A 191 -18.23 -46.77 5.50
N ALA A 192 -18.99 -45.73 5.23
CA ALA A 192 -19.95 -45.14 6.17
C ALA A 192 -21.35 -45.14 5.53
N ILE A 193 -22.38 -45.24 6.37
CA ILE A 193 -23.78 -44.92 6.01
C ILE A 193 -24.15 -43.61 6.71
N SER A 194 -24.56 -42.61 5.94
CA SER A 194 -25.15 -41.35 6.45
C SER A 194 -26.67 -41.57 6.51
N ALA A 195 -27.17 -41.93 7.68
CA ALA A 195 -28.61 -42.17 7.91
C ALA A 195 -29.33 -40.82 8.02
N GLY A 196 -30.52 -40.71 7.43
CA GLY A 196 -31.48 -39.65 7.77
C GLY A 196 -31.93 -39.77 9.22
N PRO A 197 -32.76 -38.84 9.72
CA PRO A 197 -33.19 -38.86 11.12
C PRO A 197 -34.15 -40.03 11.42
N ILE A 198 -33.92 -40.71 12.54
CA ILE A 198 -34.70 -41.90 13.00
C ILE A 198 -34.99 -41.75 14.50
N ARG A 199 -36.22 -42.04 14.95
CA ARG A 199 -36.62 -42.01 16.38
C ARG A 199 -35.93 -43.17 17.12
N THR A 200 -34.92 -42.88 17.94
CA THR A 200 -34.14 -43.88 18.72
C THR A 200 -33.95 -43.37 20.17
N LEU A 201 -33.39 -44.23 21.02
CA LEU A 201 -33.07 -43.89 22.45
C LEU A 201 -32.18 -42.65 22.47
N SER A 202 -31.05 -42.63 21.74
CA SER A 202 -30.10 -41.49 21.70
C SER A 202 -30.81 -40.21 21.24
N ALA A 203 -31.65 -40.31 20.21
CA ALA A 203 -32.30 -39.17 19.53
C ALA A 203 -33.44 -38.58 20.36
N LYS A 204 -34.22 -39.43 21.05
CA LYS A 204 -35.35 -38.99 21.92
C LYS A 204 -34.78 -38.13 23.06
N GLY A 205 -35.32 -36.92 23.23
CA GLY A 205 -34.94 -36.00 24.33
C GLY A 205 -34.01 -34.91 23.86
N VAL A 206 -33.90 -34.70 22.54
CA VAL A 206 -33.31 -33.47 21.93
C VAL A 206 -34.46 -32.63 21.37
N GLY A 207 -34.33 -31.30 21.48
CA GLY A 207 -35.41 -30.33 21.20
C GLY A 207 -35.84 -30.34 19.74
N GLY A 208 -37.15 -30.33 19.50
CA GLY A 208 -37.78 -30.15 18.17
C GLY A 208 -37.26 -31.13 17.13
N PHE A 209 -36.94 -32.36 17.56
CA PHE A 209 -36.56 -33.49 16.66
C PHE A 209 -37.71 -33.77 15.68
N ASN A 210 -38.94 -33.58 16.14
CA ASN A 210 -40.19 -33.73 15.33
C ASN A 210 -40.24 -32.68 14.21
N THR A 211 -39.60 -31.52 14.40
CA THR A 211 -39.49 -30.45 13.36
C THR A 211 -38.62 -30.97 12.21
N ILE A 212 -37.52 -31.65 12.52
CA ILE A 212 -36.54 -32.17 11.52
C ILE A 212 -37.22 -33.29 10.72
N LEU A 213 -37.90 -34.22 11.40
CA LEU A 213 -38.65 -35.33 10.74
C LEU A 213 -39.67 -34.75 9.75
N LYS A 214 -40.31 -33.63 10.09
CA LYS A 214 -41.39 -33.03 9.26
C LYS A 214 -40.75 -32.33 8.06
N GLU A 215 -39.61 -31.66 8.25
CA GLU A 215 -38.85 -30.96 7.18
C GLU A 215 -38.38 -31.99 6.13
N ILE A 216 -37.96 -33.19 6.56
CA ILE A 216 -37.55 -34.29 5.63
C ILE A 216 -38.76 -34.69 4.79
N GLU A 217 -39.89 -35.01 5.41
CA GLU A 217 -41.14 -35.42 4.71
C GLU A 217 -41.56 -34.35 3.69
N GLU A 218 -41.32 -33.07 4.01
CA GLU A 218 -41.77 -31.92 3.18
C GLU A 218 -40.77 -31.66 2.05
N ARG A 219 -39.45 -31.69 2.29
CA ARG A 219 -38.43 -31.14 1.34
C ARG A 219 -37.60 -32.23 0.64
N ALA A 220 -37.43 -33.41 1.25
CA ALA A 220 -36.59 -34.50 0.68
C ALA A 220 -37.24 -35.06 -0.57
N PRO A 221 -36.44 -35.40 -1.61
CA PRO A 221 -36.98 -35.97 -2.85
C PRO A 221 -38.07 -37.04 -2.69
N LEU A 222 -37.90 -38.00 -1.78
CA LEU A 222 -38.85 -39.13 -1.61
C LEU A 222 -40.01 -38.72 -0.71
N LYS A 223 -40.00 -37.50 -0.19
CA LYS A 223 -41.07 -36.92 0.65
C LYS A 223 -41.45 -37.90 1.77
N ARG A 224 -40.46 -38.56 2.38
CA ARG A 224 -40.67 -39.50 3.52
C ARG A 224 -39.38 -39.66 4.31
N ASN A 225 -39.50 -40.14 5.54
CA ASN A 225 -38.35 -40.45 6.43
C ASN A 225 -37.92 -41.88 6.18
N VAL A 226 -36.76 -42.27 6.71
CA VAL A 226 -36.23 -43.65 6.60
C VAL A 226 -36.33 -44.31 7.98
N ASP A 227 -36.11 -45.61 8.03
CA ASP A 227 -36.15 -46.42 9.27
C ASP A 227 -34.88 -47.27 9.37
N GLN A 228 -34.74 -47.97 10.48
CA GLN A 228 -33.57 -48.79 10.86
C GLN A 228 -33.34 -49.89 9.80
N VAL A 229 -34.40 -50.43 9.20
CA VAL A 229 -34.29 -51.56 8.22
C VAL A 229 -33.65 -51.05 6.93
N GLU A 230 -34.03 -49.85 6.45
CA GLU A 230 -33.47 -49.27 5.20
C GLU A 230 -31.95 -49.11 5.37
N VAL A 231 -31.53 -48.64 6.54
CA VAL A 231 -30.08 -48.58 6.89
C VAL A 231 -29.55 -50.02 6.86
N GLY A 232 -30.31 -50.96 7.44
CA GLY A 232 -29.94 -52.39 7.48
C GLY A 232 -29.69 -52.95 6.09
N LYS A 233 -30.59 -52.67 5.15
CA LYS A 233 -30.49 -53.19 3.77
C LYS A 233 -29.17 -52.69 3.15
N THR A 234 -28.88 -51.40 3.28
CA THR A 234 -27.64 -50.79 2.71
C THR A 234 -26.42 -51.37 3.46
N ALA A 235 -26.55 -51.61 4.76
CA ALA A 235 -25.50 -52.28 5.58
C ALA A 235 -25.19 -53.66 5.00
N ALA A 236 -26.23 -54.40 4.59
CA ALA A 236 -26.08 -55.73 3.96
C ALA A 236 -25.25 -55.62 2.68
N TYR A 237 -25.59 -54.68 1.80
CA TYR A 237 -24.84 -54.39 0.55
C TYR A 237 -23.35 -54.17 0.91
N LEU A 238 -23.07 -53.27 1.85
CA LEU A 238 -21.71 -52.81 2.19
C LEU A 238 -20.94 -53.92 2.92
N LEU A 239 -21.61 -54.74 3.73
CA LEU A 239 -20.93 -55.81 4.50
C LEU A 239 -20.70 -57.05 3.64
N SER A 240 -21.59 -57.35 2.68
CA SER A 240 -21.49 -58.50 1.75
C SER A 240 -20.47 -58.20 0.64
N ASP A 241 -20.28 -59.11 -0.31
CA ASP A 241 -19.32 -58.90 -1.44
C ASP A 241 -20.05 -58.22 -2.61
N LEU A 242 -21.33 -57.88 -2.44
CA LEU A 242 -22.11 -57.10 -3.44
C LEU A 242 -21.40 -55.75 -3.68
N SER A 243 -20.82 -55.19 -2.63
CA SER A 243 -20.13 -53.87 -2.62
C SER A 243 -18.63 -54.05 -2.86
N SER A 244 -18.17 -55.15 -3.44
CA SER A 244 -16.73 -55.32 -3.79
C SER A 244 -16.33 -54.18 -4.72
N GLY A 245 -15.15 -53.60 -4.51
CA GLY A 245 -14.70 -52.42 -5.26
C GLY A 245 -15.17 -51.10 -4.68
N VAL A 246 -16.04 -51.11 -3.68
CA VAL A 246 -16.52 -49.90 -2.93
C VAL A 246 -15.79 -49.82 -1.59
N THR A 247 -14.99 -48.79 -1.38
CA THR A 247 -14.29 -48.50 -0.11
C THR A 247 -14.06 -47.00 -0.02
N GLY A 248 -14.01 -46.44 1.18
CA GLY A 248 -13.88 -44.98 1.41
C GLY A 248 -15.13 -44.25 0.97
N GLU A 249 -16.26 -44.95 0.90
CA GLU A 249 -17.52 -44.38 0.38
C GLU A 249 -18.43 -44.02 1.56
N ASN A 250 -19.29 -43.02 1.33
CA ASN A 250 -20.32 -42.55 2.29
C ASN A 250 -21.66 -42.57 1.56
N ILE A 251 -22.49 -43.59 1.82
CA ILE A 251 -23.82 -43.76 1.18
C ILE A 251 -24.88 -43.08 2.05
N HIS A 252 -25.58 -42.09 1.47
CA HIS A 252 -26.68 -41.37 2.13
C HIS A 252 -27.96 -42.20 1.98
N VAL A 253 -28.45 -42.73 3.11
CA VAL A 253 -29.78 -43.40 3.23
C VAL A 253 -30.70 -42.43 3.94
N ASP A 254 -31.27 -41.48 3.20
CA ASP A 254 -31.87 -40.24 3.75
C ASP A 254 -32.91 -39.64 2.79
N SER A 255 -33.50 -40.45 1.93
CA SER A 255 -34.60 -40.04 1.01
C SER A 255 -34.14 -38.94 0.05
N GLY A 256 -32.83 -38.78 -0.13
CA GLY A 256 -32.25 -37.83 -1.12
C GLY A 256 -31.97 -36.46 -0.54
N PHE A 257 -32.14 -36.27 0.77
CA PHE A 257 -32.05 -34.96 1.43
C PHE A 257 -30.66 -34.32 1.21
N HIS A 258 -29.60 -35.12 1.21
CA HIS A 258 -28.19 -34.67 1.03
C HIS A 258 -28.00 -33.98 -0.33
N ALA A 259 -28.81 -34.33 -1.34
CA ALA A 259 -28.64 -33.89 -2.74
C ALA A 259 -29.35 -32.56 -3.00
N ILE A 260 -30.18 -32.07 -2.07
CA ILE A 260 -31.01 -30.85 -2.33
C ILE A 260 -30.54 -29.70 -1.43
N LYS A 261 -30.99 -28.47 -1.73
CA LYS A 261 -30.74 -27.26 -0.93
C LYS A 261 -31.77 -26.16 -1.29
N SER B 2 -14.02 6.63 2.04
CA SER B 2 -15.22 6.51 1.13
C SER B 2 -15.14 5.23 0.26
N HIS B 3 -13.94 4.72 -0.04
CA HIS B 3 -13.67 3.46 -0.80
C HIS B 3 -14.50 2.27 -0.28
N MET B 4 -15.43 1.71 -1.08
CA MET B 4 -16.19 0.45 -0.81
C MET B 4 -15.19 -0.68 -0.57
N ALA B 5 -14.42 -1.03 -1.60
CA ALA B 5 -13.41 -2.13 -1.60
C ALA B 5 -12.05 -1.55 -1.21
N SER B 6 -11.52 -1.99 -0.07
CA SER B 6 -10.31 -1.40 0.54
C SER B 6 -9.45 -2.47 1.21
N LEU B 7 -8.14 -2.39 1.01
CA LEU B 7 -7.14 -3.25 1.69
C LEU B 7 -6.28 -2.39 2.62
N ASN B 8 -6.84 -1.28 3.13
CA ASN B 8 -6.16 -0.36 4.07
C ASN B 8 -6.47 -0.83 5.49
N LEU B 9 -5.49 -1.44 6.16
CA LEU B 9 -5.70 -2.08 7.49
C LEU B 9 -5.11 -1.24 8.62
N GLU B 10 -4.93 0.08 8.43
CA GLU B 10 -4.70 1.03 9.55
C GLU B 10 -5.96 1.00 10.41
N ASN B 11 -5.83 1.21 11.72
CA ASN B 11 -6.97 1.19 12.69
C ASN B 11 -7.53 -0.22 12.84
N LYS B 12 -6.83 -1.25 12.34
CA LYS B 12 -7.22 -2.67 12.49
C LYS B 12 -6.16 -3.39 13.33
N THR B 13 -6.60 -4.24 14.26
CA THR B 13 -5.71 -5.06 15.12
C THR B 13 -6.04 -6.54 14.92
N TYR B 14 -5.02 -7.37 14.66
CA TYR B 14 -5.14 -8.81 14.37
C TYR B 14 -4.21 -9.59 15.30
N VAL B 15 -4.74 -10.58 16.01
CA VAL B 15 -3.95 -11.58 16.78
C VAL B 15 -3.47 -12.64 15.80
N ILE B 16 -2.19 -12.99 15.83
CA ILE B 16 -1.58 -14.02 14.94
C ILE B 16 -0.92 -15.09 15.81
N MET B 17 -1.51 -16.28 15.83
CA MET B 17 -1.07 -17.42 16.67
C MET B 17 -0.29 -18.40 15.79
N GLY B 18 0.91 -18.77 16.19
CA GLY B 18 1.66 -19.89 15.60
C GLY B 18 2.86 -19.48 14.76
N ILE B 19 3.49 -18.34 15.06
CA ILE B 19 4.86 -18.03 14.53
C ILE B 19 5.88 -18.76 15.41
N ALA B 20 6.84 -19.43 14.77
CA ALA B 20 7.94 -20.19 15.41
C ALA B 20 9.29 -19.78 14.82
N ASN B 21 9.34 -19.44 13.52
CA ASN B 21 10.58 -18.96 12.83
C ASN B 21 10.18 -18.21 11.55
N LYS B 22 11.17 -17.80 10.74
CA LYS B 22 10.95 -16.95 9.53
C LYS B 22 10.19 -17.76 8.47
N ARG B 23 10.18 -19.08 8.55
CA ARG B 23 9.59 -19.99 7.53
C ARG B 23 8.12 -20.27 7.87
N SER B 24 7.67 -20.00 9.10
CA SER B 24 6.27 -20.18 9.54
C SER B 24 5.30 -19.51 8.57
N ILE B 25 4.21 -20.19 8.22
CA ILE B 25 3.11 -19.63 7.38
C ILE B 25 2.58 -18.37 8.06
N ALA B 26 2.37 -18.41 9.38
CA ALA B 26 1.84 -17.26 10.15
C ALA B 26 2.74 -16.04 10.00
N PHE B 27 4.03 -16.23 9.73
CA PHE B 27 4.97 -15.10 9.51
C PHE B 27 4.69 -14.46 8.15
N GLY B 28 4.52 -15.27 7.10
CA GLY B 28 3.97 -14.84 5.80
C GLY B 28 2.72 -13.98 5.99
N VAL B 29 1.79 -14.43 6.84
CA VAL B 29 0.53 -13.68 7.13
C VAL B 29 0.92 -12.32 7.74
N ALA B 30 1.84 -12.33 8.70
CA ALA B 30 2.28 -11.13 9.47
C ALA B 30 2.92 -10.11 8.53
N LYS B 31 3.90 -10.52 7.71
CA LYS B 31 4.56 -9.62 6.73
C LYS B 31 3.49 -8.88 5.91
N VAL B 32 2.51 -9.60 5.39
CA VAL B 32 1.46 -9.04 4.48
C VAL B 32 0.60 -8.04 5.26
N LEU B 33 0.11 -8.42 6.44
CA LEU B 33 -0.82 -7.57 7.24
C LEU B 33 -0.08 -6.30 7.68
N ASP B 34 1.21 -6.45 8.02
CA ASP B 34 2.15 -5.36 8.38
C ASP B 34 2.21 -4.33 7.23
N GLN B 35 2.58 -4.75 6.03
CA GLN B 35 2.68 -3.90 4.82
C GLN B 35 1.37 -3.13 4.58
N LEU B 36 0.23 -3.65 5.04
CA LEU B 36 -1.10 -3.01 4.84
C LEU B 36 -1.44 -2.14 6.05
N GLY B 37 -0.54 -2.09 7.04
CA GLY B 37 -0.54 -1.09 8.12
C GLY B 37 -1.42 -1.50 9.29
N ALA B 38 -1.43 -2.77 9.64
CA ALA B 38 -2.24 -3.31 10.76
C ALA B 38 -1.39 -3.36 12.03
N LYS B 39 -2.03 -3.16 13.20
CA LYS B 39 -1.42 -3.44 14.53
C LYS B 39 -1.52 -4.95 14.74
N LEU B 40 -0.40 -5.60 15.03
CA LEU B 40 -0.31 -7.08 15.13
C LEU B 40 0.07 -7.49 16.56
N VAL B 41 -0.78 -8.30 17.18
CA VAL B 41 -0.51 -9.05 18.43
C VAL B 41 -0.08 -10.46 18.02
N PHE B 42 0.94 -11.01 18.68
CA PHE B 42 1.55 -12.33 18.37
C PHE B 42 1.40 -13.27 19.58
N THR B 43 1.33 -14.58 19.33
CA THR B 43 1.23 -15.66 20.35
C THR B 43 2.24 -16.75 19.97
N TYR B 44 2.77 -17.44 20.99
CA TYR B 44 3.84 -18.47 20.90
C TYR B 44 3.66 -19.44 22.06
N ARG B 45 4.21 -20.67 21.98
CA ARG B 45 4.22 -21.64 23.10
C ARG B 45 5.63 -21.70 23.72
N LYS B 46 6.60 -22.23 22.96
CA LYS B 46 7.99 -22.44 23.42
C LYS B 46 8.71 -21.08 23.54
N GLU B 47 9.76 -21.02 24.36
CA GLU B 47 10.62 -19.83 24.59
C GLU B 47 11.47 -19.58 23.34
N ARG B 48 11.90 -20.66 22.66
CA ARG B 48 12.67 -20.57 21.38
C ARG B 48 11.92 -19.68 20.39
N SER B 49 10.58 -19.75 20.39
CA SER B 49 9.68 -19.00 19.49
C SER B 49 9.64 -17.51 19.88
N ARG B 50 9.76 -17.18 21.18
CA ARG B 50 9.78 -15.78 21.68
C ARG B 50 11.05 -15.09 21.20
N LYS B 51 12.20 -15.73 21.37
CA LYS B 51 13.52 -15.21 20.92
C LYS B 51 13.42 -14.90 19.43
N GLU B 52 12.93 -15.85 18.63
CA GLU B 52 12.78 -15.74 17.17
C GLU B 52 11.83 -14.59 16.83
N LEU B 53 10.73 -14.44 17.58
CA LEU B 53 9.69 -13.41 17.31
C LEU B 53 10.30 -12.01 17.49
N GLU B 54 11.02 -11.79 18.58
CA GLU B 54 11.65 -10.48 18.92
C GLU B 54 12.64 -10.10 17.80
N LYS B 55 13.48 -11.06 17.36
CA LYS B 55 14.44 -10.89 16.24
C LYS B 55 13.68 -10.50 14.96
N LEU B 56 12.51 -11.10 14.71
CA LEU B 56 11.76 -10.98 13.43
C LEU B 56 10.98 -9.66 13.39
N LEU B 57 10.52 -9.14 14.53
CA LEU B 57 9.80 -7.83 14.61
C LEU B 57 10.64 -6.69 14.01
N GLU B 58 11.96 -6.82 13.96
CA GLU B 58 12.89 -5.83 13.34
C GLU B 58 12.61 -5.73 11.83
N GLN B 59 12.21 -6.84 11.20
CA GLN B 59 11.83 -6.91 9.76
C GLN B 59 10.49 -6.20 9.50
N LEU B 60 9.66 -6.04 10.54
CA LEU B 60 8.30 -5.42 10.44
C LEU B 60 8.36 -3.95 10.86
N ASN B 61 7.28 -3.22 10.59
CA ASN B 61 7.07 -1.80 10.98
C ASN B 61 6.08 -1.77 12.15
N GLN B 62 6.28 -2.65 13.15
CA GLN B 62 5.45 -2.68 14.39
C GLN B 62 6.19 -1.88 15.45
N PRO B 63 5.69 -0.67 15.83
CA PRO B 63 6.43 0.18 16.76
C PRO B 63 6.59 -0.54 18.11
N GLU B 64 5.45 -0.97 18.69
CA GLU B 64 5.41 -1.77 19.93
C GLU B 64 5.20 -3.24 19.59
N ALA B 65 6.10 -4.08 20.10
CA ALA B 65 5.97 -5.55 20.18
C ALA B 65 4.96 -5.90 21.28
N HIS B 66 3.89 -6.61 20.95
CA HIS B 66 2.99 -7.27 21.95
C HIS B 66 3.03 -8.80 21.73
N LEU B 67 3.83 -9.50 22.53
CA LEU B 67 3.98 -10.97 22.54
C LEU B 67 3.31 -11.53 23.80
N TYR B 68 2.56 -12.62 23.63
CA TYR B 68 1.88 -13.35 24.74
C TYR B 68 2.14 -14.85 24.56
N GLN B 69 2.64 -15.52 25.59
CA GLN B 69 2.81 -16.99 25.62
C GLN B 69 1.42 -17.62 25.82
N ILE B 70 0.92 -18.37 24.84
CA ILE B 70 -0.32 -19.18 24.97
C ILE B 70 -0.03 -20.58 24.42
N ASP B 71 -0.07 -21.58 25.31
CA ASP B 71 -0.20 -23.02 24.97
C ASP B 71 -1.70 -23.32 24.90
N VAL B 72 -2.20 -23.66 23.70
CA VAL B 72 -3.66 -23.84 23.44
C VAL B 72 -4.16 -25.12 24.13
N GLN B 73 -3.27 -25.94 24.70
CA GLN B 73 -3.62 -27.13 25.53
C GLN B 73 -4.25 -26.71 26.87
N SER B 74 -4.05 -25.46 27.31
CA SER B 74 -4.47 -24.92 28.62
C SER B 74 -5.61 -23.90 28.46
N ASP B 75 -6.80 -24.21 28.99
CA ASP B 75 -7.95 -23.25 29.00
C ASP B 75 -7.49 -21.92 29.63
N GLU B 76 -6.69 -21.99 30.71
CA GLU B 76 -6.27 -20.81 31.50
C GLU B 76 -5.36 -19.93 30.65
N GLU B 77 -4.29 -20.47 30.05
CA GLU B 77 -3.34 -19.69 29.21
C GLU B 77 -4.10 -18.99 28.08
N VAL B 78 -5.15 -19.61 27.54
CA VAL B 78 -5.95 -19.06 26.40
C VAL B 78 -6.91 -17.98 26.93
N ILE B 79 -7.68 -18.28 27.97
CA ILE B 79 -8.64 -17.31 28.59
C ILE B 79 -7.86 -16.07 29.09
N ASN B 80 -6.74 -16.28 29.78
CA ASN B 80 -5.91 -15.20 30.41
C ASN B 80 -5.21 -14.41 29.31
N GLY B 81 -4.57 -15.08 28.36
CA GLY B 81 -3.90 -14.44 27.19
C GLY B 81 -4.80 -13.44 26.50
N PHE B 82 -6.06 -13.78 26.25
CA PHE B 82 -7.02 -12.96 25.47
C PHE B 82 -7.58 -11.86 26.38
N GLU B 83 -7.81 -12.14 27.67
CA GLU B 83 -8.17 -11.12 28.68
C GLU B 83 -7.08 -10.04 28.71
N GLN B 84 -5.81 -10.45 28.70
CA GLN B 84 -4.61 -9.57 28.79
C GLN B 84 -4.50 -8.71 27.51
N ILE B 85 -4.68 -9.31 26.34
CA ILE B 85 -4.68 -8.61 25.02
C ILE B 85 -5.77 -7.53 25.01
N GLY B 86 -6.94 -7.84 25.57
CA GLY B 86 -8.08 -6.91 25.70
C GLY B 86 -7.70 -5.67 26.49
N LYS B 87 -6.88 -5.83 27.54
CA LYS B 87 -6.41 -4.72 28.42
C LYS B 87 -5.29 -3.94 27.70
N ASP B 88 -4.27 -4.64 27.18
CA ASP B 88 -3.05 -4.02 26.61
C ASP B 88 -3.36 -3.26 25.31
N VAL B 89 -4.15 -3.85 24.37
CA VAL B 89 -4.40 -3.26 23.02
C VAL B 89 -5.88 -2.95 22.80
N GLY B 90 -6.79 -3.46 23.65
CA GLY B 90 -8.24 -3.22 23.49
C GLY B 90 -8.87 -4.22 22.53
N ASN B 91 -9.93 -3.80 21.85
CA ASN B 91 -10.74 -4.64 20.91
C ASN B 91 -9.92 -4.93 19.65
N ILE B 92 -10.13 -6.12 19.06
CA ILE B 92 -9.40 -6.64 17.87
C ILE B 92 -10.40 -6.83 16.72
N ASP B 93 -9.90 -6.99 15.50
CA ASP B 93 -10.75 -7.15 14.28
C ASP B 93 -10.71 -8.60 13.78
N GLY B 94 -9.76 -9.43 14.24
CA GLY B 94 -9.73 -10.84 13.87
C GLY B 94 -8.55 -11.60 14.45
N VAL B 95 -8.51 -12.91 14.18
CA VAL B 95 -7.48 -13.87 14.66
C VAL B 95 -7.06 -14.74 13.48
N TYR B 96 -5.75 -14.88 13.24
CA TYR B 96 -5.20 -15.92 12.34
C TYR B 96 -4.63 -17.06 13.20
N HIS B 97 -5.22 -18.24 13.03
CA HIS B 97 -4.84 -19.50 13.73
C HIS B 97 -3.96 -20.33 12.80
N SER B 98 -2.69 -20.53 13.16
CA SER B 98 -1.71 -21.31 12.37
C SER B 98 -1.05 -22.36 13.28
N ILE B 99 -1.86 -23.12 14.02
CA ILE B 99 -1.40 -24.07 15.07
C ILE B 99 -1.88 -25.47 14.72
N ALA B 100 -0.94 -26.42 14.69
CA ALA B 100 -1.19 -27.87 14.57
C ALA B 100 -0.02 -28.64 15.21
N PHE B 101 -0.30 -29.85 15.67
CA PHE B 101 0.72 -30.79 16.20
C PHE B 101 0.15 -32.22 16.25
N ALA B 102 1.00 -33.19 15.91
CA ALA B 102 0.82 -34.63 16.23
C ALA B 102 2.21 -35.25 16.49
N ASN B 103 2.23 -36.35 17.24
CA ASN B 103 3.47 -37.12 17.52
C ASN B 103 3.98 -37.74 16.22
N MET B 104 5.25 -37.51 15.88
CA MET B 104 5.94 -38.12 14.72
C MET B 104 5.70 -39.64 14.73
N GLU B 105 5.62 -40.27 15.91
CA GLU B 105 5.30 -41.71 16.11
C GLU B 105 4.07 -42.07 15.28
N ASP B 106 2.98 -41.33 15.46
CA ASP B 106 1.64 -41.59 14.86
C ASP B 106 1.64 -41.25 13.36
N LEU B 107 2.49 -40.31 12.91
CA LEU B 107 2.59 -39.88 11.49
C LEU B 107 3.40 -40.88 10.63
N ARG B 108 4.22 -41.74 11.24
CA ARG B 108 5.03 -42.74 10.49
C ARG B 108 4.22 -44.04 10.41
N GLY B 109 3.68 -44.46 11.55
CA GLY B 109 2.83 -45.66 11.68
C GLY B 109 1.75 -45.72 10.61
N ARG B 110 1.32 -46.95 10.26
CA ARG B 110 -0.01 -47.23 9.68
C ARG B 110 -1.09 -46.52 10.50
N PHE B 111 -2.05 -45.86 9.85
CA PHE B 111 -3.10 -45.07 10.55
C PHE B 111 -3.82 -45.96 11.58
N SER B 112 -4.05 -47.24 11.27
CA SER B 112 -4.78 -48.19 12.17
C SER B 112 -4.01 -48.43 13.47
N GLU B 113 -2.69 -48.16 13.49
CA GLU B 113 -1.83 -48.33 14.68
C GLU B 113 -1.92 -47.13 15.62
N THR B 114 -2.55 -46.02 15.19
CA THR B 114 -2.59 -44.73 15.94
C THR B 114 -3.06 -45.00 17.38
N SER B 115 -2.38 -44.37 18.34
CA SER B 115 -2.70 -44.45 19.79
C SER B 115 -3.85 -43.49 20.10
N ARG B 116 -4.70 -43.86 21.05
CA ARG B 116 -5.77 -42.98 21.59
C ARG B 116 -5.18 -41.64 22.05
N GLU B 117 -3.98 -41.65 22.62
CA GLU B 117 -3.31 -40.44 23.19
C GLU B 117 -2.88 -39.56 22.02
N GLY B 118 -2.22 -40.14 21.02
CA GLY B 118 -1.74 -39.42 19.83
C GLY B 118 -2.87 -38.79 19.03
N PHE B 119 -4.01 -39.49 18.95
CA PHE B 119 -5.24 -39.06 18.23
C PHE B 119 -5.85 -37.86 18.93
N LEU B 120 -6.19 -38.01 20.22
CA LEU B 120 -6.86 -36.95 21.01
C LEU B 120 -5.92 -35.74 21.18
N LEU B 121 -4.60 -35.95 21.15
CA LEU B 121 -3.61 -34.84 21.24
C LEU B 121 -3.75 -33.96 20.00
N ALA B 122 -3.67 -34.59 18.82
CA ALA B 122 -3.83 -33.96 17.49
C ALA B 122 -5.16 -33.17 17.43
N GLN B 123 -6.26 -33.77 17.87
CA GLN B 123 -7.59 -33.12 17.94
C GLN B 123 -7.52 -31.87 18.83
N ASP B 124 -6.91 -32.00 20.01
CA ASP B 124 -6.86 -30.95 21.06
C ASP B 124 -6.19 -29.69 20.48
N ILE B 125 -4.95 -29.84 20.00
CA ILE B 125 -4.12 -28.71 19.53
C ILE B 125 -4.62 -28.21 18.17
N SER B 126 -4.97 -29.12 17.24
CA SER B 126 -5.13 -28.81 15.80
C SER B 126 -6.57 -28.39 15.47
N SER B 127 -7.55 -28.72 16.33
CA SER B 127 -9.00 -28.48 16.11
C SER B 127 -9.65 -27.74 17.29
N TYR B 128 -9.71 -28.34 18.49
CA TYR B 128 -10.42 -27.72 19.64
C TYR B 128 -9.86 -26.31 19.92
N SER B 129 -8.55 -26.13 19.78
CA SER B 129 -7.86 -24.83 20.00
C SER B 129 -8.65 -23.71 19.30
N LEU B 130 -9.11 -23.94 18.07
CA LEU B 130 -9.88 -22.92 17.32
C LEU B 130 -11.19 -22.60 18.06
N THR B 131 -11.88 -23.60 18.60
CA THR B 131 -13.18 -23.41 19.31
C THR B 131 -13.00 -22.48 20.51
N ILE B 132 -12.03 -22.77 21.38
CA ILE B 132 -11.81 -21.97 22.63
C ILE B 132 -11.26 -20.59 22.24
N VAL B 133 -10.26 -20.52 21.34
CA VAL B 133 -9.74 -19.23 20.81
C VAL B 133 -10.90 -18.36 20.33
N ALA B 134 -11.84 -18.93 19.57
CA ALA B 134 -13.02 -18.21 19.01
C ALA B 134 -13.89 -17.66 20.15
N HIS B 135 -14.16 -18.47 21.18
CA HIS B 135 -15.01 -18.10 22.34
C HIS B 135 -14.45 -16.87 23.06
N GLU B 136 -13.13 -16.84 23.21
CA GLU B 136 -12.42 -15.78 23.97
C GLU B 136 -12.28 -14.53 23.10
N ALA B 137 -11.82 -14.68 21.86
CA ALA B 137 -11.61 -13.56 20.91
C ALA B 137 -12.93 -12.84 20.65
N LYS B 138 -14.06 -13.56 20.67
CA LYS B 138 -15.42 -13.00 20.51
C LYS B 138 -15.61 -11.84 21.49
N LYS B 139 -15.14 -12.01 22.73
CA LYS B 139 -15.24 -10.99 23.83
C LYS B 139 -14.61 -9.66 23.37
N LEU B 140 -13.58 -9.69 22.51
CA LEU B 140 -12.84 -8.50 22.01
C LEU B 140 -13.35 -8.06 20.64
N MET B 141 -14.49 -8.58 20.16
CA MET B 141 -15.01 -8.29 18.79
C MET B 141 -16.51 -8.05 18.88
N PRO B 142 -16.96 -7.06 19.68
CA PRO B 142 -18.38 -6.80 19.85
C PRO B 142 -19.00 -6.22 18.57
N GLU B 143 -18.18 -5.59 17.72
CA GLU B 143 -18.63 -4.96 16.45
C GLU B 143 -18.57 -5.99 15.32
N GLY B 144 -18.01 -7.17 15.58
CA GLY B 144 -17.78 -8.23 14.57
C GLY B 144 -16.31 -8.36 14.22
N GLY B 145 -15.98 -9.29 13.33
CA GLY B 145 -14.59 -9.59 12.94
C GLY B 145 -14.50 -10.84 12.09
N SER B 146 -13.29 -11.38 11.95
CA SER B 146 -12.96 -12.47 11.00
C SER B 146 -11.94 -13.40 11.67
N ILE B 147 -12.25 -14.70 11.74
CA ILE B 147 -11.29 -15.74 12.23
C ILE B 147 -10.95 -16.66 11.06
N VAL B 148 -9.65 -16.95 10.90
CA VAL B 148 -9.10 -17.78 9.79
C VAL B 148 -8.20 -18.86 10.39
N ALA B 149 -8.43 -20.12 10.01
CA ALA B 149 -7.58 -21.27 10.40
C ALA B 149 -6.92 -21.82 9.15
N THR B 150 -5.80 -22.51 9.32
CA THR B 150 -4.97 -23.07 8.23
C THR B 150 -5.19 -24.58 8.21
N THR B 151 -5.51 -25.12 7.03
CA THR B 151 -5.79 -26.56 6.87
C THR B 151 -5.01 -27.07 5.66
N TYR B 152 -5.16 -28.36 5.39
CA TYR B 152 -4.46 -29.08 4.31
C TYR B 152 -5.46 -30.04 3.68
N LEU B 153 -5.28 -30.32 2.39
CA LEU B 153 -6.17 -31.17 1.55
C LEU B 153 -6.42 -32.53 2.23
N GLY B 154 -5.51 -32.95 3.13
CA GLY B 154 -5.63 -34.23 3.85
C GLY B 154 -6.82 -34.27 4.77
N GLY B 155 -7.43 -33.13 5.05
CA GLY B 155 -8.72 -33.05 5.77
C GLY B 155 -9.87 -33.54 4.92
N GLU B 156 -9.74 -33.44 3.60
CA GLU B 156 -10.83 -33.72 2.60
C GLU B 156 -10.61 -35.10 1.96
N PHE B 157 -9.37 -35.55 1.80
CA PHE B 157 -9.02 -36.82 1.14
C PHE B 157 -7.96 -37.55 1.97
N ALA B 158 -7.99 -38.88 1.93
CA ALA B 158 -6.95 -39.73 2.57
C ALA B 158 -5.65 -39.57 1.78
N VAL B 159 -4.65 -38.90 2.36
CA VAL B 159 -3.31 -38.67 1.74
C VAL B 159 -2.29 -39.53 2.48
N GLN B 160 -1.36 -40.16 1.75
CA GLN B 160 -0.29 -41.04 2.30
C GLN B 160 0.53 -40.23 3.33
N ASN B 161 0.66 -40.77 4.55
CA ASN B 161 1.56 -40.30 5.64
C ASN B 161 0.90 -39.21 6.52
N TYR B 162 -0.19 -38.57 6.09
CA TYR B 162 -0.84 -37.50 6.89
C TYR B 162 -1.56 -38.13 8.09
N ASN B 163 -2.07 -39.35 7.91
CA ASN B 163 -2.69 -40.20 8.96
C ASN B 163 -3.50 -39.35 9.94
N VAL B 164 -3.11 -39.31 11.21
CA VAL B 164 -3.91 -38.75 12.33
C VAL B 164 -4.15 -37.24 12.10
N MET B 165 -3.27 -36.56 11.37
CA MET B 165 -3.41 -35.10 11.13
C MET B 165 -4.55 -34.87 10.11
N GLY B 166 -4.77 -35.80 9.19
CA GLY B 166 -5.92 -35.76 8.27
C GLY B 166 -7.23 -35.75 9.02
N VAL B 167 -7.36 -36.57 10.06
CA VAL B 167 -8.62 -36.66 10.86
C VAL B 167 -8.73 -35.38 11.70
N ALA B 168 -7.60 -34.82 12.15
CA ALA B 168 -7.59 -33.55 12.89
C ALA B 168 -8.06 -32.41 11.97
N LYS B 169 -7.59 -32.39 10.72
CA LYS B 169 -7.92 -31.29 9.76
C LYS B 169 -9.39 -31.43 9.32
N ALA B 170 -9.89 -32.64 9.15
CA ALA B 170 -11.32 -32.88 8.84
C ALA B 170 -12.15 -32.28 9.97
N SER B 171 -11.70 -32.51 11.21
CA SER B 171 -12.31 -31.96 12.45
C SER B 171 -12.24 -30.43 12.43
N LEU B 172 -11.08 -29.87 12.11
CA LEU B 172 -10.88 -28.41 12.04
C LEU B 172 -11.86 -27.81 11.03
N GLU B 173 -11.98 -28.44 9.86
CA GLU B 173 -12.77 -27.90 8.72
C GLU B 173 -14.26 -27.90 9.08
N ALA B 174 -14.70 -28.83 9.93
CA ALA B 174 -16.10 -28.90 10.40
C ALA B 174 -16.28 -27.88 11.52
N ASN B 175 -15.25 -27.76 12.37
CA ASN B 175 -15.16 -26.72 13.43
C ASN B 175 -15.47 -25.36 12.79
N VAL B 176 -14.77 -25.03 11.69
CA VAL B 176 -14.93 -23.74 10.96
C VAL B 176 -16.40 -23.55 10.58
N LYS B 177 -17.04 -24.58 10.02
CA LYS B 177 -18.44 -24.49 9.55
C LYS B 177 -19.36 -24.22 10.76
N TYR B 178 -19.20 -24.98 11.85
CA TYR B 178 -20.07 -24.87 13.04
C TYR B 178 -19.84 -23.52 13.76
N LEU B 179 -18.60 -23.04 13.83
CA LEU B 179 -18.29 -21.69 14.37
C LEU B 179 -18.94 -20.63 13.48
N ALA B 180 -18.82 -20.77 12.16
CA ALA B 180 -19.38 -19.80 11.19
C ALA B 180 -20.88 -19.64 11.43
N LEU B 181 -21.59 -20.74 11.70
CA LEU B 181 -23.06 -20.75 11.88
C LEU B 181 -23.41 -20.13 13.24
N ASP B 182 -22.62 -20.43 14.27
CA ASP B 182 -22.81 -19.93 15.66
C ASP B 182 -22.54 -18.42 15.73
N LEU B 183 -21.39 -17.96 15.24
CA LEU B 183 -20.88 -16.58 15.42
C LEU B 183 -21.32 -15.65 14.27
N GLY B 184 -22.00 -16.17 13.27
CA GLY B 184 -22.49 -15.37 12.13
C GLY B 184 -23.41 -14.24 12.61
N PRO B 185 -24.44 -14.53 13.43
CA PRO B 185 -25.33 -13.50 13.95
C PRO B 185 -24.61 -12.39 14.74
N ASP B 186 -23.43 -12.67 15.29
CA ASP B 186 -22.56 -11.67 15.98
C ASP B 186 -21.63 -10.99 14.97
N ASN B 187 -21.92 -11.13 13.68
CA ASN B 187 -21.10 -10.56 12.57
C ASN B 187 -19.63 -10.99 12.72
N ILE B 188 -19.37 -12.23 13.13
CA ILE B 188 -18.02 -12.85 13.11
C ILE B 188 -17.99 -13.93 12.03
N ARG B 189 -17.11 -13.74 11.05
CA ARG B 189 -16.88 -14.70 9.92
C ARG B 189 -15.77 -15.67 10.31
N VAL B 190 -15.95 -16.94 9.97
CA VAL B 190 -14.96 -18.04 10.24
C VAL B 190 -14.72 -18.77 8.92
N ASN B 191 -13.47 -18.86 8.50
CA ASN B 191 -13.08 -19.46 7.20
C ASN B 191 -11.75 -20.17 7.38
N ALA B 192 -11.39 -21.04 6.43
CA ALA B 192 -10.11 -21.77 6.43
C ALA B 192 -9.35 -21.48 5.14
N ILE B 193 -8.02 -21.51 5.22
CA ILE B 193 -7.12 -21.58 4.04
C ILE B 193 -6.52 -22.99 4.00
N SER B 194 -6.73 -23.71 2.90
CA SER B 194 -6.07 -25.00 2.60
C SER B 194 -4.80 -24.68 1.83
N ALA B 195 -3.67 -24.60 2.54
CA ALA B 195 -2.36 -24.28 1.93
C ALA B 195 -1.83 -25.53 1.24
N GLY B 196 -1.23 -25.38 0.06
CA GLY B 196 -0.35 -26.41 -0.52
C GLY B 196 0.88 -26.60 0.36
N PRO B 197 1.79 -27.54 0.01
CA PRO B 197 2.96 -27.82 0.82
C PRO B 197 3.99 -26.68 0.77
N ILE B 198 4.52 -26.33 1.93
CA ILE B 198 5.54 -25.25 2.14
C ILE B 198 6.63 -25.79 3.10
N ARG B 199 7.92 -25.56 2.79
CA ARG B 199 9.05 -25.93 3.68
C ARG B 199 9.05 -25.00 4.91
N THR B 200 8.70 -25.54 6.06
CA THR B 200 8.63 -24.84 7.37
C THR B 200 9.32 -25.68 8.47
N LEU B 201 9.41 -25.14 9.69
CA LEU B 201 10.00 -25.84 10.85
C LEU B 201 9.25 -27.16 11.09
N SER B 202 7.92 -27.15 11.20
CA SER B 202 7.05 -28.36 11.37
C SER B 202 7.32 -29.39 10.26
N ALA B 203 7.41 -28.94 9.01
CA ALA B 203 7.47 -29.79 7.80
C ALA B 203 8.87 -30.37 7.61
N LYS B 204 9.94 -29.63 7.93
CA LYS B 204 11.35 -30.12 7.85
C LYS B 204 11.50 -31.31 8.81
N GLY B 205 11.96 -32.46 8.30
CA GLY B 205 12.19 -33.68 9.10
C GLY B 205 11.04 -34.68 9.04
N VAL B 206 10.16 -34.55 8.05
CA VAL B 206 9.17 -35.61 7.66
C VAL B 206 9.64 -36.21 6.33
N GLY B 207 9.45 -37.52 6.16
CA GLY B 207 10.04 -38.32 5.08
C GLY B 207 9.53 -37.91 3.70
N GLY B 208 10.44 -37.77 2.73
CA GLY B 208 10.16 -37.55 1.29
C GLY B 208 9.21 -36.39 1.05
N PHE B 209 9.30 -35.33 1.87
CA PHE B 209 8.56 -34.05 1.70
C PHE B 209 8.93 -33.43 0.35
N ASN B 210 10.18 -33.63 -0.09
CA ASN B 210 10.70 -33.16 -1.40
C ASN B 210 9.99 -33.88 -2.56
N THR B 211 9.50 -35.10 -2.34
CA THR B 211 8.71 -35.89 -3.32
C THR B 211 7.36 -35.17 -3.57
N ILE B 212 6.73 -34.70 -2.49
CA ILE B 212 5.39 -34.04 -2.54
C ILE B 212 5.53 -32.70 -3.27
N LEU B 213 6.56 -31.90 -2.91
CA LEU B 213 6.84 -30.60 -3.57
C LEU B 213 7.04 -30.82 -5.07
N LYS B 214 7.67 -31.92 -5.48
CA LYS B 214 8.00 -32.19 -6.91
C LYS B 214 6.74 -32.62 -7.64
N GLU B 215 5.87 -33.42 -6.99
CA GLU B 215 4.57 -33.88 -7.56
C GLU B 215 3.66 -32.66 -7.81
N ILE B 216 3.68 -31.66 -6.93
CA ILE B 216 2.89 -30.40 -7.12
C ILE B 216 3.40 -29.69 -8.37
N GLU B 217 4.70 -29.44 -8.46
CA GLU B 217 5.33 -28.76 -9.63
C GLU B 217 4.98 -29.50 -10.94
N GLU B 218 4.87 -30.82 -10.89
CA GLU B 218 4.65 -31.68 -12.08
C GLU B 218 3.16 -31.72 -12.43
N ARG B 219 2.25 -31.88 -11.46
CA ARG B 219 0.83 -32.27 -11.73
C ARG B 219 -0.17 -31.12 -11.48
N ALA B 220 0.13 -30.17 -10.61
CA ALA B 220 -0.79 -29.05 -10.26
C ALA B 220 -0.94 -28.12 -11.46
N PRO B 221 -2.16 -27.59 -11.71
CA PRO B 221 -2.41 -26.67 -12.81
C PRO B 221 -1.35 -25.57 -13.05
N LEU B 222 -0.88 -24.90 -12.00
CA LEU B 222 0.08 -23.78 -12.14
C LEU B 222 1.52 -24.30 -12.25
N LYS B 223 1.71 -25.61 -12.17
CA LYS B 223 3.03 -26.29 -12.31
C LYS B 223 4.06 -25.59 -11.41
N ARG B 224 3.68 -25.20 -10.19
CA ARG B 224 4.60 -24.57 -9.21
C ARG B 224 4.04 -24.75 -7.80
N ASN B 225 4.90 -24.56 -6.80
CA ASN B 225 4.51 -24.61 -5.37
C ASN B 225 4.13 -23.19 -4.93
N VAL B 226 3.55 -23.06 -3.74
CA VAL B 226 3.15 -21.76 -3.16
C VAL B 226 4.08 -21.46 -1.99
N ASP B 227 4.02 -20.22 -1.49
CA ASP B 227 4.85 -19.76 -0.36
C ASP B 227 3.96 -19.11 0.69
N GLN B 228 4.57 -18.75 1.81
CA GLN B 228 3.94 -18.17 3.02
C GLN B 228 3.21 -16.86 2.66
N VAL B 229 3.75 -16.08 1.72
CA VAL B 229 3.18 -14.75 1.36
C VAL B 229 1.85 -14.96 0.61
N GLU B 230 1.78 -15.94 -0.30
CA GLU B 230 0.54 -16.23 -1.07
C GLU B 230 -0.58 -16.59 -0.09
N VAL B 231 -0.27 -17.38 0.92
CA VAL B 231 -1.23 -17.67 2.03
C VAL B 231 -1.54 -16.34 2.73
N GLY B 232 -0.52 -15.52 2.95
CA GLY B 232 -0.67 -14.20 3.58
C GLY B 232 -1.65 -13.32 2.84
N LYS B 233 -1.51 -13.25 1.51
CA LYS B 233 -2.38 -12.39 0.65
C LYS B 233 -3.83 -12.85 0.84
N THR B 234 -4.10 -14.15 0.75
CA THR B 234 -5.46 -14.71 0.89
C THR B 234 -5.96 -14.46 2.31
N ALA B 235 -5.08 -14.56 3.31
CA ALA B 235 -5.39 -14.25 4.73
C ALA B 235 -5.86 -12.80 4.83
N ALA B 236 -5.21 -11.88 4.12
CA ALA B 236 -5.58 -10.45 4.09
C ALA B 236 -7.01 -10.30 3.55
N TYR B 237 -7.34 -10.94 2.43
CA TYR B 237 -8.70 -10.96 1.84
C TYR B 237 -9.70 -11.39 2.90
N LEU B 238 -9.45 -12.55 3.54
CA LEU B 238 -10.41 -13.19 4.48
C LEU B 238 -10.50 -12.39 5.79
N LEU B 239 -9.41 -11.75 6.24
CA LEU B 239 -9.41 -11.00 7.52
C LEU B 239 -10.00 -9.59 7.34
N SER B 240 -9.82 -8.98 6.16
CA SER B 240 -10.35 -7.64 5.79
C SER B 240 -11.84 -7.73 5.47
N ASP B 241 -12.49 -6.61 5.11
CA ASP B 241 -13.93 -6.60 4.74
C ASP B 241 -14.10 -6.86 3.24
N LEU B 242 -13.00 -7.11 2.53
CA LEU B 242 -13.01 -7.52 1.10
C LEU B 242 -13.83 -8.81 0.97
N SER B 243 -13.73 -9.69 1.97
CA SER B 243 -14.39 -11.01 2.00
C SER B 243 -15.72 -10.95 2.75
N SER B 244 -16.34 -9.76 2.88
CA SER B 244 -17.68 -9.65 3.50
C SER B 244 -18.64 -10.56 2.72
N GLY B 245 -19.51 -11.28 3.42
CA GLY B 245 -20.43 -12.23 2.79
C GLY B 245 -19.84 -13.62 2.58
N VAL B 246 -18.53 -13.80 2.84
CA VAL B 246 -17.84 -15.13 2.81
C VAL B 246 -17.65 -15.63 4.24
N THR B 247 -18.27 -16.76 4.59
CA THR B 247 -18.08 -17.43 5.91
C THR B 247 -18.35 -18.92 5.71
N GLY B 248 -17.72 -19.78 6.51
CA GLY B 248 -17.81 -21.25 6.37
C GLY B 248 -17.13 -21.73 5.11
N GLU B 249 -16.21 -20.94 4.56
CA GLU B 249 -15.57 -21.24 3.26
C GLU B 249 -14.16 -21.78 3.51
N ASN B 250 -13.67 -22.57 2.55
CA ASN B 250 -12.32 -23.18 2.57
C ASN B 250 -11.66 -22.83 1.23
N ILE B 251 -10.75 -21.85 1.22
CA ILE B 251 -10.03 -21.39 0.00
C ILE B 251 -8.72 -22.18 -0.13
N HIS B 252 -8.58 -22.90 -1.25
CA HIS B 252 -7.36 -23.67 -1.59
C HIS B 252 -6.35 -22.72 -2.22
N VAL B 253 -5.24 -22.47 -1.51
CA VAL B 253 -4.05 -21.73 -2.00
C VAL B 253 -2.96 -22.76 -2.26
N ASP B 254 -3.03 -23.43 -3.42
CA ASP B 254 -2.34 -24.73 -3.65
C ASP B 254 -2.10 -24.98 -5.15
N SER B 255 -2.05 -23.92 -5.96
CA SER B 255 -1.72 -23.98 -7.40
C SER B 255 -2.75 -24.83 -8.16
N GLY B 256 -3.93 -25.04 -7.60
CA GLY B 256 -5.06 -25.74 -8.27
C GLY B 256 -5.08 -27.24 -8.01
N PHE B 257 -4.20 -27.74 -7.15
CA PHE B 257 -4.00 -29.19 -6.93
C PHE B 257 -5.31 -29.87 -6.46
N HIS B 258 -6.09 -29.18 -5.64
CA HIS B 258 -7.38 -29.69 -5.07
C HIS B 258 -8.38 -30.03 -6.19
N ALA B 259 -8.29 -29.37 -7.35
CA ALA B 259 -9.27 -29.44 -8.45
C ALA B 259 -8.96 -30.60 -9.39
N ILE B 260 -7.80 -31.25 -9.29
CA ILE B 260 -7.37 -32.28 -10.28
C ILE B 260 -7.30 -33.66 -9.61
N LYS B 261 -7.15 -34.72 -10.41
CA LYS B 261 -7.04 -36.10 -9.88
C LYS B 261 -6.26 -37.01 -10.86
N HIS C 3 4.65 -10.62 -6.07
CA HIS C 3 5.38 -9.47 -5.46
C HIS C 3 4.96 -9.32 -3.99
N MET C 4 4.06 -8.37 -3.67
CA MET C 4 3.52 -8.08 -2.31
C MET C 4 2.00 -7.96 -2.43
N ALA C 5 1.32 -7.59 -1.34
CA ALA C 5 -0.16 -7.50 -1.27
C ALA C 5 -0.61 -6.06 -1.59
N SER C 6 -1.31 -5.89 -2.71
CA SER C 6 -1.75 -4.57 -3.22
C SER C 6 -3.10 -4.72 -3.91
N LEU C 7 -4.00 -3.78 -3.65
CA LEU C 7 -5.32 -3.68 -4.33
C LEU C 7 -5.36 -2.40 -5.16
N ASN C 8 -4.20 -1.92 -5.62
CA ASN C 8 -4.09 -0.78 -6.56
C ASN C 8 -4.06 -1.33 -7.98
N LEU C 9 -5.17 -1.19 -8.72
CA LEU C 9 -5.39 -1.79 -10.05
C LEU C 9 -5.20 -0.75 -11.17
N GLU C 10 -4.44 0.34 -10.94
CA GLU C 10 -3.90 1.18 -12.03
C GLU C 10 -2.97 0.29 -12.86
N ASN C 11 -2.85 0.56 -14.16
CA ASN C 11 -2.01 -0.23 -15.11
C ASN C 11 -2.58 -1.65 -15.29
N LYS C 12 -3.82 -1.91 -14.87
CA LYS C 12 -4.54 -3.19 -15.10
C LYS C 12 -5.75 -2.93 -16.00
N THR C 13 -5.99 -3.81 -16.97
CA THR C 13 -7.15 -3.74 -17.89
C THR C 13 -7.94 -5.04 -17.79
N TYR C 14 -9.26 -4.95 -17.60
CA TYR C 14 -10.19 -6.09 -17.38
C TYR C 14 -11.37 -5.97 -18.35
N VAL C 15 -11.64 -7.03 -19.11
CA VAL C 15 -12.90 -7.17 -19.91
C VAL C 15 -14.01 -7.63 -18.96
N ILE C 16 -15.17 -6.99 -18.99
CA ILE C 16 -16.35 -7.33 -18.17
C ILE C 16 -17.53 -7.63 -19.10
N MET C 17 -17.93 -8.90 -19.16
CA MET C 17 -19.01 -9.39 -20.05
C MET C 17 -20.27 -9.58 -19.21
N GLY C 18 -21.39 -8.98 -19.64
CA GLY C 18 -22.73 -9.31 -19.10
C GLY C 18 -23.34 -8.21 -18.25
N ILE C 19 -23.00 -6.95 -18.49
CA ILE C 19 -23.79 -5.79 -17.97
C ILE C 19 -25.00 -5.60 -18.88
N ALA C 20 -26.18 -5.44 -18.27
CA ALA C 20 -27.49 -5.21 -18.92
C ALA C 20 -28.19 -3.98 -18.33
N ASN C 21 -28.02 -3.74 -17.02
CA ASN C 21 -28.62 -2.57 -16.31
C ASN C 21 -27.84 -2.34 -15.00
N LYS C 22 -28.29 -1.40 -14.18
CA LYS C 22 -27.59 -0.98 -12.93
C LYS C 22 -27.64 -2.09 -11.90
N ARG C 23 -28.56 -3.05 -12.05
CA ARG C 23 -28.76 -4.15 -11.06
C ARG C 23 -27.88 -5.36 -11.40
N SER C 24 -27.33 -5.44 -12.62
CA SER C 24 -26.44 -6.53 -13.08
C SER C 24 -25.29 -6.74 -12.08
N ILE C 25 -24.99 -8.01 -11.75
CA ILE C 25 -23.84 -8.39 -10.88
C ILE C 25 -22.56 -7.82 -11.49
N ALA C 26 -22.39 -7.96 -12.79
CA ALA C 26 -21.20 -7.48 -13.54
C ALA C 26 -21.01 -5.97 -13.33
N PHE C 27 -22.09 -5.22 -13.08
CA PHE C 27 -21.99 -3.76 -12.81
C PHE C 27 -21.38 -3.54 -11.41
N GLY C 28 -21.85 -4.27 -10.41
CA GLY C 28 -21.20 -4.38 -9.09
C GLY C 28 -19.70 -4.62 -9.24
N VAL C 29 -19.32 -5.57 -10.09
CA VAL C 29 -17.88 -5.88 -10.36
C VAL C 29 -17.20 -4.61 -10.90
N ALA C 30 -17.85 -3.95 -11.86
CA ALA C 30 -17.31 -2.76 -12.58
C ALA C 30 -17.09 -1.61 -11.59
N LYS C 31 -18.11 -1.25 -10.80
CA LYS C 31 -18.02 -0.18 -9.76
C LYS C 31 -16.75 -0.42 -8.92
N VAL C 32 -16.55 -1.63 -8.43
CA VAL C 32 -15.45 -1.99 -7.50
C VAL C 32 -14.11 -1.83 -8.21
N LEU C 33 -13.97 -2.41 -9.41
CA LEU C 33 -12.70 -2.40 -10.17
C LEU C 33 -12.34 -0.95 -10.54
N ASP C 34 -13.36 -0.17 -10.89
CA ASP C 34 -13.26 1.29 -11.20
C ASP C 34 -12.64 2.02 -10.01
N GLN C 35 -13.27 1.95 -8.83
CA GLN C 35 -12.80 2.59 -7.56
C GLN C 35 -11.32 2.26 -7.30
N LEU C 36 -10.84 1.11 -7.77
CA LEU C 36 -9.44 0.65 -7.54
C LEU C 36 -8.56 1.08 -8.71
N GLY C 37 -9.13 1.77 -9.69
CA GLY C 37 -8.42 2.51 -10.75
C GLY C 37 -8.02 1.63 -11.92
N ALA C 38 -8.88 0.71 -12.33
CA ALA C 38 -8.62 -0.22 -13.45
C ALA C 38 -9.23 0.34 -14.74
N LYS C 39 -8.59 0.09 -15.88
CA LYS C 39 -9.16 0.35 -17.22
C LYS C 39 -10.12 -0.80 -17.53
N LEU C 40 -11.36 -0.48 -17.86
CA LEU C 40 -12.46 -1.48 -18.04
C LEU C 40 -12.96 -1.46 -19.49
N VAL C 41 -12.89 -2.61 -20.16
CA VAL C 41 -13.57 -2.91 -21.45
C VAL C 41 -14.87 -3.65 -21.12
N PHE C 42 -15.96 -3.33 -21.81
CA PHE C 42 -17.33 -3.86 -21.56
C PHE C 42 -17.84 -4.60 -22.79
N THR C 43 -18.72 -5.59 -22.58
CA THR C 43 -19.37 -6.42 -23.63
C THR C 43 -20.86 -6.50 -23.30
N TYR C 44 -21.69 -6.62 -24.35
CA TYR C 44 -23.18 -6.62 -24.30
C TYR C 44 -23.70 -7.43 -25.49
N ARG C 45 -24.94 -7.92 -25.44
CA ARG C 45 -25.61 -8.61 -26.59
C ARG C 45 -26.64 -7.66 -27.21
N LYS C 46 -27.72 -7.36 -26.49
CA LYS C 46 -28.85 -6.53 -26.98
C LYS C 46 -28.40 -5.06 -27.10
N GLU C 47 -29.09 -4.27 -27.92
CA GLU C 47 -28.82 -2.82 -28.11
C GLU C 47 -29.30 -2.05 -26.87
N ARG C 48 -30.40 -2.52 -26.24
CA ARG C 48 -30.93 -1.94 -24.97
C ARG C 48 -29.82 -1.90 -23.92
N SER C 49 -28.93 -2.89 -23.91
CA SER C 49 -27.79 -3.02 -22.96
C SER C 49 -26.70 -1.98 -23.27
N ARG C 50 -26.50 -1.63 -24.55
CA ARG C 50 -25.51 -0.61 -24.99
C ARG C 50 -25.94 0.78 -24.48
N LYS C 51 -27.21 1.13 -24.70
CA LYS C 51 -27.80 2.41 -24.23
C LYS C 51 -27.58 2.51 -22.72
N GLU C 52 -27.93 1.47 -21.97
CA GLU C 52 -27.81 1.39 -20.49
C GLU C 52 -26.33 1.55 -20.10
N LEU C 53 -25.41 0.91 -20.82
CA LEU C 53 -23.97 0.92 -20.52
C LEU C 53 -23.42 2.35 -20.62
N GLU C 54 -23.73 3.04 -21.72
CA GLU C 54 -23.27 4.43 -22.00
C GLU C 54 -23.77 5.36 -20.88
N LYS C 55 -25.05 5.24 -20.50
CA LYS C 55 -25.66 5.99 -19.38
C LYS C 55 -24.89 5.71 -18.07
N LEU C 56 -24.48 4.47 -17.84
CA LEU C 56 -23.89 4.00 -16.55
C LEU C 56 -22.42 4.41 -16.45
N LEU C 57 -21.68 4.49 -17.57
CA LEU C 57 -20.27 4.95 -17.59
C LEU C 57 -20.11 6.33 -16.94
N GLU C 58 -21.16 7.15 -16.89
CA GLU C 58 -21.15 8.49 -16.22
C GLU C 58 -20.94 8.31 -14.71
N GLN C 59 -21.43 7.21 -14.13
CA GLN C 59 -21.24 6.85 -12.70
C GLN C 59 -19.78 6.44 -12.43
N LEU C 60 -19.03 6.02 -13.45
CA LEU C 60 -17.64 5.54 -13.33
C LEU C 60 -16.65 6.65 -13.69
N ASN C 61 -15.37 6.42 -13.38
CA ASN C 61 -14.23 7.31 -13.70
C ASN C 61 -13.44 6.68 -14.86
N GLN C 62 -14.16 6.22 -15.91
CA GLN C 62 -13.55 5.63 -17.13
C GLN C 62 -13.41 6.73 -18.17
N PRO C 63 -12.19 7.18 -18.49
CA PRO C 63 -12.01 8.30 -19.41
C PRO C 63 -12.59 7.94 -20.78
N GLU C 64 -12.09 6.86 -21.37
CA GLU C 64 -12.49 6.38 -22.73
C GLU C 64 -13.38 5.15 -22.57
N ALA C 65 -14.60 5.22 -23.11
CA ALA C 65 -15.57 4.11 -23.22
C ALA C 65 -15.11 3.16 -24.33
N HIS C 66 -14.87 1.88 -24.02
CA HIS C 66 -14.69 0.79 -25.02
C HIS C 66 -15.80 -0.25 -24.85
N LEU C 67 -16.81 -0.19 -25.70
CA LEU C 67 -17.97 -1.12 -25.73
C LEU C 67 -17.87 -2.00 -26.97
N TYR C 68 -18.09 -3.30 -26.84
CA TYR C 68 -18.08 -4.29 -27.94
C TYR C 68 -19.31 -5.18 -27.83
N GLN C 69 -20.11 -5.29 -28.89
CA GLN C 69 -21.26 -6.22 -28.96
C GLN C 69 -20.72 -7.62 -29.19
N ILE C 70 -20.93 -8.53 -28.22
CA ILE C 70 -20.62 -9.98 -28.36
C ILE C 70 -21.81 -10.79 -27.87
N ASP C 71 -22.47 -11.50 -28.79
CA ASP C 71 -23.39 -12.64 -28.50
C ASP C 71 -22.52 -13.89 -28.46
N VAL C 72 -22.40 -14.52 -27.29
CA VAL C 72 -21.49 -15.67 -27.04
C VAL C 72 -21.99 -16.91 -27.77
N GLN C 73 -23.19 -16.89 -28.37
CA GLN C 73 -23.74 -17.97 -29.24
C GLN C 73 -22.97 -18.05 -30.57
N SER C 74 -22.25 -16.98 -30.95
CA SER C 74 -21.53 -16.84 -32.26
C SER C 74 -20.02 -16.90 -32.06
N ASP C 75 -19.34 -17.92 -32.59
CA ASP C 75 -17.86 -18.03 -32.58
C ASP C 75 -17.27 -16.74 -33.16
N GLU C 76 -17.87 -16.20 -34.23
CA GLU C 76 -17.33 -15.04 -34.98
C GLU C 76 -17.40 -13.79 -34.09
N GLU C 77 -18.56 -13.47 -33.51
CA GLU C 77 -18.71 -12.27 -32.64
C GLU C 77 -17.71 -12.32 -31.47
N VAL C 78 -17.38 -13.52 -30.96
CA VAL C 78 -16.46 -13.72 -29.81
C VAL C 78 -15.01 -13.58 -30.30
N ILE C 79 -14.63 -14.29 -31.37
CA ILE C 79 -13.26 -14.22 -31.96
C ILE C 79 -12.96 -12.78 -32.39
N ASN C 80 -13.89 -12.13 -33.08
CA ASN C 80 -13.74 -10.75 -33.64
C ASN C 80 -13.70 -9.74 -32.51
N GLY C 81 -14.65 -9.80 -31.57
CA GLY C 81 -14.71 -8.93 -30.37
C GLY C 81 -13.36 -8.85 -29.66
N PHE C 82 -12.70 -9.99 -29.44
CA PHE C 82 -11.46 -10.09 -28.64
C PHE C 82 -10.27 -9.66 -29.50
N GLU C 83 -10.29 -9.98 -30.80
CA GLU C 83 -9.30 -9.46 -31.79
C GLU C 83 -9.32 -7.93 -31.77
N GLN C 84 -10.53 -7.33 -31.76
CA GLN C 84 -10.76 -5.87 -31.80
C GLN C 84 -10.26 -5.22 -30.50
N ILE C 85 -10.57 -5.82 -29.34
CA ILE C 85 -10.11 -5.36 -27.99
C ILE C 85 -8.58 -5.33 -27.98
N GLY C 86 -7.93 -6.36 -28.56
CA GLY C 86 -6.46 -6.47 -28.67
C GLY C 86 -5.87 -5.28 -29.42
N LYS C 87 -6.55 -4.80 -30.46
CA LYS C 87 -6.11 -3.65 -31.29
C LYS C 87 -6.38 -2.34 -30.53
N ASP C 88 -7.60 -2.14 -30.03
CA ASP C 88 -8.06 -0.86 -29.41
C ASP C 88 -7.32 -0.60 -28.09
N VAL C 89 -7.18 -1.59 -27.20
CA VAL C 89 -6.64 -1.39 -25.81
C VAL C 89 -5.35 -2.20 -25.60
N GLY C 90 -5.04 -3.16 -26.47
CA GLY C 90 -3.85 -4.02 -26.31
C GLY C 90 -4.10 -5.19 -25.39
N ASN C 91 -3.07 -5.64 -24.69
CA ASN C 91 -3.11 -6.81 -23.77
C ASN C 91 -3.93 -6.48 -22.52
N ILE C 92 -4.63 -7.49 -21.98
CA ILE C 92 -5.54 -7.36 -20.78
C ILE C 92 -4.97 -8.22 -19.65
N ASP C 93 -5.48 -8.04 -18.43
CA ASP C 93 -5.02 -8.80 -17.22
C ASP C 93 -6.08 -9.83 -16.80
N GLY C 94 -7.31 -9.73 -17.29
CA GLY C 94 -8.34 -10.74 -16.97
C GLY C 94 -9.69 -10.46 -17.60
N VAL C 95 -10.63 -11.38 -17.39
CA VAL C 95 -12.03 -11.34 -17.91
C VAL C 95 -12.97 -11.71 -16.77
N TYR C 96 -14.00 -10.91 -16.52
CA TYR C 96 -15.15 -11.30 -15.67
C TYR C 96 -16.32 -11.70 -16.56
N HIS C 97 -16.73 -12.96 -16.45
CA HIS C 97 -17.86 -13.59 -17.20
C HIS C 97 -19.10 -13.58 -16.30
N SER C 98 -20.13 -12.85 -16.68
CA SER C 98 -21.41 -12.75 -15.92
C SER C 98 -22.58 -13.02 -16.86
N ILE C 99 -22.52 -14.13 -17.62
CA ILE C 99 -23.47 -14.45 -18.70
C ILE C 99 -24.14 -15.80 -18.42
N ALA C 100 -25.47 -15.81 -18.44
CA ALA C 100 -26.31 -17.03 -18.36
C ALA C 100 -27.68 -16.77 -19.01
N PHE C 101 -28.32 -17.83 -19.51
CA PHE C 101 -29.70 -17.79 -20.06
C PHE C 101 -30.28 -19.21 -20.15
N ALA C 102 -31.58 -19.32 -19.84
CA ALA C 102 -32.44 -20.47 -20.20
C ALA C 102 -33.87 -19.97 -20.51
N ASN C 103 -34.63 -20.74 -21.29
CA ASN C 103 -36.04 -20.44 -21.64
C ASN C 103 -36.88 -20.51 -20.36
N MET C 104 -37.66 -19.47 -20.08
CA MET C 104 -38.63 -19.44 -18.94
C MET C 104 -39.49 -20.71 -18.96
N GLU C 105 -39.82 -21.21 -20.16
CA GLU C 105 -40.62 -22.46 -20.37
C GLU C 105 -40.00 -23.59 -19.53
N ASP C 106 -38.69 -23.80 -19.69
CA ASP C 106 -37.92 -24.93 -19.09
C ASP C 106 -37.73 -24.71 -17.58
N LEU C 107 -37.71 -23.47 -17.11
CA LEU C 107 -37.49 -23.10 -15.68
C LEU C 107 -38.78 -23.25 -14.85
N ARG C 108 -39.96 -23.28 -15.48
CA ARG C 108 -41.25 -23.45 -14.76
C ARG C 108 -41.59 -24.94 -14.71
N GLY C 109 -41.46 -25.61 -15.85
CA GLY C 109 -41.68 -27.07 -16.01
C GLY C 109 -40.96 -27.88 -14.94
N ARG C 110 -41.49 -29.06 -14.65
CA ARG C 110 -40.75 -30.20 -14.05
C ARG C 110 -39.48 -30.42 -14.86
N PHE C 111 -38.32 -30.62 -14.22
CA PHE C 111 -37.02 -30.75 -14.91
C PHE C 111 -37.08 -31.87 -15.96
N SER C 112 -37.81 -32.96 -15.68
CA SER C 112 -37.91 -34.14 -16.60
C SER C 112 -38.63 -33.76 -17.90
N GLU C 113 -39.40 -32.66 -17.91
CA GLU C 113 -40.12 -32.16 -19.11
C GLU C 113 -39.20 -31.32 -20.02
N THR C 114 -37.98 -30.98 -19.57
CA THR C 114 -37.05 -30.06 -20.28
C THR C 114 -36.87 -30.54 -21.74
N SER C 115 -36.91 -29.59 -22.68
CA SER C 115 -36.69 -29.83 -24.13
C SER C 115 -35.19 -29.93 -24.40
N ARG C 116 -34.81 -30.78 -25.36
CA ARG C 116 -33.43 -30.90 -25.87
C ARG C 116 -32.90 -29.51 -26.30
N GLU C 117 -33.75 -28.66 -26.89
CA GLU C 117 -33.32 -27.34 -27.40
C GLU C 117 -33.07 -26.44 -26.20
N GLY C 118 -33.98 -26.40 -25.22
CA GLY C 118 -33.86 -25.58 -23.99
C GLY C 118 -32.63 -25.94 -23.18
N PHE C 119 -32.30 -27.23 -23.12
CA PHE C 119 -31.15 -27.81 -22.38
C PHE C 119 -29.84 -27.37 -23.03
N LEU C 120 -29.68 -27.67 -24.32
CA LEU C 120 -28.44 -27.37 -25.08
C LEU C 120 -28.25 -25.84 -25.20
N LEU C 121 -29.34 -25.08 -25.21
CA LEU C 121 -29.30 -23.59 -25.26
C LEU C 121 -28.61 -23.08 -23.98
N ALA C 122 -29.14 -23.50 -22.82
CA ALA C 122 -28.62 -23.18 -21.47
C ALA C 122 -27.13 -23.54 -21.38
N GLN C 123 -26.74 -24.73 -21.83
CA GLN C 123 -25.32 -25.19 -21.86
C GLN C 123 -24.49 -24.22 -22.71
N ASP C 124 -24.98 -23.86 -23.91
CA ASP C 124 -24.25 -23.05 -24.92
C ASP C 124 -23.89 -21.69 -24.30
N ILE C 125 -24.89 -20.96 -23.83
CA ILE C 125 -24.72 -19.56 -23.32
C ILE C 125 -24.05 -19.58 -21.94
N SER C 126 -24.45 -20.50 -21.05
CA SER C 126 -24.15 -20.44 -19.60
C SER C 126 -22.83 -21.13 -19.24
N SER C 127 -22.33 -22.02 -20.11
CA SER C 127 -21.14 -22.88 -19.89
C SER C 127 -20.13 -22.77 -21.06
N TYR C 128 -20.48 -23.20 -22.27
CA TYR C 128 -19.51 -23.21 -23.42
C TYR C 128 -18.93 -21.81 -23.64
N SER C 129 -19.75 -20.77 -23.49
CA SER C 129 -19.33 -19.35 -23.64
C SER C 129 -18.00 -19.13 -22.91
N LEU C 130 -17.85 -19.65 -21.69
CA LEU C 130 -16.60 -19.49 -20.91
C LEU C 130 -15.44 -20.14 -21.64
N THR C 131 -15.62 -21.32 -22.22
CA THR C 131 -14.55 -22.07 -22.93
C THR C 131 -13.99 -21.22 -24.08
N ILE C 132 -14.87 -20.74 -24.97
CA ILE C 132 -14.44 -19.98 -26.18
C ILE C 132 -13.88 -18.62 -25.74
N VAL C 133 -14.56 -17.90 -24.84
CA VAL C 133 -14.05 -16.61 -24.29
C VAL C 133 -12.62 -16.82 -23.76
N ALA C 134 -12.36 -17.90 -23.02
CA ALA C 134 -11.04 -18.21 -22.43
C ALA C 134 -10.00 -18.40 -23.54
N HIS C 135 -10.34 -19.14 -24.60
CA HIS C 135 -9.44 -19.45 -25.74
C HIS C 135 -8.96 -18.16 -26.41
N GLU C 136 -9.88 -17.20 -26.57
CA GLU C 136 -9.63 -15.93 -27.29
C GLU C 136 -8.87 -14.97 -26.37
N ALA C 137 -9.35 -14.77 -25.14
CA ALA C 137 -8.75 -13.86 -24.13
C ALA C 137 -7.30 -14.27 -23.85
N LYS C 138 -7.00 -15.56 -23.89
CA LYS C 138 -5.63 -16.12 -23.72
C LYS C 138 -4.66 -15.38 -24.64
N LYS C 139 -5.08 -15.14 -25.89
CA LYS C 139 -4.28 -14.44 -26.94
C LYS C 139 -3.81 -13.06 -26.44
N LEU C 140 -4.59 -12.40 -25.57
CA LEU C 140 -4.29 -11.03 -25.04
C LEU C 140 -3.67 -11.10 -23.64
N MET C 141 -3.23 -12.29 -23.19
CA MET C 141 -2.68 -12.47 -21.81
C MET C 141 -1.45 -13.34 -21.90
N PRO C 142 -0.42 -12.93 -22.68
CA PRO C 142 0.78 -13.75 -22.85
C PRO C 142 1.61 -13.80 -21.55
N GLU C 143 1.45 -12.79 -20.68
CA GLU C 143 2.17 -12.67 -19.39
C GLU C 143 1.41 -13.41 -18.28
N GLY C 144 0.18 -13.86 -18.59
CA GLY C 144 -0.73 -14.51 -17.62
C GLY C 144 -1.89 -13.58 -17.26
N GLY C 145 -2.80 -14.05 -16.42
CA GLY C 145 -4.01 -13.29 -16.03
C GLY C 145 -4.98 -14.16 -15.24
N SER C 146 -6.22 -13.69 -15.12
CA SER C 146 -7.25 -14.28 -14.23
C SER C 146 -8.61 -14.22 -14.95
N ILE C 147 -9.29 -15.35 -15.06
CA ILE C 147 -10.69 -15.42 -15.58
C ILE C 147 -11.60 -15.86 -14.44
N VAL C 148 -12.73 -15.18 -14.29
CA VAL C 148 -13.73 -15.44 -13.22
C VAL C 148 -15.11 -15.56 -13.86
N ALA C 149 -15.84 -16.61 -13.53
CA ALA C 149 -17.23 -16.85 -13.96
C ALA C 149 -18.12 -16.84 -12.73
N THR C 150 -19.41 -16.56 -12.92
CA THR C 150 -20.41 -16.39 -11.83
C THR C 150 -21.29 -17.63 -11.85
N THR C 151 -21.48 -18.27 -10.71
CA THR C 151 -22.30 -19.50 -10.58
C THR C 151 -23.23 -19.36 -9.39
N TYR C 152 -24.03 -20.40 -9.17
CA TYR C 152 -25.04 -20.47 -8.09
C TYR C 152 -25.00 -21.88 -7.50
N LEU C 153 -25.34 -21.98 -6.23
CA LEU C 153 -25.36 -23.21 -5.40
C LEU C 153 -26.11 -24.34 -6.13
N GLY C 154 -27.01 -23.99 -7.04
CA GLY C 154 -27.81 -24.96 -7.82
C GLY C 154 -26.96 -25.80 -8.75
N GLY C 155 -25.72 -25.41 -8.98
CA GLY C 155 -24.73 -26.24 -9.69
C GLY C 155 -24.27 -27.42 -8.86
N GLU C 156 -24.34 -27.29 -7.53
CA GLU C 156 -23.80 -28.27 -6.55
C GLU C 156 -24.92 -29.12 -5.95
N PHE C 157 -26.13 -28.57 -5.81
CA PHE C 157 -27.30 -29.24 -5.20
C PHE C 157 -28.53 -29.01 -6.07
N ALA C 158 -29.46 -29.95 -6.04
CA ALA C 158 -30.80 -29.79 -6.64
C ALA C 158 -31.56 -28.74 -5.81
N VAL C 159 -31.80 -27.57 -6.38
CA VAL C 159 -32.60 -26.46 -5.77
C VAL C 159 -33.94 -26.38 -6.52
N GLN C 160 -35.05 -26.18 -5.81
CA GLN C 160 -36.41 -26.12 -6.43
C GLN C 160 -36.42 -24.97 -7.45
N ASN C 161 -36.86 -25.25 -8.69
CA ASN C 161 -37.17 -24.28 -9.77
C ASN C 161 -35.94 -23.92 -10.61
N TYR C 162 -34.71 -24.20 -10.16
CA TYR C 162 -33.48 -23.87 -10.94
C TYR C 162 -33.37 -24.80 -12.16
N ASN C 163 -33.86 -26.04 -12.02
CA ASN C 163 -33.99 -27.05 -13.10
C ASN C 163 -32.80 -26.97 -14.06
N VAL C 164 -33.03 -26.64 -15.33
CA VAL C 164 -32.04 -26.75 -16.44
C VAL C 164 -30.82 -25.86 -16.15
N MET C 165 -30.99 -24.78 -15.39
CA MET C 165 -29.87 -23.85 -15.09
C MET C 165 -28.92 -24.51 -14.08
N GLY C 166 -29.43 -25.35 -13.18
CA GLY C 166 -28.62 -26.16 -12.27
C GLY C 166 -27.64 -27.05 -13.03
N VAL C 167 -28.11 -27.69 -14.10
CA VAL C 167 -27.25 -28.60 -14.90
C VAL C 167 -26.26 -27.75 -15.72
N ALA C 168 -26.65 -26.55 -16.13
CA ALA C 168 -25.76 -25.60 -16.83
C ALA C 168 -24.65 -25.14 -15.87
N LYS C 169 -24.99 -24.84 -14.61
CA LYS C 169 -24.02 -24.32 -13.62
C LYS C 169 -23.06 -25.45 -13.20
N ALA C 170 -23.55 -26.67 -13.07
CA ALA C 170 -22.70 -27.86 -12.79
C ALA C 170 -21.67 -27.97 -13.91
N SER C 171 -22.12 -27.78 -15.15
CA SER C 171 -21.29 -27.78 -16.37
C SER C 171 -20.28 -26.63 -16.30
N LEU C 172 -20.73 -25.43 -15.96
CA LEU C 172 -19.84 -24.23 -15.84
C LEU C 172 -18.75 -24.51 -14.81
N GLU C 173 -19.12 -25.09 -13.67
CA GLU C 173 -18.21 -25.28 -12.51
C GLU C 173 -17.13 -26.30 -12.89
N ALA C 174 -17.45 -27.26 -13.76
CA ALA C 174 -16.47 -28.27 -14.25
C ALA C 174 -15.61 -27.63 -15.34
N ASN C 175 -16.25 -26.80 -16.17
CA ASN C 175 -15.57 -25.96 -17.19
C ASN C 175 -14.42 -25.21 -16.51
N VAL C 176 -14.71 -24.53 -15.40
CA VAL C 176 -13.71 -23.73 -14.63
C VAL C 176 -12.53 -24.65 -14.25
N LYS C 177 -12.81 -25.85 -13.73
CA LYS C 177 -11.75 -26.78 -13.27
C LYS C 177 -10.89 -27.18 -14.47
N TYR C 178 -11.51 -27.57 -15.59
CA TYR C 178 -10.78 -28.07 -16.80
C TYR C 178 -10.01 -26.92 -17.45
N LEU C 179 -10.55 -25.72 -17.50
CA LEU C 179 -9.83 -24.52 -17.99
C LEU C 179 -8.64 -24.23 -17.08
N ALA C 180 -8.84 -24.30 -15.75
CA ALA C 180 -7.78 -24.03 -14.76
C ALA C 180 -6.58 -24.96 -15.02
N LEU C 181 -6.85 -26.23 -15.33
CA LEU C 181 -5.80 -27.26 -15.57
C LEU C 181 -5.11 -27.01 -16.91
N ASP C 182 -5.87 -26.62 -17.93
CA ASP C 182 -5.38 -26.35 -19.31
C ASP C 182 -4.51 -25.10 -19.33
N LEU C 183 -5.01 -23.98 -18.80
CA LEU C 183 -4.40 -22.62 -18.93
C LEU C 183 -3.45 -22.31 -17.74
N GLY C 184 -3.33 -23.22 -16.78
CA GLY C 184 -2.43 -23.03 -15.63
C GLY C 184 -0.99 -22.84 -16.08
N PRO C 185 -0.46 -23.74 -16.95
CA PRO C 185 0.90 -23.61 -17.47
C PRO C 185 1.18 -22.28 -18.19
N ASP C 186 0.15 -21.61 -18.70
CA ASP C 186 0.25 -20.25 -19.32
C ASP C 186 0.06 -19.17 -18.25
N ASN C 187 0.15 -19.53 -16.97
CA ASN C 187 -0.04 -18.61 -15.82
C ASN C 187 -1.38 -17.87 -15.95
N ILE C 188 -2.44 -18.57 -16.40
CA ILE C 188 -3.83 -18.04 -16.40
C ILE C 188 -4.64 -18.83 -15.36
N ARG C 189 -5.16 -18.12 -14.36
CA ARG C 189 -6.02 -18.68 -13.30
C ARG C 189 -7.49 -18.58 -13.72
N VAL C 190 -8.25 -19.63 -13.43
CA VAL C 190 -9.72 -19.71 -13.72
C VAL C 190 -10.43 -20.11 -12.43
N ASN C 191 -11.39 -19.32 -12.00
CA ASN C 191 -12.12 -19.51 -10.72
C ASN C 191 -13.57 -19.08 -10.93
N ALA C 192 -14.45 -19.49 -10.01
CA ALA C 192 -15.88 -19.10 -10.03
C ALA C 192 -16.23 -18.40 -8.72
N ILE C 193 -17.19 -17.49 -8.79
CA ILE C 193 -17.91 -16.96 -7.59
C ILE C 193 -19.32 -17.55 -7.61
N SER C 194 -19.69 -18.24 -6.54
CA SER C 194 -21.07 -18.71 -6.27
C SER C 194 -21.76 -17.60 -5.49
N ALA C 195 -22.50 -16.73 -6.17
CA ALA C 195 -23.26 -15.63 -5.55
C ALA C 195 -24.52 -16.19 -4.89
N GLY C 196 -24.85 -15.68 -3.71
CA GLY C 196 -26.22 -15.81 -3.15
C GLY C 196 -27.22 -15.10 -4.04
N PRO C 197 -28.54 -15.20 -3.76
CA PRO C 197 -29.56 -14.57 -4.60
C PRO C 197 -29.52 -13.04 -4.50
N ILE C 198 -29.63 -12.37 -5.66
CA ILE C 198 -29.60 -10.88 -5.81
C ILE C 198 -30.72 -10.47 -6.78
N ARG C 199 -31.48 -9.41 -6.46
CA ARG C 199 -32.56 -8.88 -7.35
C ARG C 199 -31.90 -8.18 -8.54
N THR C 200 -32.02 -8.78 -9.72
CA THR C 200 -31.46 -8.31 -11.01
C THR C 200 -32.51 -8.39 -12.13
N LEU C 201 -32.17 -7.91 -13.33
CA LEU C 201 -33.04 -7.98 -14.52
C LEU C 201 -33.43 -9.45 -14.79
N SER C 202 -32.45 -10.36 -14.89
CA SER C 202 -32.66 -11.82 -15.12
C SER C 202 -33.59 -12.42 -14.05
N ALA C 203 -33.37 -12.06 -12.79
CA ALA C 203 -34.04 -12.65 -11.61
C ALA C 203 -35.47 -12.10 -11.45
N LYS C 204 -35.70 -10.83 -11.73
CA LYS C 204 -37.06 -10.20 -11.67
C LYS C 204 -37.96 -10.90 -12.69
N GLY C 205 -39.12 -11.40 -12.23
CA GLY C 205 -40.12 -12.06 -13.08
C GLY C 205 -40.07 -13.58 -12.97
N VAL C 206 -39.38 -14.11 -11.95
CA VAL C 206 -39.51 -15.52 -11.50
C VAL C 206 -40.29 -15.51 -10.19
N GLY C 207 -41.15 -16.52 -10.01
CA GLY C 207 -42.16 -16.57 -8.93
C GLY C 207 -41.51 -16.70 -7.56
N GLY C 208 -41.99 -15.92 -6.58
CA GLY C 208 -41.65 -16.03 -5.15
C GLY C 208 -40.14 -15.92 -4.90
N PHE C 209 -39.44 -15.12 -5.72
CA PHE C 209 -38.01 -14.79 -5.54
C PHE C 209 -37.81 -14.11 -4.18
N ASN C 210 -38.80 -13.35 -3.72
CA ASN C 210 -38.86 -12.67 -2.41
C ASN C 210 -38.87 -13.70 -1.26
N THR C 211 -39.40 -14.91 -1.50
CA THR C 211 -39.43 -16.04 -0.53
C THR C 211 -37.99 -16.52 -0.30
N ILE C 212 -37.20 -16.61 -1.37
CA ILE C 212 -35.79 -17.12 -1.32
C ILE C 212 -34.94 -16.09 -0.57
N LEU C 213 -35.08 -14.80 -0.89
CA LEU C 213 -34.36 -13.70 -0.20
C LEU C 213 -34.65 -13.76 1.31
N LYS C 214 -35.88 -14.08 1.69
CA LYS C 214 -36.32 -14.06 3.12
C LYS C 214 -35.74 -15.31 3.83
N GLU C 215 -35.72 -16.45 3.14
CA GLU C 215 -35.14 -17.72 3.68
C GLU C 215 -33.63 -17.54 3.95
N ILE C 216 -32.91 -16.82 3.08
CA ILE C 216 -31.47 -16.51 3.29
C ILE C 216 -31.31 -15.69 4.58
N GLU C 217 -32.05 -14.58 4.70
CA GLU C 217 -31.99 -13.68 5.89
C GLU C 217 -32.29 -14.49 7.17
N GLU C 218 -33.17 -15.49 7.09
CA GLU C 218 -33.63 -16.28 8.26
C GLU C 218 -32.62 -17.40 8.59
N ARG C 219 -32.07 -18.12 7.60
CA ARG C 219 -31.32 -19.38 7.83
C ARG C 219 -29.79 -19.26 7.65
N ALA C 220 -29.31 -18.31 6.83
CA ALA C 220 -27.87 -18.17 6.51
C ALA C 220 -27.12 -17.68 7.74
N PRO C 221 -25.89 -18.17 7.98
CA PRO C 221 -25.08 -17.74 9.12
C PRO C 221 -25.06 -16.23 9.42
N LEU C 222 -24.89 -15.39 8.39
CA LEU C 222 -24.78 -13.92 8.58
C LEU C 222 -26.17 -13.27 8.67
N LYS C 223 -27.23 -14.07 8.56
CA LYS C 223 -28.65 -13.64 8.69
C LYS C 223 -28.89 -12.40 7.80
N ARG C 224 -28.32 -12.38 6.59
CA ARG C 224 -28.52 -11.27 5.63
C ARG C 224 -28.24 -11.76 4.21
N ASN C 225 -28.72 -11.01 3.23
CA ASN C 225 -28.47 -11.25 1.79
C ASN C 225 -27.20 -10.49 1.40
N VAL C 226 -26.68 -10.80 0.21
CA VAL C 226 -25.48 -10.12 -0.36
C VAL C 226 -25.97 -9.24 -1.52
N ASP C 227 -25.07 -8.39 -1.99
CA ASP C 227 -25.36 -7.46 -3.12
C ASP C 227 -24.24 -7.59 -4.15
N GLN C 228 -24.41 -6.89 -5.28
CA GLN C 228 -23.52 -6.89 -6.46
C GLN C 228 -22.10 -6.47 -6.04
N VAL C 229 -21.96 -5.53 -5.09
CA VAL C 229 -20.62 -4.98 -4.70
C VAL C 229 -19.84 -6.07 -3.94
N GLU C 230 -20.48 -6.84 -3.06
CA GLU C 230 -19.81 -7.91 -2.30
C GLU C 230 -19.22 -8.95 -3.27
N VAL C 231 -19.96 -9.27 -4.32
CA VAL C 231 -19.45 -10.13 -5.42
C VAL C 231 -18.29 -9.38 -6.07
N GLY C 232 -18.46 -8.07 -6.29
CA GLY C 232 -17.41 -7.21 -6.87
C GLY C 232 -16.11 -7.27 -6.07
N LYS C 233 -16.20 -7.15 -4.74
CA LYS C 233 -15.01 -7.17 -3.84
C LYS C 233 -14.26 -8.50 -4.05
N THR C 234 -14.99 -9.63 -4.01
CA THR C 234 -14.38 -10.98 -4.16
C THR C 234 -13.83 -11.11 -5.59
N ALA C 235 -14.50 -10.52 -6.59
CA ALA C 235 -14.02 -10.47 -7.99
C ALA C 235 -12.68 -9.75 -8.04
N ALA C 236 -12.52 -8.66 -7.28
CA ALA C 236 -11.25 -7.90 -7.18
C ALA C 236 -10.13 -8.81 -6.66
N TYR C 237 -10.38 -9.54 -5.56
CA TYR C 237 -9.44 -10.52 -4.98
C TYR C 237 -9.00 -11.50 -6.08
N LEU C 238 -9.96 -12.11 -6.76
CA LEU C 238 -9.72 -13.21 -7.75
C LEU C 238 -9.07 -12.67 -9.02
N LEU C 239 -9.39 -11.45 -9.43
CA LEU C 239 -8.83 -10.86 -10.68
C LEU C 239 -7.42 -10.28 -10.43
N SER C 240 -7.15 -9.76 -9.22
CA SER C 240 -5.85 -9.16 -8.82
C SER C 240 -4.86 -10.29 -8.50
N ASP C 241 -3.63 -9.96 -8.09
CA ASP C 241 -2.60 -10.98 -7.75
C ASP C 241 -2.70 -11.34 -6.26
N LEU C 242 -3.68 -10.78 -5.55
CA LEU C 242 -3.98 -11.15 -4.14
C LEU C 242 -4.30 -12.65 -4.07
N SER C 243 -4.97 -13.17 -5.11
CA SER C 243 -5.42 -14.58 -5.23
C SER C 243 -4.40 -15.42 -5.99
N SER C 244 -3.13 -15.01 -6.06
CA SER C 244 -2.06 -15.82 -6.72
C SER C 244 -2.02 -17.16 -5.98
N GLY C 245 -1.89 -18.27 -6.73
CA GLY C 245 -1.90 -19.62 -6.14
C GLY C 245 -3.30 -20.20 -5.97
N VAL C 246 -4.36 -19.41 -6.22
CA VAL C 246 -5.77 -19.86 -6.21
C VAL C 246 -6.24 -20.03 -7.66
N THR C 247 -6.58 -21.27 -8.06
CA THR C 247 -7.17 -21.57 -9.39
C THR C 247 -8.03 -22.83 -9.25
N GLY C 248 -9.06 -22.97 -10.08
CA GLY C 248 -10.02 -24.09 -10.00
C GLY C 248 -10.86 -24.00 -8.74
N GLU C 249 -10.98 -22.81 -8.16
CA GLU C 249 -11.67 -22.61 -6.87
C GLU C 249 -13.06 -22.03 -7.14
N ASN C 250 -13.99 -22.30 -6.22
CA ASN C 250 -15.38 -21.78 -6.23
C ASN C 250 -15.62 -21.10 -4.88
N ILE C 251 -15.57 -19.78 -4.84
CA ILE C 251 -15.78 -18.99 -3.59
C ILE C 251 -17.27 -18.62 -3.47
N HIS C 252 -17.90 -19.06 -2.38
CA HIS C 252 -19.31 -18.76 -2.06
C HIS C 252 -19.36 -17.39 -1.39
N VAL C 253 -19.97 -16.43 -2.08
CA VAL C 253 -20.32 -15.07 -1.55
C VAL C 253 -21.84 -15.08 -1.33
N ASP C 254 -22.27 -15.63 -0.20
CA ASP C 254 -23.67 -16.06 0.03
C ASP C 254 -24.00 -16.12 1.53
N SER C 255 -23.29 -15.34 2.36
CA SER C 255 -23.57 -15.19 3.80
C SER C 255 -23.46 -16.53 4.53
N GLY C 256 -22.76 -17.52 3.95
CA GLY C 256 -22.45 -18.81 4.59
C GLY C 256 -23.49 -19.88 4.30
N PHE C 257 -24.47 -19.60 3.43
CA PHE C 257 -25.64 -20.49 3.17
C PHE C 257 -25.16 -21.87 2.69
N HIS C 258 -24.12 -21.91 1.87
CA HIS C 258 -23.53 -23.16 1.28
C HIS C 258 -23.05 -24.12 2.38
N ALA C 259 -22.67 -23.61 3.56
CA ALA C 259 -22.04 -24.38 4.66
C ALA C 259 -23.09 -25.02 5.58
N ILE C 260 -24.38 -24.66 5.45
CA ILE C 260 -25.43 -25.14 6.41
C ILE C 260 -26.41 -26.06 5.71
N LYS C 261 -27.20 -26.79 6.51
CA LYS C 261 -28.26 -27.71 6.05
C LYS C 261 -29.23 -28.01 7.20
N MET D 4 -38.48 -56.89 4.18
CA MET D 4 -37.77 -58.11 3.74
C MET D 4 -36.68 -57.73 2.73
N ALA D 5 -35.42 -58.04 3.06
CA ALA D 5 -34.21 -57.73 2.26
C ALA D 5 -33.89 -58.87 1.30
N SER D 6 -33.98 -58.62 0.00
CA SER D 6 -33.98 -59.67 -1.05
C SER D 6 -33.30 -59.15 -2.32
N LEU D 7 -32.47 -60.00 -2.93
CA LEU D 7 -31.86 -59.77 -4.26
C LEU D 7 -32.43 -60.77 -5.27
N ASN D 8 -33.67 -61.24 -5.04
CA ASN D 8 -34.41 -62.11 -5.99
C ASN D 8 -35.23 -61.23 -6.94
N LEU D 9 -34.78 -61.11 -8.18
CA LEU D 9 -35.35 -60.17 -9.20
C LEU D 9 -36.22 -60.90 -10.22
N GLU D 10 -36.80 -62.05 -9.87
CA GLU D 10 -37.93 -62.67 -10.63
C GLU D 10 -39.10 -61.67 -10.55
N ASN D 11 -39.94 -61.62 -11.58
CA ASN D 11 -41.10 -60.69 -11.65
C ASN D 11 -40.65 -59.22 -11.72
N LYS D 12 -39.37 -58.97 -12.03
CA LYS D 12 -38.82 -57.60 -12.25
C LYS D 12 -38.36 -57.49 -13.70
N THR D 13 -38.66 -56.37 -14.36
CA THR D 13 -38.22 -56.07 -15.74
C THR D 13 -37.40 -54.78 -15.75
N TYR D 14 -36.23 -54.81 -16.40
CA TYR D 14 -35.24 -53.72 -16.45
C TYR D 14 -34.85 -53.46 -17.90
N VAL D 15 -34.95 -52.22 -18.36
CA VAL D 15 -34.39 -51.76 -19.66
C VAL D 15 -32.90 -51.49 -19.45
N ILE D 16 -32.04 -51.99 -20.34
CA ILE D 16 -30.57 -51.79 -20.29
C ILE D 16 -30.11 -51.16 -21.59
N MET D 17 -29.72 -49.90 -21.54
CA MET D 17 -29.30 -49.09 -22.72
C MET D 17 -27.78 -49.03 -22.76
N GLY D 18 -27.16 -49.37 -23.87
CA GLY D 18 -25.73 -49.10 -24.13
C GLY D 18 -24.86 -50.35 -24.15
N ILE D 19 -25.41 -51.52 -24.48
CA ILE D 19 -24.57 -52.70 -24.84
C ILE D 19 -24.12 -52.54 -26.31
N ALA D 20 -22.83 -52.76 -26.56
CA ALA D 20 -22.17 -52.67 -27.87
C ALA D 20 -21.35 -53.95 -28.16
N ASN D 21 -20.75 -54.56 -27.12
CA ASN D 21 -19.97 -55.81 -27.23
C ASN D 21 -19.86 -56.47 -25.85
N LYS D 22 -19.12 -57.56 -25.75
CA LYS D 22 -19.01 -58.39 -24.51
C LYS D 22 -18.26 -57.59 -23.42
N ARG D 23 -17.52 -56.55 -23.79
CA ARG D 23 -16.68 -55.77 -22.85
C ARG D 23 -17.48 -54.59 -22.27
N SER D 24 -18.62 -54.23 -22.86
CA SER D 24 -19.52 -53.14 -22.40
C SER D 24 -19.84 -53.30 -20.91
N ILE D 25 -19.78 -52.20 -20.16
CA ILE D 25 -20.17 -52.16 -18.71
C ILE D 25 -21.62 -52.64 -18.60
N ALA D 26 -22.50 -52.16 -19.48
CA ALA D 26 -23.94 -52.52 -19.49
C ALA D 26 -24.11 -54.04 -19.63
N PHE D 27 -23.17 -54.74 -20.24
CA PHE D 27 -23.20 -56.21 -20.38
C PHE D 27 -22.92 -56.87 -19.02
N GLY D 28 -21.88 -56.38 -18.31
CA GLY D 28 -21.65 -56.69 -16.88
C GLY D 28 -22.94 -56.56 -16.09
N VAL D 29 -23.67 -55.45 -16.25
CA VAL D 29 -24.96 -55.21 -15.55
C VAL D 29 -25.93 -56.33 -15.93
N ALA D 30 -26.02 -56.64 -17.22
CA ALA D 30 -26.97 -57.64 -17.78
C ALA D 30 -26.69 -59.03 -17.21
N LYS D 31 -25.44 -59.51 -17.28
CA LYS D 31 -25.02 -60.82 -16.72
C LYS D 31 -25.54 -60.94 -15.28
N VAL D 32 -25.31 -59.91 -14.45
CA VAL D 32 -25.63 -59.92 -13.00
C VAL D 32 -27.15 -59.98 -12.82
N LEU D 33 -27.90 -59.11 -13.51
CA LEU D 33 -29.37 -59.01 -13.36
C LEU D 33 -30.02 -60.32 -13.83
N ASP D 34 -29.46 -60.90 -14.90
CA ASP D 34 -29.87 -62.22 -15.47
C ASP D 34 -29.76 -63.30 -14.39
N GLN D 35 -28.56 -63.50 -13.80
CA GLN D 35 -28.30 -64.50 -12.73
C GLN D 35 -29.31 -64.34 -11.57
N LEU D 36 -29.85 -63.14 -11.36
CA LEU D 36 -30.81 -62.86 -10.25
C LEU D 36 -32.25 -63.04 -10.75
N GLY D 37 -32.41 -63.39 -12.03
CA GLY D 37 -33.67 -63.88 -12.62
C GLY D 37 -34.59 -62.75 -13.06
N ALA D 38 -34.03 -61.69 -13.63
CA ALA D 38 -34.80 -60.51 -14.10
C ALA D 38 -35.09 -60.67 -15.59
N LYS D 39 -36.24 -60.16 -16.04
CA LYS D 39 -36.56 -59.99 -17.48
C LYS D 39 -35.84 -58.73 -17.96
N LEU D 40 -35.03 -58.85 -19.01
CA LEU D 40 -34.19 -57.75 -19.54
C LEU D 40 -34.64 -57.34 -20.94
N VAL D 41 -34.95 -56.06 -21.10
CA VAL D 41 -35.12 -55.35 -22.40
C VAL D 41 -33.80 -54.64 -22.70
N PHE D 42 -33.34 -54.65 -23.94
CA PHE D 42 -32.03 -54.10 -24.39
C PHE D 42 -32.27 -53.01 -25.45
N THR D 43 -31.38 -52.02 -25.53
CA THR D 43 -31.39 -50.96 -26.56
C THR D 43 -29.97 -50.79 -27.12
N TYR D 44 -29.89 -50.35 -28.37
CA TYR D 44 -28.65 -50.23 -29.19
C TYR D 44 -28.86 -49.10 -30.20
N ARG D 45 -27.78 -48.52 -30.75
CA ARG D 45 -27.85 -47.50 -31.83
C ARG D 45 -27.45 -48.15 -33.16
N LYS D 46 -26.18 -48.54 -33.31
CA LYS D 46 -25.61 -49.09 -34.56
C LYS D 46 -26.15 -50.52 -34.77
N GLU D 47 -26.14 -51.00 -36.02
CA GLU D 47 -26.56 -52.37 -36.40
C GLU D 47 -25.49 -53.37 -35.92
N ARG D 48 -24.21 -52.98 -35.94
CA ARG D 48 -23.08 -53.79 -35.40
C ARG D 48 -23.40 -54.25 -33.97
N SER D 49 -24.07 -53.40 -33.19
CA SER D 49 -24.44 -53.65 -31.77
C SER D 49 -25.59 -54.66 -31.68
N ARG D 50 -26.50 -54.68 -32.66
CA ARG D 50 -27.65 -55.63 -32.73
C ARG D 50 -27.10 -57.04 -32.97
N LYS D 51 -26.22 -57.20 -33.95
CA LYS D 51 -25.58 -58.50 -34.28
C LYS D 51 -24.91 -59.03 -32.99
N GLU D 52 -24.11 -58.19 -32.32
CA GLU D 52 -23.39 -58.54 -31.08
C GLU D 52 -24.36 -58.93 -29.97
N LEU D 53 -25.48 -58.19 -29.85
CA LEU D 53 -26.49 -58.42 -28.79
C LEU D 53 -27.12 -59.80 -28.95
N GLU D 54 -27.54 -60.14 -30.17
CA GLU D 54 -28.21 -61.43 -30.49
C GLU D 54 -27.26 -62.58 -30.16
N LYS D 55 -25.98 -62.47 -30.56
CA LYS D 55 -24.90 -63.46 -30.23
C LYS D 55 -24.77 -63.61 -28.70
N LEU D 56 -24.87 -62.50 -27.95
CA LEU D 56 -24.57 -62.46 -26.50
C LEU D 56 -25.75 -62.99 -25.69
N LEU D 57 -27.00 -62.82 -26.16
CA LEU D 57 -28.21 -63.33 -25.49
C LEU D 57 -28.13 -64.85 -25.26
N GLU D 58 -27.34 -65.58 -26.06
CA GLU D 58 -27.12 -67.04 -25.93
C GLU D 58 -26.42 -67.33 -24.60
N GLN D 59 -25.56 -66.41 -24.13
CA GLN D 59 -24.82 -66.49 -22.83
C GLN D 59 -25.79 -66.28 -21.65
N LEU D 60 -26.94 -65.64 -21.87
CA LEU D 60 -27.95 -65.33 -20.81
C LEU D 60 -29.06 -66.38 -20.82
N ASN D 61 -29.88 -66.37 -19.77
CA ASN D 61 -31.06 -67.24 -19.58
C ASN D 61 -32.33 -66.40 -19.83
N GLN D 62 -32.33 -65.62 -20.91
CA GLN D 62 -33.49 -64.78 -21.31
C GLN D 62 -34.33 -65.58 -22.31
N PRO D 63 -35.56 -66.02 -21.93
CA PRO D 63 -36.38 -66.83 -22.82
C PRO D 63 -36.70 -66.03 -24.09
N GLU D 64 -37.28 -64.84 -23.93
CA GLU D 64 -37.72 -63.96 -25.05
C GLU D 64 -36.72 -62.80 -25.18
N ALA D 65 -36.10 -62.67 -26.35
CA ALA D 65 -35.23 -61.53 -26.73
C ALA D 65 -36.12 -60.33 -27.06
N HIS D 66 -35.96 -59.20 -26.37
CA HIS D 66 -36.58 -57.90 -26.73
C HIS D 66 -35.47 -56.87 -26.98
N LEU D 67 -35.13 -56.64 -28.25
CA LEU D 67 -34.15 -55.63 -28.71
C LEU D 67 -34.90 -54.47 -29.39
N TYR D 68 -34.52 -53.24 -29.08
CA TYR D 68 -35.08 -52.00 -29.68
C TYR D 68 -33.93 -51.07 -30.05
N GLN D 69 -33.89 -50.62 -31.30
CA GLN D 69 -32.93 -49.60 -31.77
C GLN D 69 -33.39 -48.23 -31.25
N ILE D 70 -32.59 -47.59 -30.38
CA ILE D 70 -32.82 -46.19 -29.92
C ILE D 70 -31.49 -45.44 -30.01
N ASP D 71 -31.43 -44.44 -30.89
CA ASP D 71 -30.42 -43.35 -30.88
C ASP D 71 -31.00 -42.23 -30.00
N VAL D 72 -30.37 -41.97 -28.85
CA VAL D 72 -30.84 -41.01 -27.82
C VAL D 72 -30.74 -39.57 -28.35
N GLN D 73 -30.10 -39.33 -29.51
CA GLN D 73 -30.04 -38.02 -30.20
C GLN D 73 -31.43 -37.63 -30.75
N SER D 74 -32.34 -38.60 -30.93
CA SER D 74 -33.68 -38.42 -31.55
C SER D 74 -34.80 -38.55 -30.51
N ASP D 75 -35.55 -37.48 -30.26
CA ASP D 75 -36.75 -37.50 -29.38
C ASP D 75 -37.68 -38.64 -29.84
N GLU D 76 -37.87 -38.81 -31.16
CA GLU D 76 -38.84 -39.78 -31.73
C GLU D 76 -38.39 -41.21 -31.41
N GLU D 77 -37.15 -41.57 -31.72
CA GLU D 77 -36.62 -42.94 -31.47
C GLU D 77 -36.76 -43.31 -29.98
N VAL D 78 -36.61 -42.32 -29.07
CA VAL D 78 -36.68 -42.52 -27.59
C VAL D 78 -38.15 -42.64 -27.18
N ILE D 79 -39.01 -41.69 -27.59
CA ILE D 79 -40.45 -41.69 -27.25
C ILE D 79 -41.11 -42.97 -27.78
N ASN D 80 -40.81 -43.34 -29.04
CA ASN D 80 -41.43 -44.49 -29.75
C ASN D 80 -40.90 -45.80 -29.13
N GLY D 81 -39.57 -45.92 -28.96
CA GLY D 81 -38.93 -47.09 -28.34
C GLY D 81 -39.59 -47.47 -27.02
N PHE D 82 -39.87 -46.48 -26.15
CA PHE D 82 -40.36 -46.73 -24.78
C PHE D 82 -41.87 -46.99 -24.85
N GLU D 83 -42.60 -46.31 -25.74
CA GLU D 83 -44.04 -46.61 -26.02
C GLU D 83 -44.16 -48.08 -26.45
N GLN D 84 -43.26 -48.55 -27.31
CA GLN D 84 -43.25 -49.93 -27.89
C GLN D 84 -42.94 -50.95 -26.79
N ILE D 85 -41.94 -50.68 -25.95
CA ILE D 85 -41.56 -51.54 -24.78
C ILE D 85 -42.77 -51.69 -23.85
N GLY D 86 -43.52 -50.61 -23.63
CA GLY D 86 -44.76 -50.61 -22.82
C GLY D 86 -45.79 -51.58 -23.33
N LYS D 87 -45.91 -51.70 -24.66
CA LYS D 87 -46.86 -52.62 -25.34
C LYS D 87 -46.32 -54.06 -25.28
N ASP D 88 -45.06 -54.27 -25.69
CA ASP D 88 -44.43 -55.61 -25.85
C ASP D 88 -44.26 -56.31 -24.48
N VAL D 89 -43.76 -55.62 -23.44
CA VAL D 89 -43.42 -56.24 -22.13
C VAL D 89 -44.26 -55.63 -20.98
N GLY D 90 -44.93 -54.51 -21.20
CA GLY D 90 -45.73 -53.85 -20.14
C GLY D 90 -44.87 -52.95 -19.28
N ASN D 91 -45.26 -52.79 -18.01
CA ASN D 91 -44.59 -51.90 -17.02
C ASN D 91 -43.23 -52.48 -16.63
N ILE D 92 -42.26 -51.59 -16.36
CA ILE D 92 -40.85 -51.95 -16.00
C ILE D 92 -40.57 -51.47 -14.57
N ASP D 93 -39.47 -51.95 -13.97
CA ASP D 93 -39.08 -51.60 -12.58
C ASP D 93 -37.87 -50.64 -12.58
N GLY D 94 -37.15 -50.50 -13.70
CA GLY D 94 -36.05 -49.54 -13.79
C GLY D 94 -35.36 -49.52 -15.14
N VAL D 95 -34.40 -48.59 -15.27
CA VAL D 95 -33.56 -48.38 -16.49
C VAL D 95 -32.10 -48.26 -16.05
N TYR D 96 -31.20 -49.01 -16.67
CA TYR D 96 -29.74 -48.77 -16.58
C TYR D 96 -29.27 -48.05 -17.84
N HIS D 97 -28.75 -46.84 -17.67
CA HIS D 97 -28.22 -45.95 -18.72
C HIS D 97 -26.69 -46.08 -18.75
N SER D 98 -26.13 -46.60 -19.83
CA SER D 98 -24.67 -46.78 -20.01
C SER D 98 -24.24 -46.16 -21.34
N ILE D 99 -24.64 -44.91 -21.59
CA ILE D 99 -24.46 -44.22 -22.90
C ILE D 99 -23.65 -42.95 -22.70
N ALA D 100 -22.58 -42.80 -23.48
CA ALA D 100 -21.75 -41.57 -23.57
C ALA D 100 -21.04 -41.53 -24.92
N PHE D 101 -20.72 -40.33 -25.39
CA PHE D 101 -19.93 -40.12 -26.63
C PHE D 101 -19.37 -38.68 -26.67
N ALA D 102 -18.14 -38.55 -27.16
CA ALA D 102 -17.56 -37.28 -27.64
C ALA D 102 -16.63 -37.54 -28.83
N ASN D 103 -16.41 -36.52 -29.66
CA ASN D 103 -15.48 -36.57 -30.82
C ASN D 103 -14.06 -36.75 -30.31
N MET D 104 -13.34 -37.77 -30.81
CA MET D 104 -11.91 -38.01 -30.51
C MET D 104 -11.11 -36.72 -30.70
N GLU D 105 -11.50 -35.88 -31.67
CA GLU D 105 -10.88 -34.55 -31.96
C GLU D 105 -10.76 -33.76 -30.64
N ASP D 106 -11.88 -33.64 -29.93
CA ASP D 106 -12.06 -32.79 -28.72
C ASP D 106 -11.37 -33.43 -27.51
N LEU D 107 -11.25 -34.76 -27.48
CA LEU D 107 -10.63 -35.54 -26.36
C LEU D 107 -9.10 -35.51 -26.42
N ARG D 108 -8.50 -35.20 -27.58
CA ARG D 108 -7.01 -35.14 -27.72
C ARG D 108 -6.57 -33.70 -27.45
N GLY D 109 -7.26 -32.74 -28.08
CA GLY D 109 -7.02 -31.29 -27.94
C GLY D 109 -6.91 -30.86 -26.49
N ARG D 110 -6.18 -29.77 -26.25
CA ARG D 110 -6.35 -28.90 -25.05
C ARG D 110 -7.83 -28.56 -24.88
N PHE D 111 -8.37 -28.65 -23.67
CA PHE D 111 -9.83 -28.46 -23.42
C PHE D 111 -10.29 -27.11 -23.98
N SER D 112 -9.45 -26.06 -23.88
CA SER D 112 -9.79 -24.68 -24.31
C SER D 112 -9.98 -24.62 -25.83
N GLU D 113 -9.46 -25.59 -26.58
CA GLU D 113 -9.61 -25.68 -28.06
C GLU D 113 -10.96 -26.32 -28.45
N THR D 114 -11.71 -26.89 -27.51
CA THR D 114 -12.97 -27.64 -27.76
C THR D 114 -13.92 -26.80 -28.64
N SER D 115 -14.51 -27.44 -29.64
CA SER D 115 -15.52 -26.82 -30.55
C SER D 115 -16.89 -26.80 -29.87
N ARG D 116 -17.67 -25.76 -30.15
CA ARG D 116 -19.09 -25.64 -29.72
C ARG D 116 -19.87 -26.91 -30.13
N GLU D 117 -19.59 -27.47 -31.31
CA GLU D 117 -20.32 -28.65 -31.84
C GLU D 117 -19.93 -29.87 -30.99
N GLY D 118 -18.64 -30.07 -30.77
CA GLY D 118 -18.11 -31.20 -29.97
C GLY D 118 -18.60 -31.19 -28.53
N PHE D 119 -18.72 -30.00 -27.96
CA PHE D 119 -19.19 -29.75 -26.56
C PHE D 119 -20.66 -30.10 -26.44
N LEU D 120 -21.52 -29.48 -27.26
CA LEU D 120 -23.00 -29.68 -27.21
C LEU D 120 -23.34 -31.13 -27.61
N LEU D 121 -22.51 -31.77 -28.43
CA LEU D 121 -22.73 -33.18 -28.84
C LEU D 121 -22.58 -34.08 -27.61
N ALA D 122 -21.45 -33.94 -26.91
CA ALA D 122 -21.12 -34.65 -25.65
C ALA D 122 -22.24 -34.46 -24.62
N GLN D 123 -22.73 -33.22 -24.43
CA GLN D 123 -23.84 -32.90 -23.51
C GLN D 123 -25.10 -33.68 -23.93
N ASP D 124 -25.42 -33.66 -25.24
CA ASP D 124 -26.67 -34.23 -25.81
C ASP D 124 -26.73 -35.74 -25.49
N ILE D 125 -25.71 -36.48 -25.89
CA ILE D 125 -25.68 -37.97 -25.78
C ILE D 125 -25.41 -38.38 -24.33
N SER D 126 -24.49 -37.71 -23.64
CA SER D 126 -23.90 -38.18 -22.36
C SER D 126 -24.71 -37.73 -21.14
N SER D 127 -25.53 -36.69 -21.27
CA SER D 127 -26.30 -36.04 -20.17
C SER D 127 -27.79 -35.92 -20.52
N TYR D 128 -28.17 -35.13 -21.53
CA TYR D 128 -29.62 -34.90 -21.84
C TYR D 128 -30.35 -36.24 -22.07
N SER D 129 -29.68 -37.20 -22.71
CA SER D 129 -30.25 -38.55 -22.98
C SER D 129 -30.93 -39.09 -21.72
N LEU D 130 -30.30 -38.94 -20.56
CA LEU D 130 -30.87 -39.42 -19.26
C LEU D 130 -32.18 -38.69 -18.97
N THR D 131 -32.26 -37.38 -19.21
CA THR D 131 -33.47 -36.56 -18.93
C THR D 131 -34.66 -37.10 -19.74
N ILE D 132 -34.51 -37.26 -21.05
CA ILE D 132 -35.61 -37.69 -21.95
C ILE D 132 -35.94 -39.16 -21.65
N VAL D 133 -34.94 -40.03 -21.55
CA VAL D 133 -35.14 -41.46 -21.15
C VAL D 133 -35.98 -41.52 -19.87
N ALA D 134 -35.67 -40.71 -18.87
CA ALA D 134 -36.37 -40.68 -17.57
C ALA D 134 -37.84 -40.28 -17.77
N HIS D 135 -38.11 -39.26 -18.59
CA HIS D 135 -39.47 -38.73 -18.87
C HIS D 135 -40.36 -39.84 -19.44
N GLU D 136 -39.79 -40.63 -20.36
CA GLU D 136 -40.53 -41.68 -21.10
C GLU D 136 -40.70 -42.91 -20.21
N ALA D 137 -39.62 -43.39 -19.58
CA ALA D 137 -39.61 -44.59 -18.72
C ALA D 137 -40.59 -44.39 -17.54
N LYS D 138 -40.73 -43.15 -17.06
CA LYS D 138 -41.69 -42.79 -15.98
C LYS D 138 -43.08 -43.32 -16.33
N LYS D 139 -43.49 -43.18 -17.60
CA LYS D 139 -44.81 -43.64 -18.12
C LYS D 139 -45.02 -45.14 -17.83
N LEU D 140 -43.95 -45.94 -17.80
CA LEU D 140 -43.99 -47.42 -17.57
C LEU D 140 -43.70 -47.77 -16.10
N MET D 141 -43.68 -46.80 -15.18
CA MET D 141 -43.31 -47.03 -13.77
C MET D 141 -44.29 -46.28 -12.88
N PRO D 142 -45.60 -46.56 -12.99
CA PRO D 142 -46.60 -45.83 -12.21
C PRO D 142 -46.53 -46.18 -10.73
N GLU D 143 -45.98 -47.37 -10.40
CA GLU D 143 -45.82 -47.87 -9.01
C GLU D 143 -44.50 -47.37 -8.42
N GLY D 144 -43.64 -46.77 -9.24
CA GLY D 144 -42.28 -46.36 -8.86
C GLY D 144 -41.23 -47.25 -9.50
N GLY D 145 -39.95 -46.96 -9.29
CA GLY D 145 -38.83 -47.65 -9.93
C GLY D 145 -37.51 -46.99 -9.61
N SER D 146 -36.46 -47.37 -10.34
CA SER D 146 -35.05 -46.97 -10.09
C SER D 146 -34.37 -46.72 -11.43
N ILE D 147 -33.77 -45.55 -11.62
CA ILE D 147 -32.93 -45.22 -12.81
C ILE D 147 -31.49 -45.04 -12.34
N VAL D 148 -30.55 -45.62 -13.07
CA VAL D 148 -29.10 -45.58 -12.75
C VAL D 148 -28.34 -45.19 -14.02
N ALA D 149 -27.47 -44.20 -13.90
CA ALA D 149 -26.56 -43.74 -14.97
C ALA D 149 -25.13 -44.05 -14.54
N THR D 150 -24.23 -44.15 -15.51
CA THR D 150 -22.81 -44.49 -15.32
C THR D 150 -21.99 -43.22 -15.50
N THR D 151 -21.11 -42.90 -14.55
CA THR D 151 -20.26 -41.69 -14.61
C THR D 151 -18.83 -42.07 -14.27
N TYR D 152 -17.95 -41.07 -14.29
CA TYR D 152 -16.50 -41.22 -14.03
C TYR D 152 -16.07 -40.02 -13.19
N LEU D 153 -15.05 -40.22 -12.36
CA LEU D 153 -14.47 -39.25 -11.40
C LEU D 153 -14.16 -37.93 -12.11
N GLY D 154 -13.98 -37.94 -13.42
CA GLY D 154 -13.68 -36.74 -14.23
C GLY D 154 -14.82 -35.75 -14.21
N GLY D 155 -16.01 -36.16 -13.78
CA GLY D 155 -17.14 -35.26 -13.55
C GLY D 155 -16.92 -34.38 -12.33
N GLU D 156 -16.13 -34.87 -11.38
CA GLU D 156 -15.92 -34.25 -10.04
C GLU D 156 -14.58 -33.49 -10.01
N PHE D 157 -13.56 -33.95 -10.74
CA PHE D 157 -12.20 -33.38 -10.75
C PHE D 157 -11.72 -33.28 -12.20
N ALA D 158 -10.90 -32.28 -12.52
CA ALA D 158 -10.21 -32.19 -13.82
C ALA D 158 -9.16 -33.30 -13.87
N VAL D 159 -9.36 -34.33 -14.70
CA VAL D 159 -8.33 -35.37 -14.99
C VAL D 159 -7.79 -35.13 -16.40
N GLN D 160 -6.49 -35.36 -16.60
CA GLN D 160 -5.78 -35.20 -17.90
C GLN D 160 -6.49 -36.05 -18.95
N ASN D 161 -6.85 -35.43 -20.07
CA ASN D 161 -7.31 -36.05 -21.34
C ASN D 161 -8.83 -36.30 -21.36
N TYR D 162 -9.54 -36.26 -20.22
CA TYR D 162 -11.01 -36.47 -20.19
C TYR D 162 -11.73 -35.25 -20.81
N ASN D 163 -11.13 -34.07 -20.66
CA ASN D 163 -11.57 -32.79 -21.29
C ASN D 163 -13.10 -32.70 -21.37
N VAL D 164 -13.67 -32.66 -22.56
CA VAL D 164 -15.11 -32.33 -22.81
C VAL D 164 -16.01 -33.37 -22.13
N MET D 165 -15.53 -34.60 -21.95
CA MET D 165 -16.35 -35.67 -21.32
C MET D 165 -16.47 -35.40 -19.79
N GLY D 166 -15.46 -34.79 -19.19
CA GLY D 166 -15.53 -34.32 -17.79
C GLY D 166 -16.67 -33.35 -17.57
N VAL D 167 -16.86 -32.40 -18.49
CA VAL D 167 -17.94 -31.38 -18.37
C VAL D 167 -19.28 -32.06 -18.64
N ALA D 168 -19.31 -33.07 -19.52
CA ALA D 168 -20.53 -33.86 -19.78
C ALA D 168 -20.92 -34.65 -18.53
N LYS D 169 -19.94 -35.25 -17.84
CA LYS D 169 -20.21 -36.11 -16.66
C LYS D 169 -20.63 -35.22 -15.47
N ALA D 170 -20.03 -34.04 -15.33
CA ALA D 170 -20.45 -33.05 -14.30
C ALA D 170 -21.93 -32.73 -14.52
N SER D 171 -22.29 -32.54 -15.79
CA SER D 171 -23.68 -32.27 -16.24
C SER D 171 -24.56 -33.48 -15.90
N LEU D 172 -24.10 -34.69 -16.22
CA LEU D 172 -24.86 -35.95 -15.95
C LEU D 172 -25.13 -36.05 -14.44
N GLU D 173 -24.11 -35.78 -13.63
CA GLU D 173 -24.17 -35.99 -12.15
C GLU D 173 -25.17 -35.00 -11.54
N ALA D 174 -25.34 -33.82 -12.14
CA ALA D 174 -26.31 -32.80 -11.68
C ALA D 174 -27.69 -33.20 -12.20
N ASN D 175 -27.74 -33.70 -13.44
CA ASN D 175 -28.95 -34.30 -14.06
C ASN D 175 -29.56 -35.29 -13.06
N VAL D 176 -28.75 -36.22 -12.56
CA VAL D 176 -29.19 -37.27 -11.59
C VAL D 176 -29.84 -36.60 -10.37
N LYS D 177 -29.21 -35.56 -9.83
CA LYS D 177 -29.73 -34.87 -8.61
C LYS D 177 -31.08 -34.23 -8.93
N TYR D 178 -31.18 -33.50 -10.05
CA TYR D 178 -32.41 -32.76 -10.42
C TYR D 178 -33.53 -33.76 -10.79
N LEU D 179 -33.22 -34.87 -11.46
CA LEU D 179 -34.20 -35.94 -11.73
C LEU D 179 -34.66 -36.56 -10.41
N ALA D 180 -33.74 -36.82 -9.49
CA ALA D 180 -34.05 -37.43 -8.18
C ALA D 180 -35.08 -36.56 -7.44
N LEU D 181 -34.93 -35.23 -7.52
CA LEU D 181 -35.81 -34.25 -6.81
C LEU D 181 -37.17 -34.20 -7.50
N ASP D 182 -37.19 -34.25 -8.84
CA ASP D 182 -38.41 -34.18 -9.68
C ASP D 182 -39.24 -35.46 -9.51
N LEU D 183 -38.63 -36.63 -9.70
CA LEU D 183 -39.32 -37.95 -9.79
C LEU D 183 -39.41 -38.64 -8.43
N GLY D 184 -38.86 -38.05 -7.37
CA GLY D 184 -38.91 -38.63 -6.02
C GLY D 184 -40.34 -38.79 -5.55
N PRO D 185 -41.19 -37.74 -5.64
CA PRO D 185 -42.60 -37.84 -5.27
C PRO D 185 -43.38 -38.94 -5.99
N ASP D 186 -42.94 -39.35 -7.18
CA ASP D 186 -43.52 -40.46 -7.98
C ASP D 186 -42.83 -41.78 -7.61
N ASN D 187 -42.12 -41.81 -6.48
CA ASN D 187 -41.39 -43.00 -5.97
C ASN D 187 -40.45 -43.55 -7.05
N ILE D 188 -39.81 -42.68 -7.83
CA ILE D 188 -38.72 -43.06 -8.78
C ILE D 188 -37.40 -42.52 -8.24
N ARG D 189 -36.46 -43.44 -7.96
CA ARG D 189 -35.10 -43.13 -7.46
C ARG D 189 -34.16 -42.99 -8.66
N VAL D 190 -33.26 -42.00 -8.60
CA VAL D 190 -32.26 -41.71 -9.66
C VAL D 190 -30.90 -41.62 -8.96
N ASN D 191 -29.93 -42.41 -9.42
CA ASN D 191 -28.58 -42.51 -8.80
C ASN D 191 -27.57 -42.72 -9.92
N ALA D 192 -26.29 -42.51 -9.62
CA ALA D 192 -25.19 -42.77 -10.56
C ALA D 192 -24.20 -43.76 -9.95
N ILE D 193 -23.53 -44.53 -10.81
CA ILE D 193 -22.32 -45.30 -10.44
C ILE D 193 -21.13 -44.61 -11.11
N SER D 194 -20.14 -44.20 -10.32
CA SER D 194 -18.82 -43.70 -10.79
C SER D 194 -17.90 -44.92 -10.88
N ALA D 195 -17.79 -45.50 -12.07
CA ALA D 195 -16.92 -46.68 -12.33
C ALA D 195 -15.48 -46.22 -12.40
N GLY D 196 -14.55 -46.99 -11.82
CA GLY D 196 -13.12 -46.87 -12.14
C GLY D 196 -12.88 -47.27 -13.60
N PRO D 197 -11.64 -47.15 -14.11
CA PRO D 197 -11.35 -47.44 -15.52
C PRO D 197 -11.47 -48.94 -15.83
N ILE D 198 -12.13 -49.24 -16.96
CA ILE D 198 -12.37 -50.63 -17.47
C ILE D 198 -12.07 -50.66 -18.97
N ARG D 199 -11.36 -51.68 -19.46
CA ARG D 199 -11.07 -51.87 -20.91
C ARG D 199 -12.37 -52.25 -21.63
N THR D 200 -12.90 -51.32 -22.44
CA THR D 200 -14.14 -51.50 -23.24
C THR D 200 -13.91 -50.98 -24.66
N LEU D 201 -14.91 -51.15 -25.53
CA LEU D 201 -14.86 -50.69 -26.94
C LEU D 201 -14.61 -49.18 -26.97
N SER D 202 -15.41 -48.38 -26.25
CA SER D 202 -15.29 -46.90 -26.17
C SER D 202 -13.88 -46.51 -25.68
N ALA D 203 -13.38 -47.19 -24.66
CA ALA D 203 -12.13 -46.84 -23.94
C ALA D 203 -10.89 -47.23 -24.75
N LYS D 204 -10.92 -48.36 -25.46
CA LYS D 204 -9.80 -48.82 -26.32
C LYS D 204 -9.56 -47.77 -27.43
N GLY D 205 -8.33 -47.28 -27.56
CA GLY D 205 -7.93 -46.34 -28.62
C GLY D 205 -7.88 -44.89 -28.14
N VAL D 206 -7.90 -44.67 -26.82
CA VAL D 206 -7.61 -43.34 -26.19
C VAL D 206 -6.23 -43.42 -25.53
N GLY D 207 -5.47 -42.33 -25.58
CA GLY D 207 -4.02 -42.28 -25.26
C GLY D 207 -3.75 -42.60 -23.80
N GLY D 208 -2.76 -43.46 -23.54
CA GLY D 208 -2.21 -43.76 -22.21
C GLY D 208 -3.27 -44.17 -21.20
N PHE D 209 -4.34 -44.83 -21.64
CA PHE D 209 -5.38 -45.44 -20.77
C PHE D 209 -4.74 -46.49 -19.87
N ASN D 210 -3.70 -47.16 -20.37
CA ASN D 210 -2.90 -48.18 -19.62
C ASN D 210 -2.12 -47.52 -18.48
N THR D 211 -1.80 -46.22 -18.60
CA THR D 211 -1.14 -45.42 -17.53
C THR D 211 -2.11 -45.29 -16.35
N ILE D 212 -3.39 -45.01 -16.63
CA ILE D 212 -4.44 -44.79 -15.60
C ILE D 212 -4.72 -46.11 -14.88
N LEU D 213 -4.87 -47.21 -15.61
CA LEU D 213 -5.08 -48.57 -15.03
C LEU D 213 -3.92 -48.91 -14.09
N LYS D 214 -2.69 -48.51 -14.42
CA LYS D 214 -1.48 -48.88 -13.63
C LYS D 214 -1.46 -48.00 -12.37
N GLU D 215 -1.82 -46.72 -12.48
CA GLU D 215 -1.89 -45.76 -11.34
C GLU D 215 -2.93 -46.24 -10.32
N ILE D 216 -4.06 -46.80 -10.78
CA ILE D 216 -5.11 -47.35 -9.88
C ILE D 216 -4.51 -48.51 -9.09
N GLU D 217 -3.91 -49.49 -9.76
CA GLU D 217 -3.28 -50.68 -9.12
C GLU D 217 -2.23 -50.24 -8.08
N GLU D 218 -1.52 -49.14 -8.36
CA GLU D 218 -0.40 -48.66 -7.52
C GLU D 218 -0.93 -47.83 -6.34
N ARG D 219 -1.89 -46.92 -6.55
CA ARG D 219 -2.22 -45.84 -5.56
C ARG D 219 -3.58 -46.03 -4.89
N ALA D 220 -4.54 -46.73 -5.52
CA ALA D 220 -5.90 -46.92 -4.97
C ALA D 220 -5.84 -47.81 -3.74
N PRO D 221 -6.66 -47.54 -2.71
CA PRO D 221 -6.69 -48.36 -1.50
C PRO D 221 -6.67 -49.89 -1.71
N LEU D 222 -7.45 -50.42 -2.66
CA LEU D 222 -7.56 -51.89 -2.86
C LEU D 222 -6.44 -52.38 -3.77
N LYS D 223 -5.57 -51.49 -4.25
CA LYS D 223 -4.39 -51.82 -5.10
C LYS D 223 -4.81 -52.76 -6.23
N ARG D 224 -5.98 -52.52 -6.85
CA ARG D 224 -6.48 -53.34 -7.99
C ARG D 224 -7.50 -52.53 -8.79
N ASN D 225 -7.74 -52.93 -10.03
CA ASN D 225 -8.78 -52.33 -10.90
C ASN D 225 -10.09 -53.06 -10.68
N VAL D 226 -11.19 -52.52 -11.20
CA VAL D 226 -12.54 -53.14 -11.10
C VAL D 226 -12.92 -53.65 -12.49
N ASP D 227 -14.00 -54.43 -12.55
CA ASP D 227 -14.52 -54.98 -13.84
C ASP D 227 -16.01 -54.68 -13.96
N GLN D 228 -16.58 -55.06 -15.10
CA GLN D 228 -17.99 -54.82 -15.50
C GLN D 228 -18.94 -55.46 -14.48
N VAL D 229 -18.58 -56.60 -13.90
CA VAL D 229 -19.48 -57.35 -12.96
C VAL D 229 -19.58 -56.58 -11.64
N GLU D 230 -18.48 -56.01 -11.14
CA GLU D 230 -18.50 -55.22 -9.87
C GLU D 230 -19.46 -54.05 -10.03
N VAL D 231 -19.42 -53.38 -11.18
CA VAL D 231 -20.42 -52.32 -11.52
C VAL D 231 -21.80 -52.98 -11.56
N GLY D 232 -21.91 -54.16 -12.15
CA GLY D 232 -23.16 -54.93 -12.24
C GLY D 232 -23.75 -55.18 -10.86
N LYS D 233 -22.93 -55.64 -9.91
CA LYS D 233 -23.39 -55.97 -8.53
C LYS D 233 -23.98 -54.71 -7.91
N THR D 234 -23.27 -53.57 -7.99
CA THR D 234 -23.74 -52.29 -7.40
C THR D 234 -25.00 -51.82 -8.15
N ALA D 235 -25.06 -52.05 -9.47
CA ALA D 235 -26.27 -51.76 -10.29
C ALA D 235 -27.47 -52.54 -9.74
N ALA D 236 -27.25 -53.80 -9.35
CA ALA D 236 -28.30 -54.67 -8.76
C ALA D 236 -28.83 -54.04 -7.46
N TYR D 237 -27.93 -53.63 -6.56
CA TYR D 237 -28.27 -52.92 -5.30
C TYR D 237 -29.15 -51.72 -5.62
N LEU D 238 -28.71 -50.86 -6.54
CA LEU D 238 -29.38 -49.57 -6.85
C LEU D 238 -30.70 -49.79 -7.60
N LEU D 239 -30.80 -50.83 -8.43
CA LEU D 239 -32.03 -51.10 -9.22
C LEU D 239 -33.08 -51.84 -8.38
N SER D 240 -32.64 -52.68 -7.43
CA SER D 240 -33.53 -53.46 -6.51
C SER D 240 -34.04 -52.56 -5.39
N ASP D 241 -34.82 -53.09 -4.45
CA ASP D 241 -35.36 -52.31 -3.30
C ASP D 241 -34.37 -52.35 -2.13
N LEU D 242 -33.22 -53.00 -2.31
CA LEU D 242 -32.12 -53.01 -1.32
C LEU D 242 -31.69 -51.57 -1.05
N SER D 243 -31.70 -50.73 -2.09
CA SER D 243 -31.27 -49.32 -2.06
C SER D 243 -32.46 -48.39 -1.80
N SER D 244 -33.57 -48.88 -1.24
CA SER D 244 -34.71 -48.00 -0.87
C SER D 244 -34.19 -46.92 0.08
N GLY D 245 -34.63 -45.67 -0.11
CA GLY D 245 -34.15 -44.54 0.72
C GLY D 245 -32.87 -43.91 0.17
N VAL D 246 -32.26 -44.50 -0.87
CA VAL D 246 -31.07 -43.93 -1.57
C VAL D 246 -31.53 -43.32 -2.89
N THR D 247 -31.38 -42.00 -3.06
CA THR D 247 -31.65 -41.30 -4.34
C THR D 247 -30.77 -40.05 -4.39
N GLY D 248 -30.39 -39.60 -5.60
CA GLY D 248 -29.47 -38.47 -5.80
C GLY D 248 -28.07 -38.82 -5.35
N GLU D 249 -27.74 -40.11 -5.28
CA GLU D 249 -26.45 -40.58 -4.74
C GLU D 249 -25.53 -40.96 -5.92
N ASN D 250 -24.22 -40.89 -5.67
CA ASN D 250 -23.15 -41.28 -6.63
C ASN D 250 -22.24 -42.27 -5.90
N ILE D 251 -22.37 -43.56 -6.22
CA ILE D 251 -21.54 -44.65 -5.60
C ILE D 251 -20.29 -44.88 -6.47
N HIS D 252 -19.12 -44.68 -5.88
CA HIS D 252 -17.80 -44.91 -6.52
C HIS D 252 -17.47 -46.40 -6.39
N VAL D 253 -17.46 -47.08 -7.54
CA VAL D 253 -17.01 -48.50 -7.68
C VAL D 253 -15.65 -48.45 -8.37
N ASP D 254 -14.60 -48.19 -7.60
CA ASP D 254 -13.30 -47.68 -8.15
C ASP D 254 -12.13 -47.97 -7.19
N SER D 255 -12.26 -49.00 -6.37
CA SER D 255 -11.18 -49.49 -5.47
C SER D 255 -10.76 -48.42 -4.47
N GLY D 256 -11.59 -47.40 -4.25
CA GLY D 256 -11.37 -46.35 -3.23
C GLY D 256 -10.62 -45.15 -3.75
N PHE D 257 -10.37 -45.09 -5.05
CA PHE D 257 -9.50 -44.05 -5.69
C PHE D 257 -10.06 -42.64 -5.42
N HIS D 258 -11.39 -42.48 -5.43
CA HIS D 258 -12.09 -41.19 -5.21
C HIS D 258 -11.75 -40.59 -3.83
N ALA D 259 -11.42 -41.43 -2.85
CA ALA D 259 -11.24 -41.05 -1.43
C ALA D 259 -9.81 -40.58 -1.15
N ILE D 260 -8.86 -40.78 -2.07
CA ILE D 260 -7.42 -40.50 -1.79
C ILE D 260 -6.92 -39.34 -2.64
N LYS D 261 -5.74 -38.81 -2.31
CA LYS D 261 -5.05 -37.74 -3.07
C LYS D 261 -3.55 -37.76 -2.70
N MET E 4 5.84 2.03 6.47
CA MET E 4 4.77 2.95 6.97
C MET E 4 4.42 4.07 5.97
N ALA E 5 4.78 3.94 4.68
CA ALA E 5 4.55 4.96 3.63
C ALA E 5 3.22 4.68 2.92
N SER E 6 2.24 5.57 3.07
CA SER E 6 0.87 5.36 2.55
C SER E 6 0.27 6.68 2.06
N LEU E 7 -0.36 6.65 0.89
CA LEU E 7 -1.17 7.76 0.33
C LEU E 7 -2.64 7.33 0.28
N ASN E 8 -3.04 6.39 1.14
CA ASN E 8 -4.45 5.95 1.30
C ASN E 8 -5.10 6.81 2.39
N LEU E 9 -5.95 7.77 2.01
CA LEU E 9 -6.51 8.79 2.92
C LEU E 9 -7.96 8.47 3.31
N GLU E 10 -8.39 7.20 3.25
CA GLU E 10 -9.62 6.75 3.94
C GLU E 10 -9.39 6.96 5.45
N ASN E 11 -10.45 7.22 6.21
CA ASN E 11 -10.40 7.48 7.68
C ASN E 11 -9.67 8.80 7.98
N LYS E 12 -9.44 9.65 6.96
CA LYS E 12 -8.83 11.00 7.13
C LYS E 12 -9.86 12.06 6.74
N THR E 13 -9.98 13.11 7.54
CA THR E 13 -10.89 14.26 7.30
C THR E 13 -10.07 15.55 7.22
N TYR E 14 -10.28 16.35 6.16
CA TYR E 14 -9.52 17.59 5.87
C TYR E 14 -10.51 18.73 5.61
N VAL E 15 -10.34 19.84 6.32
CA VAL E 15 -11.03 21.13 6.02
C VAL E 15 -10.29 21.81 4.87
N ILE E 16 -11.00 22.27 3.85
CA ILE E 16 -10.41 22.97 2.67
C ILE E 16 -11.07 24.35 2.54
N MET E 17 -10.32 25.40 2.83
CA MET E 17 -10.80 26.80 2.85
C MET E 17 -10.33 27.48 1.56
N GLY E 18 -11.26 28.11 0.82
CA GLY E 18 -10.93 29.01 -0.30
C GLY E 18 -11.23 28.44 -1.67
N ILE E 19 -12.22 27.54 -1.79
CA ILE E 19 -12.81 27.21 -3.13
C ILE E 19 -13.82 28.30 -3.49
N ALA E 20 -13.75 28.80 -4.72
CA ALA E 20 -14.62 29.86 -5.29
C ALA E 20 -15.19 29.43 -6.64
N ASN E 21 -14.43 28.66 -7.43
CA ASN E 21 -14.87 28.10 -8.74
C ASN E 21 -13.99 26.90 -9.10
N LYS E 22 -14.18 26.33 -10.29
CA LYS E 22 -13.50 25.09 -10.74
C LYS E 22 -12.00 25.37 -10.95
N ARG E 23 -11.60 26.63 -11.10
CA ARG E 23 -10.20 27.03 -11.41
C ARG E 23 -9.41 27.25 -10.11
N SER E 24 -10.08 27.40 -8.96
CA SER E 24 -9.44 27.59 -7.63
C SER E 24 -8.38 26.51 -7.38
N ILE E 25 -7.22 26.92 -6.85
CA ILE E 25 -6.12 26.00 -6.43
C ILE E 25 -6.68 25.01 -5.42
N ALA E 26 -7.46 25.49 -4.45
CA ALA E 26 -8.05 24.64 -3.38
C ALA E 26 -8.92 23.54 -3.99
N PHE E 27 -9.49 23.76 -5.19
CA PHE E 27 -10.31 22.73 -5.88
C PHE E 27 -9.39 21.62 -6.41
N GLY E 28 -8.28 22.00 -7.05
CA GLY E 28 -7.15 21.09 -7.36
C GLY E 28 -6.80 20.23 -6.17
N VAL E 29 -6.64 20.84 -4.99
CA VAL E 29 -6.31 20.10 -3.73
C VAL E 29 -7.44 19.10 -3.46
N ALA E 30 -8.70 19.54 -3.57
CA ALA E 30 -9.91 18.75 -3.25
C ALA E 30 -10.01 17.53 -4.19
N LYS E 31 -9.91 17.73 -5.50
CA LYS E 31 -9.94 16.63 -6.50
C LYS E 31 -8.95 15.54 -6.08
N VAL E 32 -7.72 15.92 -5.74
CA VAL E 32 -6.61 14.96 -5.43
C VAL E 32 -6.95 14.22 -4.13
N LEU E 33 -7.34 14.93 -3.08
CA LEU E 33 -7.60 14.33 -1.75
C LEU E 33 -8.80 13.39 -1.86
N ASP E 34 -9.79 13.78 -2.66
CA ASP E 34 -11.01 12.98 -2.99
C ASP E 34 -10.59 11.63 -3.59
N GLN E 35 -9.85 11.65 -4.71
CA GLN E 35 -9.34 10.44 -5.41
C GLN E 35 -8.62 9.50 -4.44
N LEU E 36 -8.05 10.02 -3.36
CA LEU E 36 -7.29 9.20 -2.37
C LEU E 36 -8.21 8.78 -1.23
N GLY E 37 -9.49 9.18 -1.29
CA GLY E 37 -10.59 8.64 -0.46
C GLY E 37 -10.70 9.35 0.89
N ALA E 38 -10.51 10.66 0.92
CA ALA E 38 -10.59 11.47 2.16
C ALA E 38 -11.99 12.06 2.30
N LYS E 39 -12.46 12.21 3.54
CA LYS E 39 -13.68 12.99 3.88
C LYS E 39 -13.28 14.47 3.88
N LEU E 40 -13.99 15.29 3.10
CA LEU E 40 -13.65 16.72 2.87
C LEU E 40 -14.75 17.63 3.40
N VAL E 41 -14.40 18.54 4.32
CA VAL E 41 -15.20 19.70 4.76
C VAL E 41 -14.72 20.92 3.97
N PHE E 42 -15.63 21.78 3.52
CA PHE E 42 -15.35 22.96 2.66
C PHE E 42 -15.79 24.24 3.37
N THR E 43 -15.12 25.37 3.09
CA THR E 43 -15.49 26.72 3.60
C THR E 43 -15.45 27.71 2.43
N TYR E 44 -16.27 28.76 2.53
CA TYR E 44 -16.52 29.78 1.48
C TYR E 44 -16.90 31.10 2.18
N ARG E 45 -16.77 32.24 1.51
CA ARG E 45 -17.21 33.56 2.05
C ARG E 45 -18.50 33.98 1.34
N LYS E 46 -18.43 34.29 0.04
CA LYS E 46 -19.56 34.79 -0.78
C LYS E 46 -20.56 33.64 -1.02
N GLU E 47 -21.83 33.98 -1.29
CA GLU E 47 -22.90 32.99 -1.63
C GLU E 47 -22.65 32.43 -3.03
N ARG E 48 -22.11 33.24 -3.95
CA ARG E 48 -21.68 32.81 -5.32
C ARG E 48 -20.81 31.56 -5.22
N SER E 49 -19.94 31.49 -4.19
CA SER E 49 -18.99 30.38 -3.95
C SER E 49 -19.73 29.13 -3.45
N ARG E 50 -20.82 29.30 -2.69
CA ARG E 50 -21.65 28.17 -2.18
C ARG E 50 -22.35 27.48 -3.35
N LYS E 51 -22.98 28.26 -4.24
CA LYS E 51 -23.66 27.75 -5.46
C LYS E 51 -22.65 26.92 -6.25
N GLU E 52 -21.46 27.48 -6.50
CA GLU E 52 -20.37 26.84 -7.27
C GLU E 52 -19.93 25.54 -6.57
N LEU E 53 -19.82 25.57 -5.24
CA LEU E 53 -19.33 24.42 -4.43
C LEU E 53 -20.30 23.24 -4.56
N GLU E 54 -21.59 23.50 -4.41
CA GLU E 54 -22.68 22.47 -4.48
C GLU E 54 -22.65 21.81 -5.86
N LYS E 55 -22.55 22.62 -6.93
CA LYS E 55 -22.42 22.14 -8.34
C LYS E 55 -21.19 21.25 -8.49
N LEU E 56 -20.07 21.61 -7.84
CA LEU E 56 -18.74 20.96 -8.03
C LEU E 56 -18.67 19.65 -7.23
N LEU E 57 -19.35 19.53 -6.09
CA LEU E 57 -19.40 18.29 -5.26
C LEU E 57 -19.89 17.09 -6.08
N GLU E 58 -20.66 17.32 -7.15
CA GLU E 58 -21.16 16.26 -8.07
C GLU E 58 -19.98 15.60 -8.78
N GLN E 59 -18.90 16.36 -9.07
CA GLN E 59 -17.64 15.88 -9.69
C GLN E 59 -16.85 15.00 -8.72
N LEU E 60 -17.08 15.13 -7.40
CA LEU E 60 -16.36 14.38 -6.33
C LEU E 60 -17.17 13.18 -5.89
N ASN E 61 -16.54 12.28 -5.13
CA ASN E 61 -17.14 11.07 -4.52
C ASN E 61 -17.34 11.33 -3.02
N GLN E 62 -17.88 12.51 -2.68
CA GLN E 62 -18.18 12.90 -1.28
C GLN E 62 -19.63 12.55 -0.98
N PRO E 63 -19.90 11.53 -0.12
CA PRO E 63 -21.27 11.09 0.12
C PRO E 63 -22.08 12.24 0.72
N GLU E 64 -21.60 12.79 1.84
CA GLU E 64 -22.26 13.90 2.58
C GLU E 64 -21.51 15.21 2.28
N ALA E 65 -22.22 16.20 1.78
CA ALA E 65 -21.74 17.59 1.59
C ALA E 65 -21.73 18.29 2.95
N HIS E 66 -20.58 18.79 3.41
CA HIS E 66 -20.46 19.69 4.58
C HIS E 66 -19.85 21.02 4.13
N LEU E 67 -20.68 22.04 3.91
CA LEU E 67 -20.28 23.42 3.56
C LEU E 67 -20.54 24.33 4.78
N TYR E 68 -19.59 25.21 5.08
CA TYR E 68 -19.69 26.22 6.17
C TYR E 68 -19.21 27.57 5.63
N GLN E 69 -20.04 28.61 5.77
CA GLN E 69 -19.67 29.99 5.43
C GLN E 69 -18.74 30.54 6.52
N ILE E 70 -17.48 30.84 6.17
CA ILE E 70 -16.50 31.52 7.06
C ILE E 70 -15.81 32.63 6.29
N ASP E 71 -16.06 33.88 6.68
CA ASP E 71 -15.26 35.08 6.33
C ASP E 71 -14.18 35.20 7.41
N VAL E 72 -12.92 35.03 7.02
CA VAL E 72 -11.75 34.96 7.96
C VAL E 72 -11.49 36.34 8.59
N GLN E 73 -12.16 37.39 8.12
CA GLN E 73 -12.12 38.77 8.70
C GLN E 73 -12.83 38.82 10.05
N SER E 74 -13.69 37.83 10.37
CA SER E 74 -14.53 37.78 11.59
C SER E 74 -14.07 36.66 12.52
N ASP E 75 -13.59 37.01 13.72
CA ASP E 75 -13.20 36.04 14.77
C ASP E 75 -14.38 35.09 15.03
N GLU E 76 -15.60 35.62 15.05
CA GLU E 76 -16.84 34.85 15.40
C GLU E 76 -17.11 33.80 14.31
N GLU E 77 -17.16 34.19 13.03
CA GLU E 77 -17.43 33.25 11.90
C GLU E 77 -16.40 32.11 11.91
N VAL E 78 -15.15 32.39 12.30
CA VAL E 78 -14.03 31.40 12.32
C VAL E 78 -14.18 30.50 13.54
N ILE E 79 -14.34 31.08 14.74
CA ILE E 79 -14.52 30.31 16.01
C ILE E 79 -15.75 29.41 15.89
N ASN E 80 -16.87 29.96 15.41
CA ASN E 80 -18.19 29.27 15.34
C ASN E 80 -18.13 28.19 14.25
N GLY E 81 -17.64 28.54 13.06
CA GLY E 81 -17.46 27.59 11.94
C GLY E 81 -16.74 26.32 12.36
N PHE E 82 -15.65 26.44 13.12
CA PHE E 82 -14.78 25.30 13.50
C PHE E 82 -15.42 24.54 14.66
N GLU E 83 -16.09 25.25 15.59
CA GLU E 83 -16.90 24.62 16.67
C GLU E 83 -17.97 23.73 16.02
N GLN E 84 -18.64 24.23 14.97
CA GLN E 84 -19.76 23.55 14.24
C GLN E 84 -19.23 22.31 13.50
N ILE E 85 -18.08 22.44 12.81
CA ILE E 85 -17.40 21.31 12.10
C ILE E 85 -17.08 20.20 13.12
N GLY E 86 -16.62 20.57 14.32
CA GLY E 86 -16.31 19.64 15.42
C GLY E 86 -17.52 18.80 15.82
N LYS E 87 -18.72 19.41 15.81
CA LYS E 87 -20.00 18.74 16.15
C LYS E 87 -20.46 17.86 14.97
N ASP E 88 -20.50 18.42 13.76
CA ASP E 88 -21.07 17.77 12.55
C ASP E 88 -20.21 16.58 12.11
N VAL E 89 -18.87 16.70 12.06
CA VAL E 89 -17.96 15.66 11.51
C VAL E 89 -16.99 15.13 12.57
N GLY E 90 -16.85 15.82 13.72
CA GLY E 90 -15.90 15.40 14.77
C GLY E 90 -14.49 15.91 14.50
N ASN E 91 -13.49 15.16 14.96
CA ASN E 91 -12.05 15.51 14.85
C ASN E 91 -11.59 15.42 13.40
N ILE E 92 -10.65 16.29 12.99
CA ILE E 92 -10.08 16.38 11.62
C ILE E 92 -8.58 16.05 11.67
N ASP E 93 -7.96 15.81 10.52
CA ASP E 93 -6.51 15.47 10.41
C ASP E 93 -5.70 16.64 9.85
N GLY E 94 -6.34 17.65 9.26
CA GLY E 94 -5.62 18.84 8.79
C GLY E 94 -6.53 19.88 8.13
N VAL E 95 -5.91 21.01 7.75
CA VAL E 95 -6.58 22.18 7.10
C VAL E 95 -5.71 22.60 5.91
N TYR E 96 -6.31 22.75 4.73
CA TYR E 96 -5.67 23.45 3.58
C TYR E 96 -6.24 24.87 3.49
N HIS E 97 -5.36 25.85 3.65
CA HIS E 97 -5.65 27.31 3.59
C HIS E 97 -5.28 27.83 2.20
N SER E 98 -6.26 28.28 1.41
CA SER E 98 -6.06 28.81 0.05
C SER E 98 -6.75 30.18 -0.05
N ILE E 99 -6.49 31.08 0.89
CA ILE E 99 -7.19 32.38 1.03
C ILE E 99 -6.19 33.52 0.95
N ALA E 100 -6.46 34.48 0.06
CA ALA E 100 -5.71 35.74 -0.08
C ALA E 100 -6.62 36.80 -0.70
N PHE E 101 -6.36 38.08 -0.39
CA PHE E 101 -7.04 39.25 -1.01
C PHE E 101 -6.23 40.52 -0.78
N ALA E 102 -6.22 41.40 -1.79
CA ALA E 102 -5.85 42.82 -1.70
C ALA E 102 -6.69 43.63 -2.69
N ASN E 103 -6.85 44.93 -2.43
CA ASN E 103 -7.57 45.88 -3.32
C ASN E 103 -6.78 46.01 -4.62
N MET E 104 -7.46 45.84 -5.75
CA MET E 104 -6.91 46.05 -7.13
C MET E 104 -6.20 47.42 -7.18
N GLU E 105 -6.73 48.43 -6.47
CA GLU E 105 -6.15 49.80 -6.39
C GLU E 105 -4.66 49.68 -6.02
N ASP E 106 -4.37 48.95 -4.95
CA ASP E 106 -3.02 48.82 -4.32
C ASP E 106 -2.09 47.95 -5.19
N LEU E 107 -2.65 47.03 -5.97
CA LEU E 107 -1.88 46.07 -6.83
C LEU E 107 -1.46 46.72 -8.16
N ARG E 108 -2.09 47.83 -8.57
CA ARG E 108 -1.72 48.55 -9.82
C ARG E 108 -0.70 49.62 -9.48
N GLY E 109 -0.98 50.41 -8.43
CA GLY E 109 -0.12 51.48 -7.92
C GLY E 109 1.31 51.03 -7.74
N ARG E 110 2.24 51.98 -7.82
CA ARG E 110 3.60 51.91 -7.22
C ARG E 110 3.45 51.48 -5.75
N PHE E 111 4.26 50.53 -5.28
CA PHE E 111 4.14 49.97 -3.91
C PHE E 111 4.18 51.09 -2.87
N SER E 112 4.99 52.13 -3.07
CA SER E 112 5.14 53.27 -2.12
C SER E 112 3.84 54.07 -1.97
N GLU E 113 2.92 53.95 -2.93
CA GLU E 113 1.59 54.63 -2.90
C GLU E 113 0.58 53.85 -2.04
N THR E 114 0.88 52.61 -1.64
CA THR E 114 -0.07 51.69 -0.94
C THR E 114 -0.70 52.41 0.26
N SER E 115 -2.00 52.28 0.42
CA SER E 115 -2.79 52.85 1.54
C SER E 115 -2.63 51.95 2.77
N ARG E 116 -2.63 52.56 3.96
CA ARG E 116 -2.64 51.86 5.26
C ARG E 116 -3.81 50.85 5.30
N GLU E 117 -4.96 51.20 4.72
CA GLU E 117 -6.19 50.34 4.77
C GLU E 117 -5.92 49.13 3.87
N GLY E 118 -5.46 49.36 2.64
CA GLY E 118 -5.17 48.29 1.66
C GLY E 118 -4.11 47.31 2.16
N PHE E 119 -3.10 47.82 2.87
CA PHE E 119 -1.96 47.06 3.44
C PHE E 119 -2.47 46.15 4.56
N LEU E 120 -3.11 46.74 5.57
CA LEU E 120 -3.60 45.98 6.76
C LEU E 120 -4.70 45.00 6.35
N LEU E 121 -5.45 45.30 5.29
CA LEU E 121 -6.51 44.39 4.77
C LEU E 121 -5.85 43.11 4.25
N ALA E 122 -4.87 43.27 3.36
CA ALA E 122 -4.05 42.19 2.77
C ALA E 122 -3.44 41.32 3.88
N GLN E 123 -2.84 41.93 4.91
CA GLN E 123 -2.26 41.22 6.08
C GLN E 123 -3.35 40.39 6.77
N ASP E 124 -4.52 41.01 7.02
CA ASP E 124 -5.65 40.41 7.79
C ASP E 124 -6.10 39.11 7.12
N ILE E 125 -6.47 39.19 5.84
CA ILE E 125 -7.06 38.04 5.09
C ILE E 125 -5.96 37.04 4.72
N SER E 126 -4.78 37.51 4.27
CA SER E 126 -3.77 36.69 3.56
C SER E 126 -2.78 36.03 4.54
N SER E 127 -2.66 36.54 5.76
CA SER E 127 -1.68 36.10 6.79
C SER E 127 -2.37 35.79 8.14
N TYR E 128 -2.99 36.78 8.82
CA TYR E 128 -3.56 36.55 10.17
C TYR E 128 -4.58 35.41 10.13
N SER E 129 -5.36 35.31 9.05
CA SER E 129 -6.39 34.25 8.85
C SER E 129 -5.78 32.89 9.23
N LEU E 130 -4.55 32.62 8.81
CA LEU E 130 -3.89 31.32 9.11
C LEU E 130 -3.70 31.16 10.62
N THR E 131 -3.31 32.22 11.34
CA THR E 131 -3.07 32.18 12.80
C THR E 131 -4.36 31.76 13.54
N ILE E 132 -5.48 32.44 13.27
CA ILE E 132 -6.77 32.19 13.98
C ILE E 132 -7.31 30.83 13.55
N VAL E 133 -7.31 30.53 12.25
CA VAL E 133 -7.72 29.18 11.73
C VAL E 133 -6.94 28.09 12.47
N ALA E 134 -5.63 28.25 12.66
CA ALA E 134 -4.74 27.28 13.34
C ALA E 134 -5.18 27.10 14.79
N HIS E 135 -5.47 28.21 15.49
CA HIS E 135 -5.88 28.21 16.93
C HIS E 135 -7.14 27.36 17.13
N GLU E 136 -8.10 27.52 16.21
CA GLU E 136 -9.43 26.87 16.30
C GLU E 136 -9.31 25.41 15.86
N ALA E 137 -8.70 25.15 14.71
CA ALA E 137 -8.53 23.79 14.13
C ALA E 137 -7.77 22.89 15.11
N LYS E 138 -6.83 23.46 15.87
CA LYS E 138 -6.05 22.75 16.92
C LYS E 138 -7.02 21.99 17.85
N LYS E 139 -8.13 22.64 18.23
CA LYS E 139 -9.18 22.08 19.11
C LYS E 139 -9.71 20.74 18.55
N LEU E 140 -9.73 20.57 17.22
CA LEU E 140 -10.24 19.34 16.53
C LEU E 140 -9.10 18.38 16.15
N MET E 141 -7.88 18.59 16.66
CA MET E 141 -6.69 17.78 16.27
C MET E 141 -5.89 17.45 17.52
N PRO E 142 -6.50 16.78 18.52
CA PRO E 142 -5.82 16.52 19.78
C PRO E 142 -4.71 15.47 19.59
N GLU E 143 -4.82 14.62 18.58
CA GLU E 143 -3.84 13.54 18.28
C GLU E 143 -2.79 14.07 17.31
N GLY E 144 -2.94 15.29 16.82
CA GLY E 144 -1.99 15.95 15.90
C GLY E 144 -2.61 16.08 14.51
N GLY E 145 -1.86 16.65 13.56
CA GLY E 145 -2.36 16.93 12.20
C GLY E 145 -1.41 17.80 11.42
N SER E 146 -1.88 18.34 10.29
CA SER E 146 -1.05 19.05 9.28
C SER E 146 -1.84 20.26 8.77
N ILE E 147 -1.25 21.45 8.83
CA ILE E 147 -1.86 22.69 8.25
C ILE E 147 -0.94 23.15 7.12
N VAL E 148 -1.53 23.49 5.97
CA VAL E 148 -0.81 23.91 4.75
C VAL E 148 -1.44 25.20 4.23
N ALA E 149 -0.61 26.22 3.98
CA ALA E 149 -1.02 27.50 3.37
C ALA E 149 -0.36 27.62 2.00
N THR E 150 -0.93 28.43 1.13
CA THR E 150 -0.50 28.63 -0.27
C THR E 150 0.18 29.98 -0.36
N THR E 151 1.39 30.04 -0.92
CA THR E 151 2.17 31.29 -1.04
C THR E 151 2.71 31.40 -2.47
N TYR E 152 3.42 32.47 -2.73
CA TYR E 152 4.01 32.80 -4.05
C TYR E 152 5.41 33.38 -3.79
N LEU E 153 6.30 33.17 -4.75
CA LEU E 153 7.72 33.58 -4.72
C LEU E 153 7.86 35.07 -4.35
N GLY E 154 6.81 35.85 -4.57
CA GLY E 154 6.80 37.30 -4.25
C GLY E 154 6.91 37.56 -2.76
N GLY E 155 6.70 36.54 -1.93
CA GLY E 155 6.97 36.62 -0.48
C GLY E 155 8.46 36.66 -0.19
N GLU E 156 9.28 36.11 -1.09
CA GLU E 156 10.74 35.90 -0.92
C GLU E 156 11.53 36.97 -1.69
N PHE E 157 11.01 37.45 -2.81
CA PHE E 157 11.69 38.42 -3.70
C PHE E 157 10.68 39.48 -4.14
N ALA E 158 11.17 40.69 -4.39
CA ALA E 158 10.37 41.79 -4.97
C ALA E 158 10.05 41.43 -6.42
N VAL E 159 8.79 41.15 -6.72
CA VAL E 159 8.31 40.84 -8.10
C VAL E 159 7.44 42.01 -8.58
N GLN E 160 7.58 42.43 -9.83
CA GLN E 160 6.79 43.56 -10.44
C GLN E 160 5.29 43.23 -10.34
N ASN E 161 4.53 44.17 -9.79
CA ASN E 161 3.03 44.20 -9.73
C ASN E 161 2.47 43.45 -8.52
N TYR E 162 3.23 42.59 -7.83
CA TYR E 162 2.71 41.83 -6.66
C TYR E 162 2.54 42.80 -5.47
N ASN E 163 3.40 43.81 -5.39
CA ASN E 163 3.34 44.93 -4.41
C ASN E 163 2.87 44.42 -3.04
N VAL E 164 1.74 44.90 -2.57
CA VAL E 164 1.25 44.71 -1.16
C VAL E 164 1.06 43.21 -0.87
N MET E 165 0.80 42.39 -1.88
CA MET E 165 0.56 40.94 -1.68
C MET E 165 1.90 40.25 -1.38
N GLY E 166 3.02 40.76 -1.93
CA GLY E 166 4.38 40.30 -1.59
C GLY E 166 4.65 40.43 -0.11
N VAL E 167 4.27 41.57 0.48
CA VAL E 167 4.53 41.82 1.93
C VAL E 167 3.58 40.94 2.75
N ALA E 168 2.38 40.68 2.24
CA ALA E 168 1.41 39.77 2.90
C ALA E 168 1.96 38.34 2.88
N LYS E 169 2.55 37.91 1.77
CA LYS E 169 3.06 36.51 1.61
C LYS E 169 4.33 36.34 2.47
N ALA E 170 5.18 37.36 2.55
CA ALA E 170 6.35 37.34 3.45
C ALA E 170 5.87 37.13 4.88
N SER E 171 4.79 37.84 5.24
CA SER E 171 4.10 37.73 6.55
C SER E 171 3.55 36.31 6.72
N LEU E 172 2.87 35.78 5.73
CA LEU E 172 2.30 34.41 5.77
C LEU E 172 3.42 33.40 6.00
N GLU E 173 4.53 33.54 5.28
CA GLU E 173 5.64 32.54 5.29
C GLU E 173 6.31 32.54 6.68
N ALA E 174 6.31 33.68 7.37
CA ALA E 174 6.86 33.79 8.74
C ALA E 174 5.83 33.23 9.72
N ASN E 175 4.56 33.53 9.47
CA ASN E 175 3.40 32.96 10.20
C ASN E 175 3.59 31.45 10.28
N VAL E 176 3.82 30.79 9.13
CA VAL E 176 3.99 29.32 9.03
C VAL E 176 5.12 28.88 9.97
N LYS E 177 6.26 29.58 9.96
CA LYS E 177 7.42 29.19 10.80
C LYS E 177 7.06 29.31 12.28
N TYR E 178 6.44 30.43 12.69
CA TYR E 178 6.09 30.71 14.11
C TYR E 178 4.99 29.74 14.58
N LEU E 179 4.01 29.42 13.72
CA LEU E 179 2.98 28.40 14.05
C LEU E 179 3.66 27.03 14.18
N ALA E 180 4.57 26.69 13.28
CA ALA E 180 5.28 25.39 13.27
C ALA E 180 5.98 25.21 14.62
N LEU E 181 6.60 26.27 15.15
CA LEU E 181 7.38 26.23 16.41
C LEU E 181 6.42 26.10 17.60
N ASP E 182 5.29 26.80 17.56
CA ASP E 182 4.25 26.83 18.63
C ASP E 182 3.54 25.47 18.71
N LEU E 183 3.02 24.97 17.58
CA LEU E 183 2.11 23.78 17.52
C LEU E 183 2.90 22.48 17.29
N GLY E 184 4.22 22.54 17.13
CA GLY E 184 5.04 21.34 16.95
C GLY E 184 4.90 20.38 18.13
N PRO E 185 5.07 20.87 19.38
CA PRO E 185 4.90 20.02 20.57
C PRO E 185 3.53 19.33 20.67
N ASP E 186 2.49 19.89 20.04
CA ASP E 186 1.13 19.29 19.96
C ASP E 186 1.02 18.38 18.72
N ASN E 187 2.16 18.02 18.13
CA ASN E 187 2.25 17.16 16.93
C ASN E 187 1.38 17.73 15.80
N ILE E 188 1.35 19.06 15.65
CA ILE E 188 0.72 19.74 14.48
C ILE E 188 1.83 20.35 13.62
N ARG E 189 1.92 19.91 12.38
CA ARG E 189 2.90 20.40 11.37
C ARG E 189 2.26 21.54 10.59
N VAL E 190 3.03 22.59 10.31
CA VAL E 190 2.60 23.79 9.54
C VAL E 190 3.64 24.01 8.44
N ASN E 191 3.19 24.06 7.19
CA ASN E 191 4.05 24.17 5.99
C ASN E 191 3.34 25.04 4.96
N ALA E 192 4.07 25.51 3.95
CA ALA E 192 3.52 26.29 2.84
C ALA E 192 3.86 25.62 1.52
N ILE E 193 3.00 25.80 0.53
CA ILE E 193 3.32 25.52 -0.90
C ILE E 193 3.44 26.86 -1.62
N SER E 194 4.60 27.12 -2.24
CA SER E 194 4.85 28.27 -3.14
C SER E 194 4.50 27.79 -4.54
N ALA E 195 3.27 28.09 -4.98
CA ALA E 195 2.76 27.70 -6.31
C ALA E 195 3.36 28.66 -7.34
N GLY E 196 3.76 28.13 -8.51
CA GLY E 196 3.94 28.92 -9.73
C GLY E 196 2.61 29.57 -10.14
N PRO E 197 2.60 30.45 -11.15
CA PRO E 197 1.38 31.14 -11.57
C PRO E 197 0.37 30.19 -12.23
N ILE E 198 -0.89 30.33 -11.84
CA ILE E 198 -2.05 29.51 -12.34
C ILE E 198 -3.22 30.45 -12.66
N ARG E 199 -3.89 30.25 -13.80
CA ARG E 199 -5.08 31.04 -14.21
C ARG E 199 -6.27 30.65 -13.32
N THR E 200 -6.68 31.56 -12.43
CA THR E 200 -7.81 31.38 -11.49
C THR E 200 -8.67 32.64 -11.47
N LEU E 201 -9.79 32.60 -10.74
CA LEU E 201 -10.71 33.75 -10.58
C LEU E 201 -9.95 34.96 -10.03
N SER E 202 -9.23 34.80 -8.90
CA SER E 202 -8.44 35.89 -8.25
C SER E 202 -7.41 36.45 -9.23
N ALA E 203 -6.72 35.59 -9.98
CA ALA E 203 -5.57 35.95 -10.85
C ALA E 203 -6.04 36.63 -12.15
N LYS E 204 -7.16 36.19 -12.73
CA LYS E 204 -7.74 36.79 -13.97
C LYS E 204 -8.09 38.25 -13.68
N GLY E 205 -7.56 39.17 -14.50
CA GLY E 205 -7.89 40.62 -14.43
C GLY E 205 -6.83 41.43 -13.70
N VAL E 206 -5.64 40.87 -13.46
CA VAL E 206 -4.46 41.61 -12.93
C VAL E 206 -3.46 41.78 -14.08
N GLY E 207 -2.74 42.91 -14.13
CA GLY E 207 -1.93 43.35 -15.27
C GLY E 207 -0.78 42.41 -15.58
N GLY E 208 -0.61 42.08 -16.87
CA GLY E 208 0.55 41.36 -17.42
C GLY E 208 0.84 40.04 -16.72
N PHE E 209 -0.19 39.37 -16.18
CA PHE E 209 -0.11 38.00 -15.60
C PHE E 209 0.34 37.04 -16.70
N ASN E 210 -0.06 37.30 -17.95
CA ASN E 210 0.30 36.48 -19.14
C ASN E 210 1.79 36.63 -19.44
N THR E 211 2.42 37.75 -19.04
CA THR E 211 3.89 37.97 -19.16
C THR E 211 4.62 36.98 -18.25
N ILE E 212 4.11 36.79 -17.03
CA ILE E 212 4.76 35.93 -15.99
C ILE E 212 4.63 34.47 -16.44
N LEU E 213 3.44 34.04 -16.90
CA LEU E 213 3.21 32.66 -17.43
C LEU E 213 4.20 32.36 -18.57
N LYS E 214 4.49 33.36 -19.42
CA LYS E 214 5.34 33.16 -20.62
C LYS E 214 6.80 33.07 -20.17
N GLU E 215 7.20 33.90 -19.19
CA GLU E 215 8.58 33.91 -18.62
C GLU E 215 8.88 32.56 -17.97
N ILE E 216 7.89 31.95 -17.30
CA ILE E 216 8.06 30.61 -16.65
C ILE E 216 8.34 29.58 -17.75
N GLU E 217 7.49 29.50 -18.78
CA GLU E 217 7.66 28.52 -19.89
C GLU E 217 9.03 28.70 -20.56
N GLU E 218 9.54 29.94 -20.63
CA GLU E 218 10.79 30.27 -21.34
C GLU E 218 12.01 29.97 -20.44
N ARG E 219 11.98 30.36 -19.15
CA ARG E 219 13.22 30.46 -18.31
C ARG E 219 13.28 29.37 -17.22
N ALA E 220 12.15 28.85 -16.75
CA ALA E 220 12.10 27.85 -15.65
C ALA E 220 12.71 26.55 -16.11
N PRO E 221 13.46 25.83 -15.24
CA PRO E 221 14.06 24.55 -15.59
C PRO E 221 13.17 23.57 -16.38
N LEU E 222 11.91 23.39 -15.99
CA LEU E 222 11.01 22.40 -16.64
C LEU E 222 10.34 23.01 -17.89
N LYS E 223 10.63 24.28 -18.20
CA LYS E 223 10.14 25.01 -19.39
C LYS E 223 8.63 24.79 -19.55
N ARG E 224 7.87 24.82 -18.45
CA ARG E 224 6.39 24.69 -18.47
C ARG E 224 5.80 25.29 -17.20
N ASN E 225 4.52 25.61 -17.22
CA ASN E 225 3.76 26.11 -16.06
C ASN E 225 3.21 24.90 -15.30
N VAL E 226 2.68 25.14 -14.10
CA VAL E 226 2.06 24.09 -13.25
C VAL E 226 0.56 24.34 -13.22
N ASP E 227 -0.20 23.39 -12.67
CA ASP E 227 -1.67 23.45 -12.57
C ASP E 227 -2.09 23.13 -11.14
N GLN E 228 -3.39 23.26 -10.87
CA GLN E 228 -4.01 23.09 -9.54
C GLN E 228 -3.75 21.68 -9.01
N VAL E 229 -3.70 20.67 -9.88
CA VAL E 229 -3.53 19.24 -9.45
C VAL E 229 -2.10 19.03 -8.93
N GLU E 230 -1.08 19.60 -9.58
CA GLU E 230 0.33 19.47 -9.13
C GLU E 230 0.47 20.04 -7.72
N VAL E 231 -0.17 21.18 -7.46
CA VAL E 231 -0.26 21.75 -6.09
C VAL E 231 -1.00 20.73 -5.22
N GLY E 232 -2.08 20.16 -5.74
CA GLY E 232 -2.89 19.14 -5.03
C GLY E 232 -2.05 17.95 -4.60
N LYS E 233 -1.22 17.42 -5.51
CA LYS E 233 -0.37 16.24 -5.22
C LYS E 233 0.57 16.59 -4.06
N THR E 234 1.24 17.74 -4.10
CA THR E 234 2.20 18.17 -3.05
C THR E 234 1.40 18.42 -1.75
N ALA E 235 0.18 18.95 -1.85
CA ALA E 235 -0.74 19.14 -0.71
C ALA E 235 -1.01 17.79 -0.03
N ALA E 236 -1.21 16.74 -0.83
CA ALA E 236 -1.43 15.36 -0.33
C ALA E 236 -0.22 14.90 0.48
N TYR E 237 0.99 15.06 -0.06
CA TYR E 237 2.27 14.74 0.64
C TYR E 237 2.29 15.45 2.00
N LEU E 238 2.06 16.76 2.01
CA LEU E 238 2.20 17.62 3.22
C LEU E 238 1.06 17.35 4.21
N LEU E 239 -0.13 17.01 3.75
CA LEU E 239 -1.29 16.77 4.65
C LEU E 239 -1.26 15.34 5.21
N SER E 240 -0.73 14.36 4.46
CA SER E 240 -0.61 12.93 4.86
C SER E 240 0.58 12.77 5.80
N ASP E 241 0.87 11.55 6.26
CA ASP E 241 2.02 11.27 7.16
C ASP E 241 3.27 10.97 6.34
N LEU E 242 3.18 11.06 5.01
CA LEU E 242 4.34 10.93 4.09
C LEU E 242 5.37 12.00 4.45
N SER E 243 4.90 13.19 4.84
CA SER E 243 5.71 14.38 5.18
C SER E 243 5.97 14.44 6.69
N SER E 244 5.87 13.33 7.42
CA SER E 244 6.21 13.31 8.87
C SER E 244 7.66 13.78 9.01
N GLY E 245 7.95 14.61 10.00
CA GLY E 245 9.29 15.18 10.20
C GLY E 245 9.52 16.47 9.40
N VAL E 246 8.61 16.84 8.50
CA VAL E 246 8.66 18.12 7.73
C VAL E 246 7.68 19.12 8.35
N THR E 247 8.18 20.24 8.86
CA THR E 247 7.38 21.35 9.41
C THR E 247 8.19 22.64 9.24
N GLY E 248 7.54 23.79 9.12
CA GLY E 248 8.19 25.08 8.87
C GLY E 248 8.81 25.14 7.49
N GLU E 249 8.35 24.29 6.57
CA GLU E 249 8.99 24.15 5.24
C GLU E 249 8.12 24.88 4.22
N ASN E 250 8.76 25.32 3.13
CA ASN E 250 8.11 26.01 1.98
C ASN E 250 8.53 25.26 0.72
N ILE E 251 7.63 24.44 0.18
CA ILE E 251 7.90 23.63 -1.05
C ILE E 251 7.46 24.42 -2.27
N HIS E 252 8.40 24.70 -3.17
CA HIS E 252 8.16 25.40 -4.44
C HIS E 252 7.67 24.38 -5.47
N VAL E 253 6.40 24.51 -5.87
CA VAL E 253 5.75 23.74 -6.98
C VAL E 253 5.61 24.72 -8.14
N ASP E 254 6.69 24.93 -8.89
CA ASP E 254 6.87 26.10 -9.78
C ASP E 254 7.88 25.81 -10.90
N SER E 255 8.05 24.54 -11.26
CA SER E 255 8.89 24.12 -12.40
C SER E 255 10.35 24.52 -12.20
N GLY E 256 10.77 24.81 -10.95
CA GLY E 256 12.17 25.09 -10.59
C GLY E 256 12.52 26.57 -10.66
N PHE E 257 11.54 27.43 -10.90
CA PHE E 257 11.75 28.88 -11.16
C PHE E 257 12.47 29.55 -9.98
N HIS E 258 12.13 29.14 -8.75
CA HIS E 258 12.70 29.69 -7.48
C HIS E 258 14.23 29.51 -7.43
N ALA E 259 14.76 28.48 -8.11
CA ALA E 259 16.18 28.07 -8.03
C ALA E 259 17.04 28.83 -9.04
N ILE E 260 16.46 29.58 -9.98
CA ILE E 260 17.25 30.22 -11.08
C ILE E 260 17.24 31.74 -10.95
N LYS E 261 18.11 32.42 -11.71
CA LYS E 261 18.19 33.90 -11.74
C LYS E 261 18.81 34.36 -13.07
N MET F 4 36.02 58.51 -5.55
CA MET F 4 35.81 59.59 -4.51
C MET F 4 35.01 58.97 -3.35
N ALA F 5 35.63 58.02 -2.64
CA ALA F 5 35.02 57.25 -1.53
C ALA F 5 35.26 57.95 -0.20
N SER F 6 34.20 58.42 0.46
CA SER F 6 34.27 59.41 1.56
C SER F 6 33.17 59.14 2.60
N LEU F 7 33.53 59.28 3.86
CA LEU F 7 32.60 59.24 5.02
C LEU F 7 32.54 60.64 5.66
N ASN F 8 32.77 61.68 4.88
CA ASN F 8 32.57 63.09 5.31
C ASN F 8 31.14 63.51 4.97
N LEU F 9 30.28 63.61 5.99
CA LEU F 9 28.82 63.85 5.84
C LEU F 9 28.44 65.30 6.15
N GLU F 10 29.36 66.25 6.01
CA GLU F 10 29.04 67.70 5.94
C GLU F 10 28.21 67.88 4.67
N ASN F 11 27.29 68.85 4.68
CA ASN F 11 26.39 69.13 3.51
C ASN F 11 25.40 67.97 3.28
N LYS F 12 25.25 67.06 4.26
CA LYS F 12 24.25 65.96 4.22
C LYS F 12 23.27 66.18 5.37
N THR F 13 21.97 65.97 5.10
CA THR F 13 20.88 66.06 6.11
C THR F 13 20.14 64.72 6.16
N TYR F 14 19.95 64.18 7.37
CA TYR F 14 19.33 62.85 7.63
C TYR F 14 18.22 63.02 8.67
N VAL F 15 17.03 62.53 8.36
CA VAL F 15 15.91 62.38 9.33
C VAL F 15 16.15 61.09 10.12
N ILE F 16 16.06 61.14 11.44
CA ILE F 16 16.23 59.96 12.34
C ILE F 16 14.98 59.79 13.18
N MET F 17 14.21 58.74 12.90
CA MET F 17 12.91 58.43 13.56
C MET F 17 13.13 57.34 14.60
N GLY F 18 12.71 57.56 15.84
CA GLY F 18 12.65 56.51 16.87
C GLY F 18 13.67 56.64 17.97
N ILE F 19 14.15 57.84 18.27
CA ILE F 19 14.89 58.08 19.55
C ILE F 19 13.85 58.27 20.67
N ALA F 20 14.07 57.59 21.80
CA ALA F 20 13.20 57.59 23.00
C ALA F 20 14.06 57.87 24.25
N ASN F 21 15.30 57.38 24.30
CA ASN F 21 16.25 57.61 25.42
C ASN F 21 17.69 57.37 24.92
N LYS F 22 18.67 57.44 25.81
CA LYS F 22 20.12 57.35 25.47
C LYS F 22 20.45 55.93 24.99
N ARG F 23 19.61 54.94 25.31
CA ARG F 23 19.86 53.50 24.99
C ARG F 23 19.29 53.15 23.61
N SER F 24 18.41 53.98 23.05
CA SER F 24 17.80 53.78 21.70
C SER F 24 18.89 53.52 20.66
N ILE F 25 18.67 52.53 19.78
CA ILE F 25 19.57 52.22 18.64
C ILE F 25 19.73 53.48 17.78
N ALA F 26 18.62 54.17 17.50
CA ALA F 26 18.58 55.39 16.68
C ALA F 26 19.52 56.46 17.26
N PHE F 27 19.75 56.45 18.59
CA PHE F 27 20.67 57.42 19.24
C PHE F 27 22.12 57.06 18.88
N GLY F 28 22.48 55.77 18.97
CA GLY F 28 23.72 55.23 18.41
C GLY F 28 23.94 55.73 16.98
N VAL F 29 22.92 55.65 16.13
CA VAL F 29 22.99 56.13 14.72
C VAL F 29 23.32 57.63 14.74
N ALA F 30 22.63 58.40 15.58
CA ALA F 30 22.74 59.87 15.68
C ALA F 30 24.17 60.27 16.09
N LYS F 31 24.68 59.70 17.19
CA LYS F 31 26.05 59.96 17.68
C LYS F 31 27.03 59.82 16.50
N VAL F 32 26.95 58.73 15.75
CA VAL F 32 27.90 58.39 14.66
C VAL F 32 27.77 59.41 13.53
N LEU F 33 26.55 59.69 13.08
CA LEU F 33 26.30 60.61 11.93
C LEU F 33 26.76 62.02 12.31
N ASP F 34 26.53 62.40 13.57
CA ASP F 34 26.98 63.68 14.18
C ASP F 34 28.50 63.83 14.05
N GLN F 35 29.26 62.88 14.60
CA GLN F 35 30.76 62.83 14.55
C GLN F 35 31.25 63.00 13.10
N LEU F 36 30.47 62.60 12.10
CA LEU F 36 30.86 62.67 10.67
C LEU F 36 30.35 63.98 10.06
N GLY F 37 29.68 64.81 10.86
CA GLY F 37 29.35 66.21 10.55
C GLY F 37 28.08 66.35 9.74
N ALA F 38 27.06 65.57 10.02
CA ALA F 38 25.77 65.60 9.29
C ALA F 38 24.78 66.48 10.05
N LYS F 39 23.90 67.18 9.32
CA LYS F 39 22.74 67.91 9.89
C LYS F 39 21.65 66.87 10.15
N LEU F 40 21.15 66.81 11.38
CA LEU F 40 20.23 65.74 11.84
C LEU F 40 18.87 66.36 12.24
N VAL F 41 17.81 65.90 11.58
CA VAL F 41 16.38 66.11 11.96
C VAL F 41 15.93 64.87 12.73
N PHE F 42 15.18 65.06 13.81
CA PHE F 42 14.72 63.98 14.73
C PHE F 42 13.18 63.93 14.75
N THR F 43 12.61 62.75 14.99
CA THR F 43 11.16 62.53 15.18
C THR F 43 10.93 61.65 16.42
N TYR F 44 9.77 61.83 17.04
CA TYR F 44 9.35 61.20 18.33
C TYR F 44 7.81 61.10 18.32
N ARG F 45 7.22 60.23 19.15
CA ARG F 45 5.74 60.13 19.33
C ARG F 45 5.38 60.76 20.68
N LYS F 46 5.77 60.13 21.79
CA LYS F 46 5.41 60.58 23.17
C LYS F 46 6.17 61.87 23.51
N GLU F 47 5.64 62.65 24.46
CA GLU F 47 6.27 63.91 24.96
C GLU F 47 7.49 63.56 25.81
N ARG F 48 7.44 62.43 26.54
CA ARG F 48 8.58 61.88 27.33
C ARG F 48 9.83 61.82 26.45
N SER F 49 9.66 61.46 25.17
CA SER F 49 10.76 61.30 24.17
C SER F 49 11.30 62.67 23.75
N ARG F 50 10.46 63.71 23.70
CA ARG F 50 10.88 65.10 23.35
C ARG F 50 11.79 65.65 24.44
N LYS F 51 11.39 65.51 25.71
CA LYS F 51 12.18 65.96 26.89
C LYS F 51 13.57 65.30 26.80
N GLU F 52 13.59 63.98 26.60
CA GLU F 52 14.84 63.17 26.51
C GLU F 52 15.68 63.64 25.32
N LEU F 53 15.05 63.94 24.18
CA LEU F 53 15.75 64.35 22.93
C LEU F 53 16.48 65.67 23.15
N GLU F 54 15.79 66.66 23.74
CA GLU F 54 16.35 68.02 24.01
C GLU F 54 17.56 67.89 24.93
N LYS F 55 17.46 67.08 26.00
CA LYS F 55 18.57 66.78 26.94
C LYS F 55 19.75 66.15 26.18
N LEU F 56 19.48 65.27 25.21
CA LEU F 56 20.51 64.46 24.52
C LEU F 56 21.21 65.28 23.42
N LEU F 57 20.54 66.24 22.79
CA LEU F 57 21.15 67.14 21.77
C LEU F 57 22.37 67.88 22.32
N GLU F 58 22.47 68.07 23.63
CA GLU F 58 23.63 68.71 24.32
C GLU F 58 24.88 67.85 24.12
N GLN F 59 24.72 66.53 24.05
CA GLN F 59 25.81 65.54 23.80
C GLN F 59 26.30 65.63 22.34
N LEU F 60 25.49 66.16 21.43
CA LEU F 60 25.80 66.27 19.97
C LEU F 60 26.31 67.68 19.65
N ASN F 61 26.86 67.85 18.45
CA ASN F 61 27.35 69.13 17.89
C ASN F 61 26.36 69.62 16.84
N GLN F 62 25.05 69.58 17.17
CA GLN F 62 23.96 70.06 16.28
C GLN F 62 23.65 71.51 16.62
N PRO F 63 23.99 72.47 15.73
CA PRO F 63 23.83 73.89 16.05
C PRO F 63 22.35 74.19 16.30
N GLU F 64 21.50 73.87 15.32
CA GLU F 64 20.02 74.05 15.40
C GLU F 64 19.38 72.68 15.66
N ALA F 65 18.60 72.57 16.74
CA ALA F 65 17.70 71.45 17.06
C ALA F 65 16.46 71.53 16.15
N HIS F 66 16.19 70.50 15.35
CA HIS F 66 14.92 70.33 14.61
C HIS F 66 14.20 69.05 15.07
N LEU F 67 13.23 69.19 15.97
CA LEU F 67 12.41 68.08 16.52
C LEU F 67 10.99 68.19 15.96
N TYR F 68 10.40 67.08 15.50
CA TYR F 68 9.03 67.00 14.97
C TYR F 68 8.33 65.78 15.59
N GLN F 69 7.16 65.99 16.18
CA GLN F 69 6.30 64.90 16.70
C GLN F 69 5.61 64.22 15.51
N ILE F 70 5.92 62.94 15.27
CA ILE F 70 5.20 62.10 14.25
C ILE F 70 4.87 60.75 14.89
N ASP F 71 3.58 60.48 15.05
CA ASP F 71 3.01 59.13 15.30
C ASP F 71 2.75 58.50 13.92
N VAL F 72 3.48 57.42 13.60
CA VAL F 72 3.45 56.79 12.25
C VAL F 72 2.11 56.08 12.02
N GLN F 73 1.26 55.97 13.06
CA GLN F 73 -0.13 55.42 12.95
C GLN F 73 -1.05 56.38 12.18
N SER F 74 -0.67 57.66 12.06
CA SER F 74 -1.47 58.75 11.43
C SER F 74 -0.87 59.19 10.09
N ASP F 75 -1.56 58.98 8.98
CA ASP F 75 -1.15 59.45 7.63
C ASP F 75 -0.86 60.95 7.71
N GLU F 76 -1.70 61.71 8.43
CA GLU F 76 -1.64 63.20 8.50
C GLU F 76 -0.34 63.61 9.22
N GLU F 77 -0.07 63.09 10.42
CA GLU F 77 1.14 63.44 11.20
C GLU F 77 2.42 63.17 10.37
N VAL F 78 2.40 62.13 9.53
CA VAL F 78 3.56 61.70 8.69
C VAL F 78 3.65 62.63 7.48
N ILE F 79 2.56 62.83 6.74
CA ILE F 79 2.52 63.73 5.54
C ILE F 79 2.92 65.16 5.96
N ASN F 80 2.34 65.66 7.05
CA ASN F 80 2.53 67.05 7.55
C ASN F 80 3.97 67.21 8.09
N GLY F 81 4.41 66.29 8.94
CA GLY F 81 5.77 66.28 9.50
C GLY F 81 6.84 66.43 8.42
N PHE F 82 6.72 65.71 7.31
CA PHE F 82 7.74 65.65 6.24
C PHE F 82 7.60 66.90 5.35
N GLU F 83 6.36 67.37 5.11
CA GLU F 83 6.11 68.67 4.43
C GLU F 83 6.81 69.79 5.21
N GLN F 84 6.70 69.78 6.55
CA GLN F 84 7.25 70.81 7.46
C GLN F 84 8.79 70.76 7.45
N ILE F 85 9.38 69.56 7.51
CA ILE F 85 10.85 69.33 7.42
C ILE F 85 11.37 69.92 6.09
N GLY F 86 10.64 69.71 4.99
CA GLY F 86 10.95 70.26 3.66
C GLY F 86 11.07 71.77 3.67
N LYS F 87 10.21 72.45 4.44
CA LYS F 87 10.18 73.93 4.57
C LYS F 87 11.33 74.38 5.50
N ASP F 88 11.44 73.78 6.69
CA ASP F 88 12.39 74.20 7.77
C ASP F 88 13.84 73.95 7.33
N VAL F 89 14.18 72.79 6.77
CA VAL F 89 15.58 72.38 6.47
C VAL F 89 15.80 72.15 4.96
N GLY F 90 14.74 72.04 4.17
CA GLY F 90 14.86 71.79 2.72
C GLY F 90 15.00 70.31 2.42
N ASN F 91 15.70 69.98 1.33
CA ASN F 91 15.90 68.61 0.82
C ASN F 91 16.83 67.83 1.76
N ILE F 92 16.57 66.52 1.90
CA ILE F 92 17.34 65.59 2.79
C ILE F 92 18.04 64.55 1.93
N ASP F 93 19.00 63.81 2.50
CA ASP F 93 19.79 62.78 1.79
C ASP F 93 19.37 61.37 2.24
N GLY F 94 18.63 61.23 3.34
CA GLY F 94 18.09 59.92 3.75
C GLY F 94 17.31 59.95 5.05
N VAL F 95 16.80 58.78 5.43
CA VAL F 95 15.94 58.55 6.63
C VAL F 95 16.43 57.28 7.31
N TYR F 96 16.70 57.33 8.62
CA TYR F 96 16.87 56.13 9.47
C TYR F 96 15.57 55.86 10.24
N HIS F 97 14.96 54.71 9.99
CA HIS F 97 13.72 54.22 10.62
C HIS F 97 14.09 53.24 11.74
N SER F 98 13.80 53.58 12.98
CA SER F 98 14.08 52.74 14.18
C SER F 98 12.80 52.63 15.01
N ILE F 99 11.68 52.26 14.37
CA ILE F 99 10.32 52.26 14.99
C ILE F 99 9.74 50.85 14.92
N ALA F 100 9.29 50.33 16.06
CA ALA F 100 8.57 49.04 16.20
C ALA F 100 7.75 49.05 17.49
N PHE F 101 6.65 48.31 17.50
CA PHE F 101 5.79 48.12 18.70
C PHE F 101 4.89 46.89 18.52
N ALA F 102 4.70 46.14 19.60
CA ALA F 102 3.62 45.15 19.77
C ALA F 102 3.16 45.13 21.24
N ASN F 103 1.92 44.69 21.48
CA ASN F 103 1.35 44.55 22.85
C ASN F 103 2.12 43.45 23.58
N MET F 104 2.62 43.73 24.78
CA MET F 104 3.27 42.73 25.69
C MET F 104 2.38 41.50 25.82
N GLU F 105 1.05 41.67 25.81
CA GLU F 105 0.06 40.55 25.87
C GLU F 105 0.41 39.50 24.81
N ASP F 106 0.58 39.95 23.56
CA ASP F 106 0.82 39.10 22.36
C ASP F 106 2.23 38.52 22.36
N LEU F 107 3.20 39.19 22.98
CA LEU F 107 4.63 38.77 23.04
C LEU F 107 4.85 37.69 24.12
N ARG F 108 3.96 37.53 25.09
CA ARG F 108 4.09 36.50 26.16
C ARG F 108 3.35 35.24 25.70
N GLY F 109 2.12 35.42 25.20
CA GLY F 109 1.26 34.34 24.70
C GLY F 109 1.99 33.45 23.72
N ARG F 110 1.54 32.20 23.62
CA ARG F 110 1.76 31.31 22.44
C ARG F 110 1.34 32.08 21.19
N PHE F 111 2.14 32.03 20.11
CA PHE F 111 1.91 32.84 18.89
C PHE F 111 0.50 32.57 18.34
N SER F 112 0.00 31.32 18.43
CA SER F 112 -1.34 30.92 17.91
C SER F 112 -2.47 31.64 18.66
N GLU F 113 -2.21 32.16 19.86
CA GLU F 113 -3.20 32.90 20.68
C GLU F 113 -3.28 34.37 20.26
N THR F 114 -2.37 34.86 19.40
CA THR F 114 -2.26 36.29 19.00
C THR F 114 -3.64 36.81 18.55
N SER F 115 -4.00 38.01 19.02
CA SER F 115 -5.25 38.71 18.65
C SER F 115 -5.09 39.39 17.29
N ARG F 116 -6.16 39.44 16.50
CA ARG F 116 -6.22 40.18 15.22
C ARG F 116 -5.78 41.64 15.44
N GLU F 117 -6.15 42.24 16.56
CA GLU F 117 -5.85 43.67 16.87
C GLU F 117 -4.34 43.79 17.12
N GLY F 118 -3.78 42.92 17.96
CA GLY F 118 -2.35 42.91 18.31
C GLY F 118 -1.46 42.68 17.10
N PHE F 119 -1.91 41.82 16.17
CA PHE F 119 -1.21 41.43 14.92
C PHE F 119 -1.17 42.64 13.97
N LEU F 120 -2.33 43.18 13.62
CA LEU F 120 -2.45 44.33 12.68
C LEU F 120 -1.79 45.57 13.27
N LEU F 121 -1.76 45.72 14.59
CA LEU F 121 -1.10 46.86 15.28
C LEU F 121 0.40 46.81 14.99
N ALA F 122 1.02 45.66 15.28
CA ALA F 122 2.44 45.34 15.04
C ALA F 122 2.81 45.62 13.57
N GLN F 123 2.01 45.13 12.63
CA GLN F 123 2.22 45.36 11.17
C GLN F 123 2.18 46.87 10.88
N ASP F 124 1.21 47.60 11.43
CA ASP F 124 0.96 49.04 11.16
C ASP F 124 2.21 49.85 11.53
N ILE F 125 2.64 49.75 12.79
CA ILE F 125 3.77 50.55 13.35
C ILE F 125 5.11 50.04 12.81
N SER F 126 5.31 48.71 12.74
CA SER F 126 6.63 48.07 12.59
C SER F 126 7.00 47.88 11.11
N SER F 127 6.02 47.90 10.20
CA SER F 127 6.19 47.62 8.75
C SER F 127 5.58 48.73 7.89
N TYR F 128 4.26 48.96 7.92
CA TYR F 128 3.59 49.95 7.02
C TYR F 128 4.23 51.33 7.19
N SER F 129 4.59 51.70 8.43
CA SER F 129 5.23 53.00 8.75
C SER F 129 6.35 53.28 7.74
N LEU F 130 7.17 52.27 7.41
CA LEU F 130 8.28 52.45 6.45
C LEU F 130 7.73 52.82 5.07
N THR F 131 6.64 52.20 4.62
CA THR F 131 6.04 52.45 3.28
C THR F 131 5.62 53.93 3.17
N ILE F 132 4.85 54.44 4.13
CA ILE F 132 4.34 55.84 4.08
C ILE F 132 5.49 56.82 4.28
N VAL F 133 6.37 56.58 5.26
CA VAL F 133 7.59 57.42 5.49
C VAL F 133 8.37 57.53 4.17
N ALA F 134 8.55 56.42 3.44
CA ALA F 134 9.31 56.39 2.17
C ALA F 134 8.63 57.26 1.13
N HIS F 135 7.29 57.17 1.00
CA HIS F 135 6.48 57.93 0.02
C HIS F 135 6.67 59.43 0.21
N GLU F 136 6.69 59.86 1.46
CA GLU F 136 6.75 61.30 1.85
C GLU F 136 8.18 61.80 1.70
N ALA F 137 9.15 61.08 2.28
CA ALA F 137 10.58 61.45 2.27
C ALA F 137 11.08 61.56 0.81
N LYS F 138 10.55 60.74 -0.10
CA LYS F 138 10.85 60.76 -1.55
C LYS F 138 10.71 62.21 -2.07
N LYS F 139 9.66 62.90 -1.64
CA LYS F 139 9.34 64.32 -2.03
C LYS F 139 10.52 65.24 -1.72
N LEU F 140 11.33 64.94 -0.69
CA LEU F 140 12.50 65.76 -0.25
C LEU F 140 13.82 65.18 -0.80
N MET F 141 13.78 64.24 -1.73
CA MET F 141 14.99 63.55 -2.24
C MET F 141 14.90 63.44 -3.76
N PRO F 142 14.76 64.58 -4.47
CA PRO F 142 14.61 64.53 -5.93
C PRO F 142 15.91 64.11 -6.61
N GLU F 143 17.05 64.30 -5.94
CA GLU F 143 18.41 63.96 -6.45
C GLU F 143 18.73 62.49 -6.10
N GLY F 144 17.91 61.85 -5.28
CA GLY F 144 18.14 60.49 -4.75
C GLY F 144 18.51 60.53 -3.28
N GLY F 145 18.71 59.36 -2.67
CA GLY F 145 19.05 59.23 -1.24
C GLY F 145 18.99 57.77 -0.78
N SER F 146 18.95 57.56 0.53
CA SER F 146 19.12 56.24 1.18
C SER F 146 18.15 56.14 2.36
N ILE F 147 17.32 55.10 2.39
CA ILE F 147 16.42 54.80 3.55
C ILE F 147 16.90 53.48 4.17
N VAL F 148 16.98 53.46 5.50
CA VAL F 148 17.46 52.29 6.29
C VAL F 148 16.45 52.01 7.41
N ALA F 149 16.02 50.76 7.53
CA ALA F 149 15.13 50.27 8.61
C ALA F 149 15.92 49.28 9.47
N THR F 150 15.49 49.10 10.71
CA THR F 150 16.15 48.23 11.71
C THR F 150 15.29 46.97 11.87
N THR F 151 15.89 45.80 11.77
CA THR F 151 15.16 44.51 11.87
C THR F 151 15.96 43.59 12.81
N TYR F 152 15.43 42.39 13.00
CA TYR F 152 15.98 41.35 13.90
C TYR F 152 15.82 40.01 13.20
N LEU F 153 16.72 39.08 13.51
CA LEU F 153 16.82 37.73 12.90
C LEU F 153 15.47 37.00 12.98
N GLY F 154 14.60 37.40 13.90
CA GLY F 154 13.26 36.81 14.09
C GLY F 154 12.36 37.04 12.88
N GLY F 155 12.72 37.95 12.00
CA GLY F 155 12.05 38.13 10.70
C GLY F 155 12.33 36.98 9.76
N GLU F 156 13.47 36.30 9.94
CA GLU F 156 14.00 35.26 9.00
C GLU F 156 13.76 33.86 9.57
N PHE F 157 13.76 33.71 10.89
CA PHE F 157 13.61 32.40 11.59
C PHE F 157 12.64 32.57 12.75
N ALA F 158 11.96 31.48 13.10
CA ALA F 158 11.10 31.40 14.30
C ALA F 158 12.01 31.43 15.53
N VAL F 159 11.98 32.53 16.28
CA VAL F 159 12.77 32.70 17.53
C VAL F 159 11.77 32.68 18.70
N GLN F 160 12.12 31.99 19.80
CA GLN F 160 11.27 31.86 21.02
C GLN F 160 10.94 33.27 21.54
N ASN F 161 9.66 33.56 21.74
CA ASN F 161 9.10 34.75 22.46
C ASN F 161 8.94 35.97 21.53
N TYR F 162 9.55 36.01 20.34
CA TYR F 162 9.44 37.17 19.41
C TYR F 162 8.03 37.19 18.81
N ASN F 163 7.43 36.01 18.62
CA ASN F 163 6.02 35.80 18.18
C ASN F 163 5.63 36.86 17.13
N VAL F 164 4.66 37.70 17.44
CA VAL F 164 3.98 38.61 16.47
C VAL F 164 5.00 39.60 15.88
N MET F 165 6.08 39.91 16.60
CA MET F 165 7.10 40.87 16.11
C MET F 165 7.94 40.20 15.00
N GLY F 166 8.13 38.89 15.07
CA GLY F 166 8.78 38.11 13.99
C GLY F 166 8.02 38.25 12.67
N VAL F 167 6.70 38.18 12.72
CA VAL F 167 5.85 38.28 11.49
C VAL F 167 5.88 39.74 11.02
N ALA F 168 5.95 40.70 11.93
CA ALA F 168 6.08 42.14 11.58
C ALA F 168 7.44 42.38 10.90
N LYS F 169 8.52 41.78 11.39
CA LYS F 169 9.89 42.00 10.84
C LYS F 169 10.01 41.31 9.48
N ALA F 170 9.41 40.14 9.31
CA ALA F 170 9.36 39.45 8.00
C ALA F 170 8.68 40.39 7.00
N SER F 171 7.60 41.03 7.43
CA SER F 171 6.83 42.02 6.66
C SER F 171 7.73 43.23 6.34
N LEU F 172 8.44 43.75 7.34
CA LEU F 172 9.35 44.92 7.17
C LEU F 172 10.41 44.57 6.12
N GLU F 173 10.99 43.38 6.21
CA GLU F 173 12.15 42.96 5.37
C GLU F 173 11.69 42.83 3.92
N ALA F 174 10.42 42.47 3.68
CA ALA F 174 9.85 42.36 2.32
C ALA F 174 9.50 43.77 1.84
N ASN F 175 8.99 44.59 2.76
CA ASN F 175 8.73 46.03 2.54
C ASN F 175 9.99 46.66 1.93
N VAL F 176 11.15 46.45 2.56
CA VAL F 176 12.46 47.00 2.12
C VAL F 176 12.71 46.57 0.67
N LYS F 177 12.50 45.30 0.33
CA LYS F 177 12.78 44.78 -1.03
C LYS F 177 11.84 45.47 -2.03
N TYR F 178 10.55 45.54 -1.74
CA TYR F 178 9.54 46.11 -2.65
C TYR F 178 9.75 47.63 -2.80
N LEU F 179 10.10 48.33 -1.73
CA LEU F 179 10.46 49.78 -1.78
C LEU F 179 11.72 49.94 -2.64
N ALA F 180 12.72 49.09 -2.45
CA ALA F 180 14.01 49.16 -3.20
C ALA F 180 13.72 49.09 -4.70
N LEU F 181 12.79 48.22 -5.10
CA LEU F 181 12.45 47.98 -6.54
C LEU F 181 11.65 49.18 -7.08
N ASP F 182 10.75 49.73 -6.27
CA ASP F 182 9.87 50.88 -6.63
C ASP F 182 10.70 52.16 -6.76
N LEU F 183 11.50 52.50 -5.76
CA LEU F 183 12.21 53.81 -5.64
C LEU F 183 13.61 53.75 -6.24
N GLY F 184 14.05 52.60 -6.74
CA GLY F 184 15.38 52.45 -7.36
C GLY F 184 15.53 53.39 -8.56
N PRO F 185 14.57 53.40 -9.50
CA PRO F 185 14.63 54.31 -10.66
C PRO F 185 14.73 55.80 -10.28
N ASP F 186 14.27 56.18 -9.09
CA ASP F 186 14.40 57.56 -8.54
C ASP F 186 15.72 57.70 -7.77
N ASN F 187 16.65 56.76 -7.96
CA ASN F 187 17.98 56.74 -7.27
C ASN F 187 17.78 56.83 -5.75
N ILE F 188 16.77 56.16 -5.21
CA ILE F 188 16.58 56.00 -3.73
C ILE F 188 16.84 54.53 -3.37
N ARG F 189 17.84 54.31 -2.52
CA ARG F 189 18.23 52.97 -2.03
C ARG F 189 17.49 52.71 -0.71
N VAL F 190 17.03 51.47 -0.54
CA VAL F 190 16.30 51.00 0.68
C VAL F 190 16.98 49.72 1.15
N ASN F 191 17.41 49.70 2.40
CA ASN F 191 18.17 48.57 3.01
C ASN F 191 17.74 48.42 4.46
N ALA F 192 18.06 47.28 5.07
CA ALA F 192 17.79 47.02 6.49
C ALA F 192 19.09 46.68 7.21
N ILE F 193 19.16 46.99 8.50
CA ILE F 193 20.17 46.44 9.43
C ILE F 193 19.46 45.47 10.37
N SER F 194 19.91 44.21 10.40
CA SER F 194 19.50 43.17 11.37
C SER F 194 20.47 43.28 12.55
N ALA F 195 20.07 44.01 13.59
CA ALA F 195 20.87 44.19 14.82
C ALA F 195 20.77 42.92 15.65
N GLY F 196 21.89 42.50 16.26
CA GLY F 196 21.87 41.55 17.39
C GLY F 196 21.16 42.17 18.58
N PRO F 197 20.98 41.42 19.69
CA PRO F 197 20.25 41.95 20.84
C PRO F 197 21.05 43.04 21.57
N ILE F 198 20.35 44.11 21.94
CA ILE F 198 20.90 45.32 22.64
C ILE F 198 19.94 45.71 23.77
N ARG F 199 20.46 46.01 24.97
CA ARG F 199 19.65 46.48 26.13
C ARG F 199 19.16 47.91 25.84
N THR F 200 17.86 48.04 25.59
CA THR F 200 17.17 49.33 25.31
C THR F 200 15.87 49.44 26.11
N LEU F 201 15.21 50.58 26.05
CA LEU F 201 13.91 50.83 26.73
C LEU F 201 12.89 49.78 26.28
N SER F 202 12.68 49.60 24.96
CA SER F 202 11.73 48.61 24.39
C SER F 202 12.06 47.20 24.87
N ALA F 203 13.35 46.84 24.87
CA ALA F 203 13.84 45.46 25.13
C ALA F 203 13.79 45.12 26.63
N LYS F 204 14.08 46.08 27.52
CA LYS F 204 14.00 45.88 28.99
C LYS F 204 12.54 45.56 29.36
N GLY F 205 12.31 44.45 30.06
CA GLY F 205 10.97 44.02 30.53
C GLY F 205 10.37 42.95 29.63
N VAL F 206 11.19 42.28 28.83
CA VAL F 206 10.89 40.96 28.20
C VAL F 206 11.71 39.91 28.95
N GLY F 207 11.13 38.72 29.15
CA GLY F 207 11.65 37.67 30.05
C GLY F 207 12.99 37.12 29.59
N GLY F 208 13.95 36.97 30.51
CA GLY F 208 15.25 36.28 30.32
C GLY F 208 16.02 36.81 29.12
N PHE F 209 15.92 38.12 28.87
CA PHE F 209 16.68 38.84 27.81
C PHE F 209 18.19 38.67 28.05
N ASN F 210 18.58 38.58 29.33
CA ASN F 210 19.99 38.34 29.76
C ASN F 210 20.47 36.95 29.34
N THR F 211 19.55 35.99 29.19
CA THR F 211 19.85 34.61 28.69
C THR F 211 20.28 34.70 27.22
N ILE F 212 19.59 35.53 26.43
CA ILE F 212 19.84 35.68 24.96
C ILE F 212 21.20 36.37 24.78
N LEU F 213 21.47 37.44 25.54
CA LEU F 213 22.77 38.16 25.50
C LEU F 213 23.92 37.19 25.81
N LYS F 214 23.70 36.24 26.73
CA LYS F 214 24.76 35.30 27.20
C LYS F 214 24.97 34.23 26.12
N GLU F 215 23.89 33.78 25.47
CA GLU F 215 23.94 32.78 24.36
C GLU F 215 24.73 33.35 23.18
N ILE F 216 24.56 34.65 22.88
CA ILE F 216 25.34 35.35 21.81
C ILE F 216 26.83 35.31 22.17
N GLU F 217 27.20 35.76 23.36
CA GLU F 217 28.62 35.76 23.85
C GLU F 217 29.22 34.36 23.77
N GLU F 218 28.42 33.32 24.00
CA GLU F 218 28.88 31.91 24.07
C GLU F 218 28.99 31.32 22.65
N ARG F 219 28.00 31.55 21.76
CA ARG F 219 27.84 30.77 20.50
C ARG F 219 28.23 31.58 19.23
N ALA F 220 28.11 32.90 19.25
CA ALA F 220 28.34 33.75 18.05
C ALA F 220 29.82 33.75 17.69
N PRO F 221 30.16 33.76 16.39
CA PRO F 221 31.57 33.80 15.96
C PRO F 221 32.50 34.76 16.72
N LEU F 222 32.06 35.99 16.98
CA LEU F 222 32.91 37.02 17.64
C LEU F 222 32.87 36.87 19.15
N LYS F 223 32.08 35.92 19.67
CA LYS F 223 31.95 35.62 21.12
C LYS F 223 31.73 36.93 21.90
N ARG F 224 30.91 37.85 21.38
CA ARG F 224 30.58 39.13 22.06
C ARG F 224 29.26 39.67 21.50
N ASN F 225 28.63 40.57 22.25
CA ASN F 225 27.41 41.28 21.83
C ASN F 225 27.82 42.55 21.09
N VAL F 226 26.86 43.19 20.43
CA VAL F 226 27.06 44.47 19.71
C VAL F 226 26.36 45.57 20.50
N ASP F 227 26.64 46.82 20.13
CA ASP F 227 26.02 48.01 20.78
C ASP F 227 25.45 48.94 19.69
N GLN F 228 24.79 50.00 20.14
CA GLN F 228 24.09 51.01 19.31
C GLN F 228 25.07 51.65 18.32
N VAL F 229 26.33 51.85 18.70
CA VAL F 229 27.34 52.55 17.84
C VAL F 229 27.70 51.66 16.65
N GLU F 230 27.86 50.35 16.87
CA GLU F 230 28.22 49.40 15.77
C GLU F 230 27.10 49.43 14.71
N VAL F 231 25.85 49.47 15.15
CA VAL F 231 24.69 49.67 14.25
C VAL F 231 24.86 51.03 13.59
N GLY F 232 25.24 52.05 14.36
CA GLY F 232 25.46 53.41 13.85
C GLY F 232 26.47 53.43 12.73
N LYS F 233 27.60 52.76 12.91
CA LYS F 233 28.69 52.73 11.91
C LYS F 233 28.13 52.15 10.60
N THR F 234 27.44 51.01 10.67
CA THR F 234 26.87 50.33 9.47
C THR F 234 25.78 51.25 8.87
N ALA F 235 25.01 51.95 9.70
CA ALA F 235 24.01 52.95 9.26
C ALA F 235 24.71 54.03 8.42
N ALA F 236 25.88 54.48 8.86
CA ALA F 236 26.69 55.49 8.13
C ALA F 236 27.06 54.97 6.74
N TYR F 237 27.57 53.75 6.65
CA TYR F 237 27.90 53.08 5.36
C TYR F 237 26.66 53.13 4.44
N LEU F 238 25.52 52.66 4.94
CA LEU F 238 24.26 52.49 4.15
C LEU F 238 23.66 53.84 3.80
N LEU F 239 23.78 54.84 4.66
CA LEU F 239 23.17 56.18 4.41
C LEU F 239 24.07 57.03 3.50
N SER F 240 25.39 56.86 3.57
CA SER F 240 26.40 57.58 2.73
C SER F 240 26.44 56.98 1.33
N ASP F 241 27.30 57.49 0.45
CA ASP F 241 27.46 56.97 -0.94
C ASP F 241 28.50 55.85 -0.95
N LEU F 242 29.05 55.48 0.20
CA LEU F 242 29.97 54.32 0.34
C LEU F 242 29.23 53.05 -0.12
N SER F 243 27.94 52.97 0.15
CA SER F 243 27.06 51.82 -0.15
C SER F 243 26.34 52.03 -1.49
N SER F 244 26.84 52.89 -2.38
CA SER F 244 26.24 53.05 -3.74
C SER F 244 26.27 51.68 -4.42
N GLY F 245 25.18 51.32 -5.11
CA GLY F 245 25.06 49.99 -5.74
C GLY F 245 24.50 48.92 -4.80
N VAL F 246 24.34 49.23 -3.50
CA VAL F 246 23.70 48.34 -2.50
C VAL F 246 22.26 48.82 -2.24
N THR F 247 21.26 48.00 -2.57
CA THR F 247 19.84 48.26 -2.27
C THR F 247 19.12 46.92 -2.16
N GLY F 248 18.05 46.85 -1.36
CA GLY F 248 17.31 45.60 -1.09
C GLY F 248 18.14 44.65 -0.25
N GLU F 249 19.14 45.18 0.47
CA GLU F 249 20.09 44.33 1.24
C GLU F 249 19.70 44.36 2.72
N ASN F 250 20.07 43.30 3.44
CA ASN F 250 19.86 43.16 4.90
C ASN F 250 21.23 42.80 5.50
N ILE F 251 21.88 43.78 6.13
CA ILE F 251 23.23 43.60 6.76
C ILE F 251 23.04 43.20 8.22
N HIS F 252 23.56 42.02 8.59
CA HIS F 252 23.52 41.49 9.97
C HIS F 252 24.69 42.10 10.74
N VAL F 253 24.38 42.96 11.71
CA VAL F 253 25.33 43.53 12.70
C VAL F 253 25.06 42.81 14.02
N ASP F 254 25.60 41.60 14.18
CA ASP F 254 25.16 40.61 15.19
C ASP F 254 26.28 39.60 15.50
N SER F 255 27.54 39.99 15.32
CA SER F 255 28.72 39.18 15.72
C SER F 255 28.77 37.85 14.97
N GLY F 256 28.04 37.73 13.85
CA GLY F 256 28.06 36.55 12.97
C GLY F 256 27.01 35.51 13.32
N PHE F 257 26.12 35.81 14.26
CA PHE F 257 25.13 34.85 14.80
C PHE F 257 24.23 34.29 13.69
N HIS F 258 23.85 35.12 12.71
CA HIS F 258 22.96 34.76 11.57
C HIS F 258 23.57 33.63 10.74
N ALA F 259 24.90 33.51 10.71
CA ALA F 259 25.66 32.60 9.82
C ALA F 259 25.82 31.21 10.45
N ILE F 260 25.51 31.02 11.74
CA ILE F 260 25.80 29.74 12.44
C ILE F 260 24.49 29.04 12.83
N LYS F 261 24.56 27.78 13.26
CA LYS F 261 23.38 26.96 13.64
C LYS F 261 23.83 25.82 14.58
N HIS G 3 38.52 58.36 16.31
CA HIS G 3 37.27 58.77 17.04
C HIS G 3 36.06 58.04 16.43
N MET G 4 35.52 57.05 17.15
CA MET G 4 34.36 56.16 16.80
C MET G 4 34.39 55.74 15.32
N ALA G 5 33.67 56.43 14.43
CA ALA G 5 33.46 56.03 13.02
C ALA G 5 34.52 56.70 12.14
N SER G 6 35.40 55.91 11.53
CA SER G 6 36.55 56.46 10.78
C SER G 6 36.84 55.63 9.53
N LEU G 7 37.03 56.32 8.40
CA LEU G 7 37.51 55.72 7.14
C LEU G 7 38.90 56.27 6.82
N ASN G 8 39.66 56.66 7.85
CA ASN G 8 41.08 57.06 7.72
C ASN G 8 41.95 55.81 7.89
N LEU G 9 42.53 55.32 6.80
CA LEU G 9 43.25 54.03 6.76
C LEU G 9 44.77 54.24 6.72
N GLU G 10 45.27 55.39 7.19
CA GLU G 10 46.72 55.57 7.51
C GLU G 10 47.02 54.59 8.66
N ASN G 11 48.24 54.08 8.73
CA ASN G 11 48.68 53.08 9.76
C ASN G 11 47.97 51.74 9.56
N LYS G 12 47.31 51.52 8.42
CA LYS G 12 46.65 50.23 8.08
C LYS G 12 47.36 49.63 6.85
N THR G 13 47.61 48.32 6.87
CA THR G 13 48.24 47.58 5.75
C THR G 13 47.30 46.46 5.31
N TYR G 14 47.04 46.36 4.01
CA TYR G 14 46.10 45.39 3.39
C TYR G 14 46.81 44.67 2.25
N VAL G 15 46.79 43.33 2.26
CA VAL G 15 47.21 42.47 1.12
C VAL G 15 46.04 42.43 0.13
N ILE G 16 46.31 42.63 -1.16
CA ILE G 16 45.28 42.59 -2.24
C ILE G 16 45.73 41.55 -3.27
N MET G 17 45.04 40.42 -3.33
CA MET G 17 45.34 39.29 -4.25
C MET G 17 44.40 39.35 -5.45
N GLY G 18 44.92 39.33 -6.67
CA GLY G 18 44.13 39.11 -7.90
C GLY G 18 44.00 40.34 -8.78
N ILE G 19 44.95 41.27 -8.75
CA ILE G 19 45.07 42.31 -9.82
C ILE G 19 45.78 41.66 -11.03
N ALA G 20 45.23 41.88 -12.23
CA ALA G 20 45.74 41.38 -13.52
C ALA G 20 45.85 42.51 -14.53
N ASN G 21 44.94 43.50 -14.49
CA ASN G 21 44.96 44.70 -15.38
C ASN G 21 44.14 45.81 -14.73
N LYS G 22 43.95 46.94 -15.43
CA LYS G 22 43.29 48.16 -14.92
C LYS G 22 41.79 47.87 -14.70
N ARG G 23 41.24 46.83 -15.34
CA ARG G 23 39.80 46.51 -15.29
C ARG G 23 39.49 45.58 -14.12
N SER G 24 40.49 44.92 -13.54
CA SER G 24 40.35 43.99 -12.37
C SER G 24 39.56 44.67 -11.26
N ILE G 25 38.62 43.94 -10.66
CA ILE G 25 37.82 44.40 -9.47
C ILE G 25 38.81 44.75 -8.37
N ALA G 26 39.83 43.91 -8.14
CA ALA G 26 40.83 44.12 -7.07
C ALA G 26 41.55 45.46 -7.27
N PHE G 27 41.64 45.96 -8.50
CA PHE G 27 42.26 47.29 -8.78
C PHE G 27 41.34 48.40 -8.29
N GLY G 28 40.04 48.31 -8.59
CA GLY G 28 38.99 49.13 -7.96
C GLY G 28 39.17 49.19 -6.46
N VAL G 29 39.36 48.04 -5.81
CA VAL G 29 39.59 47.96 -4.34
C VAL G 29 40.83 48.78 -3.99
N ALA G 30 41.92 48.60 -4.75
CA ALA G 30 43.24 49.23 -4.51
C ALA G 30 43.11 50.77 -4.62
N LYS G 31 42.55 51.28 -5.72
CA LYS G 31 42.33 52.74 -5.92
C LYS G 31 41.68 53.32 -4.66
N VAL G 32 40.60 52.70 -4.17
CA VAL G 32 39.79 53.21 -3.04
C VAL G 32 40.63 53.20 -1.76
N LEU G 33 41.29 52.09 -1.46
CA LEU G 33 42.07 51.91 -0.20
C LEU G 33 43.25 52.91 -0.20
N ASP G 34 43.84 53.10 -1.38
CA ASP G 34 44.94 54.09 -1.64
C ASP G 34 44.46 55.49 -1.24
N GLN G 35 43.37 55.98 -1.85
CA GLN G 35 42.78 57.33 -1.58
C GLN G 35 42.54 57.52 -0.08
N LEU G 36 42.33 56.45 0.69
CA LEU G 36 42.07 56.52 2.15
C LEU G 36 43.36 56.38 2.94
N GLY G 37 44.49 56.23 2.22
CA GLY G 37 45.86 56.35 2.78
C GLY G 37 46.36 55.07 3.41
N ALA G 38 46.06 53.92 2.81
CA ALA G 38 46.48 52.59 3.33
C ALA G 38 47.77 52.16 2.63
N LYS G 39 48.62 51.43 3.35
CA LYS G 39 49.80 50.73 2.76
C LYS G 39 49.25 49.44 2.12
N LEU G 40 49.54 49.24 0.83
CA LEU G 40 49.00 48.11 0.03
C LEU G 40 50.13 47.17 -0.41
N VAL G 41 50.02 45.91 -0.03
CA VAL G 41 50.79 44.76 -0.58
C VAL G 41 49.94 44.10 -1.67
N PHE G 42 50.55 43.72 -2.79
CA PHE G 42 49.87 43.15 -3.98
C PHE G 42 50.40 41.74 -4.26
N THR G 43 49.57 40.89 -4.86
CA THR G 43 49.87 39.48 -5.24
C THR G 43 49.37 39.26 -6.66
N TYR G 44 50.05 38.38 -7.41
CA TYR G 44 49.82 38.09 -8.85
C TYR G 44 50.28 36.65 -9.12
N ARG G 45 49.81 36.02 -10.20
CA ARG G 45 50.29 34.67 -10.63
C ARG G 45 51.21 34.82 -11.85
N LYS G 46 50.66 35.24 -12.99
CA LYS G 46 51.38 35.37 -14.29
C LYS G 46 52.35 36.56 -14.22
N GLU G 47 53.41 36.56 -15.04
CA GLU G 47 54.40 37.66 -15.13
C GLU G 47 53.75 38.87 -15.84
N ARG G 48 52.84 38.61 -16.80
CA ARG G 48 52.03 39.64 -17.51
C ARG G 48 51.37 40.56 -16.47
N SER G 49 50.91 39.99 -15.35
CA SER G 49 50.20 40.69 -14.25
C SER G 49 51.17 41.59 -13.45
N ARG G 50 52.44 41.16 -13.31
CA ARG G 50 53.48 41.96 -12.60
C ARG G 50 53.81 43.22 -13.40
N LYS G 51 54.02 43.08 -14.70
CA LYS G 51 54.30 44.22 -15.63
C LYS G 51 53.16 45.23 -15.49
N GLU G 52 51.91 44.75 -15.59
CA GLU G 52 50.67 45.58 -15.49
C GLU G 52 50.61 46.27 -14.12
N LEU G 53 50.95 45.55 -13.05
CA LEU G 53 50.88 46.08 -11.65
C LEU G 53 51.85 47.25 -11.50
N GLU G 54 53.10 47.10 -11.95
CA GLU G 54 54.16 48.13 -11.85
C GLU G 54 53.72 49.39 -12.61
N LYS G 55 53.18 49.23 -13.82
CA LYS G 55 52.61 50.33 -14.64
C LYS G 55 51.49 51.05 -13.87
N LEU G 56 50.64 50.29 -13.15
CA LEU G 56 49.42 50.82 -12.49
C LEU G 56 49.77 51.53 -11.17
N LEU G 57 50.80 51.10 -10.46
CA LEU G 57 51.28 51.74 -9.20
C LEU G 57 51.57 53.23 -9.40
N GLU G 58 51.86 53.67 -10.63
CA GLU G 58 52.10 55.11 -10.98
C GLU G 58 50.81 55.92 -10.73
N GLN G 59 49.63 55.30 -10.94
CA GLN G 59 48.30 55.91 -10.70
C GLN G 59 48.04 56.07 -9.18
N LEU G 60 48.73 55.28 -8.34
CA LEU G 60 48.54 55.26 -6.87
C LEU G 60 49.59 56.12 -6.18
N ASN G 61 49.37 56.40 -4.89
CA ASN G 61 50.28 57.16 -4.00
C ASN G 61 50.96 56.17 -3.05
N GLN G 62 51.44 55.04 -3.59
CA GLN G 62 52.18 54.00 -2.81
C GLN G 62 53.67 54.29 -2.92
N PRO G 63 54.34 54.74 -1.82
CA PRO G 63 55.74 55.11 -1.89
C PRO G 63 56.57 53.88 -2.30
N GLU G 64 56.45 52.79 -1.54
CA GLU G 64 57.16 51.52 -1.79
C GLU G 64 56.19 50.50 -2.41
N ALA G 65 56.55 49.99 -3.59
CA ALA G 65 55.92 48.83 -4.25
C ALA G 65 56.35 47.55 -3.53
N HIS G 66 55.39 46.78 -3.01
CA HIS G 66 55.62 45.39 -2.51
C HIS G 66 54.77 44.42 -3.33
N LEU G 67 55.38 43.76 -4.32
CA LEU G 67 54.72 42.75 -5.20
C LEU G 67 55.28 41.36 -4.82
N TYR G 68 54.40 40.37 -4.71
CA TYR G 68 54.75 38.96 -4.42
C TYR G 68 53.98 38.06 -5.39
N GLN G 69 54.69 37.19 -6.11
CA GLN G 69 54.09 36.16 -6.98
C GLN G 69 53.55 35.04 -6.10
N ILE G 70 52.23 34.83 -6.09
CA ILE G 70 51.57 33.66 -5.42
C ILE G 70 50.56 33.05 -6.39
N ASP G 71 50.82 31.81 -6.80
CA ASP G 71 49.84 30.88 -7.43
C ASP G 71 49.19 30.11 -6.27
N VAL G 72 47.89 30.33 -6.05
CA VAL G 72 47.14 29.79 -4.88
C VAL G 72 46.97 28.27 -5.02
N GLN G 73 47.33 27.68 -6.18
CA GLN G 73 47.34 26.21 -6.41
C GLN G 73 48.46 25.53 -5.61
N SER G 74 49.47 26.28 -5.16
CA SER G 74 50.68 25.79 -4.45
C SER G 74 50.65 26.20 -2.97
N ASP G 75 50.57 25.23 -2.05
CA ASP G 75 50.68 25.49 -0.59
C ASP G 75 51.96 26.29 -0.31
N GLU G 76 53.07 25.96 -0.99
CA GLU G 76 54.42 26.53 -0.74
C GLU G 76 54.39 28.02 -1.13
N GLU G 77 53.97 28.37 -2.36
CA GLU G 77 53.93 29.77 -2.85
C GLU G 77 53.07 30.64 -1.90
N VAL G 78 52.01 30.08 -1.31
CA VAL G 78 51.06 30.80 -0.40
C VAL G 78 51.71 30.94 0.98
N ILE G 79 52.21 29.84 1.56
CA ILE G 79 52.87 29.85 2.91
C ILE G 79 54.09 30.79 2.86
N ASN G 80 54.92 30.68 1.82
CA ASN G 80 56.19 31.45 1.66
C ASN G 80 55.86 32.93 1.40
N GLY G 81 54.96 33.21 0.46
CA GLY G 81 54.49 34.57 0.14
C GLY G 81 54.09 35.36 1.39
N PHE G 82 53.34 34.74 2.30
CA PHE G 82 52.78 35.41 3.50
C PHE G 82 53.87 35.51 4.57
N GLU G 83 54.73 34.50 4.70
CA GLU G 83 55.93 34.56 5.57
C GLU G 83 56.80 35.75 5.16
N GLN G 84 56.99 35.94 3.85
CA GLN G 84 57.85 37.01 3.25
C GLN G 84 57.22 38.39 3.51
N ILE G 85 55.91 38.54 3.31
CA ILE G 85 55.15 39.79 3.59
C ILE G 85 55.31 40.16 5.07
N GLY G 86 55.26 39.18 5.97
CA GLY G 86 55.47 39.36 7.42
C GLY G 86 56.83 39.98 7.73
N LYS G 87 57.86 39.59 6.99
CA LYS G 87 59.25 40.11 7.16
C LYS G 87 59.36 41.50 6.53
N ASP G 88 58.92 41.67 5.28
CA ASP G 88 59.10 42.92 4.49
C ASP G 88 58.28 44.08 5.08
N VAL G 89 56.99 43.86 5.43
CA VAL G 89 56.06 44.95 5.88
C VAL G 89 55.59 44.72 7.32
N GLY G 90 55.77 43.54 7.89
CA GLY G 90 55.30 43.24 9.26
C GLY G 90 53.84 42.80 9.27
N ASN G 91 53.14 43.08 10.37
CA ASN G 91 51.73 42.69 10.61
C ASN G 91 50.80 43.49 9.70
N ILE G 92 49.70 42.86 9.25
CA ILE G 92 48.69 43.45 8.33
C ILE G 92 47.34 43.56 9.06
N ASP G 93 46.40 44.31 8.49
CA ASP G 93 45.04 44.52 9.07
C ASP G 93 43.98 43.72 8.30
N GLY G 94 44.29 43.23 7.09
CA GLY G 94 43.35 42.37 6.35
C GLY G 94 43.85 41.95 4.99
N VAL G 95 43.05 41.14 4.30
CA VAL G 95 43.34 40.55 2.96
C VAL G 95 42.07 40.70 2.10
N TYR G 96 42.20 41.24 0.89
CA TYR G 96 41.15 41.18 -0.16
C TYR G 96 41.52 40.10 -1.15
N HIS G 97 40.66 39.08 -1.26
CA HIS G 97 40.78 37.91 -2.16
C HIS G 97 39.89 38.17 -3.38
N SER G 98 40.49 38.30 -4.56
CA SER G 98 39.77 38.54 -5.85
C SER G 98 40.24 37.52 -6.89
N ILE G 99 40.25 36.23 -6.52
CA ILE G 99 40.83 35.13 -7.33
C ILE G 99 39.75 34.09 -7.63
N ALA G 100 39.59 33.77 -8.91
CA ALA G 100 38.71 32.69 -9.43
C ALA G 100 39.20 32.24 -10.80
N PHE G 101 38.94 30.98 -11.15
CA PHE G 101 39.26 30.38 -12.47
C PHE G 101 38.47 29.08 -12.67
N ALA G 102 38.00 28.87 -13.90
CA ALA G 102 37.54 27.57 -14.43
C ALA G 102 37.90 27.47 -15.92
N ASN G 103 38.00 26.23 -16.42
CA ASN G 103 38.28 25.96 -17.86
C ASN G 103 37.10 26.44 -18.70
N MET G 104 37.37 27.27 -19.73
CA MET G 104 36.36 27.73 -20.71
C MET G 104 35.57 26.52 -21.25
N GLU G 105 36.22 25.37 -21.39
CA GLU G 105 35.59 24.09 -21.84
C GLU G 105 34.33 23.84 -21.00
N ASP G 106 34.47 23.87 -19.67
CA ASP G 106 33.42 23.51 -18.68
C ASP G 106 32.36 24.61 -18.59
N LEU G 107 32.71 25.87 -18.90
CA LEU G 107 31.78 27.03 -18.83
C LEU G 107 30.88 27.12 -20.06
N ARG G 108 31.23 26.47 -21.18
CA ARG G 108 30.40 26.48 -22.42
C ARG G 108 29.46 25.29 -22.36
N GLY G 109 30.01 24.11 -22.04
CA GLY G 109 29.28 22.84 -21.89
C GLY G 109 28.04 23.00 -21.03
N ARG G 110 27.07 22.13 -21.26
CA ARG G 110 26.00 21.75 -20.28
C ARG G 110 26.69 21.38 -18.96
N PHE G 111 26.18 21.86 -17.82
CA PHE G 111 26.82 21.64 -16.50
C PHE G 111 27.01 20.14 -16.25
N SER G 112 26.07 19.29 -16.68
CA SER G 112 26.10 17.82 -16.46
C SER G 112 27.29 17.18 -17.21
N GLU G 113 27.86 17.86 -18.21
CA GLU G 113 29.03 17.37 -18.99
C GLU G 113 30.35 17.68 -18.24
N THR G 114 30.33 18.49 -17.19
CA THR G 114 31.54 19.00 -16.48
C THR G 114 32.46 17.82 -16.14
N SER G 115 33.77 18.00 -16.39
CA SER G 115 34.83 17.01 -16.06
C SER G 115 35.18 17.11 -14.58
N ARG G 116 35.52 15.99 -13.96
CA ARG G 116 36.04 15.91 -12.56
C ARG G 116 37.24 16.86 -12.41
N GLU G 117 38.09 16.98 -13.43
CA GLU G 117 39.33 17.81 -13.39
C GLU G 117 38.90 19.28 -13.38
N GLY G 118 38.02 19.67 -14.29
CA GLY G 118 37.51 21.05 -14.42
C GLY G 118 36.80 21.53 -13.16
N PHE G 119 36.05 20.62 -12.52
CA PHE G 119 35.26 20.86 -11.29
C PHE G 119 36.20 21.11 -10.11
N LEU G 120 37.09 20.16 -9.84
CA LEU G 120 38.02 20.24 -8.68
C LEU G 120 39.02 21.38 -8.89
N LEU G 121 39.32 21.75 -10.14
CA LEU G 121 40.22 22.89 -10.45
C LEU G 121 39.57 24.18 -9.96
N ALA G 122 38.33 24.42 -10.40
CA ALA G 122 37.48 25.57 -10.02
C ALA G 122 37.39 25.68 -8.48
N GLN G 123 37.11 24.56 -7.79
CA GLN G 123 37.04 24.50 -6.31
C GLN G 123 38.39 24.95 -5.72
N ASP G 124 39.50 24.41 -6.23
CA ASP G 124 40.88 24.62 -5.71
C ASP G 124 41.20 26.12 -5.71
N ILE G 125 41.12 26.75 -6.88
CA ILE G 125 41.52 28.17 -7.08
C ILE G 125 40.46 29.11 -6.45
N SER G 126 39.17 28.82 -6.65
CA SER G 126 38.06 29.79 -6.42
C SER G 126 37.53 29.75 -4.99
N SER G 127 37.79 28.66 -4.26
CA SER G 127 37.26 28.40 -2.89
C SER G 127 38.39 28.03 -1.91
N TYR G 128 39.09 26.89 -2.09
CA TYR G 128 40.10 26.43 -1.10
C TYR G 128 41.18 27.52 -0.88
N SER G 129 41.56 28.24 -1.94
CA SER G 129 42.55 29.33 -1.88
C SER G 129 42.24 30.23 -0.67
N LEU G 130 40.97 30.57 -0.45
CA LEU G 130 40.57 31.44 0.68
C LEU G 130 40.92 30.77 2.02
N THR G 131 40.68 29.47 2.15
CA THR G 131 40.97 28.71 3.41
C THR G 131 42.45 28.81 3.78
N ILE G 132 43.35 28.49 2.84
CA ILE G 132 44.82 28.46 3.11
C ILE G 132 45.31 29.90 3.29
N VAL G 133 44.91 30.84 2.42
CA VAL G 133 45.24 32.29 2.57
C VAL G 133 44.86 32.76 3.98
N ALA G 134 43.68 32.40 4.48
CA ALA G 134 43.18 32.78 5.82
C ALA G 134 44.11 32.22 6.91
N HIS G 135 44.50 30.95 6.80
CA HIS G 135 45.38 30.25 7.79
C HIS G 135 46.71 30.99 7.94
N GLU G 136 47.27 31.44 6.82
CA GLU G 136 48.61 32.07 6.76
C GLU G 136 48.50 33.53 7.22
N ALA G 137 47.55 34.28 6.67
CA ALA G 137 47.33 35.72 6.98
C ALA G 137 47.04 35.89 8.47
N LYS G 138 46.37 34.91 9.09
CA LYS G 138 46.09 34.88 10.55
C LYS G 138 47.39 35.16 11.33
N LYS G 139 48.48 34.53 10.92
CA LYS G 139 49.84 34.64 11.53
C LYS G 139 50.27 36.11 11.61
N LEU G 140 49.83 36.96 10.66
CA LEU G 140 50.20 38.40 10.58
C LEU G 140 49.10 39.31 11.17
N MET G 141 48.12 38.74 11.88
CA MET G 141 46.96 39.51 12.41
C MET G 141 46.69 39.05 13.84
N PRO G 142 47.67 39.16 14.75
CA PRO G 142 47.50 38.68 16.12
C PRO G 142 46.51 39.56 16.89
N GLU G 143 46.34 40.82 16.48
CA GLU G 143 45.44 41.80 17.12
C GLU G 143 44.02 41.68 16.52
N GLY G 144 43.87 40.90 15.44
CA GLY G 144 42.62 40.78 14.69
C GLY G 144 42.72 41.46 13.34
N GLY G 145 41.67 41.37 12.52
CA GLY G 145 41.61 41.96 11.17
C GLY G 145 40.39 41.50 10.41
N SER G 146 40.39 41.67 9.09
CA SER G 146 39.23 41.48 8.20
C SER G 146 39.67 40.80 6.90
N ILE G 147 39.05 39.69 6.53
CA ILE G 147 39.26 39.02 5.21
C ILE G 147 37.97 39.13 4.39
N VAL G 148 38.11 39.50 3.12
CA VAL G 148 36.99 39.71 2.18
C VAL G 148 37.27 38.93 0.89
N ALA G 149 36.30 38.13 0.44
CA ALA G 149 36.34 37.40 -0.84
C ALA G 149 35.25 37.97 -1.75
N THR G 150 35.42 37.79 -3.06
CA THR G 150 34.52 38.31 -4.11
C THR G 150 33.72 37.14 -4.67
N THR G 151 32.40 37.27 -4.74
CA THR G 151 31.51 36.19 -5.22
C THR G 151 30.51 36.80 -6.18
N TYR G 152 29.63 35.95 -6.72
CA TYR G 152 28.60 36.31 -7.71
C TYR G 152 27.33 35.56 -7.35
N LEU G 153 26.19 36.14 -7.70
CA LEU G 153 24.83 35.62 -7.39
C LEU G 153 24.68 34.17 -7.83
N GLY G 154 25.52 33.71 -8.77
CA GLY G 154 25.49 32.34 -9.28
C GLY G 154 25.87 31.32 -8.22
N GLY G 155 26.44 31.77 -7.10
CA GLY G 155 26.68 30.91 -5.92
C GLY G 155 25.38 30.56 -5.23
N GLU G 156 24.36 31.42 -5.36
CA GLU G 156 23.08 31.33 -4.62
C GLU G 156 21.96 30.76 -5.52
N PHE G 157 22.02 31.03 -6.82
CA PHE G 157 20.99 30.61 -7.81
C PHE G 157 21.69 30.06 -9.05
N ALA G 158 21.07 29.10 -9.72
CA ALA G 158 21.51 28.61 -11.03
C ALA G 158 21.27 29.74 -12.05
N VAL G 159 22.33 30.35 -12.57
CA VAL G 159 22.27 31.30 -13.72
C VAL G 159 22.85 30.59 -14.95
N GLN G 160 22.27 30.83 -16.13
CA GLN G 160 22.73 30.31 -17.44
C GLN G 160 24.21 30.65 -17.65
N ASN G 161 25.01 29.63 -17.96
CA ASN G 161 26.42 29.68 -18.44
C ASN G 161 27.44 29.74 -17.28
N TYR G 162 27.04 30.03 -16.05
CA TYR G 162 27.99 30.11 -14.91
C TYR G 162 28.46 28.69 -14.54
N ASN G 163 27.59 27.70 -14.71
CA ASN G 163 27.86 26.25 -14.54
C ASN G 163 28.82 26.01 -13.37
N VAL G 164 30.01 25.47 -13.63
CA VAL G 164 30.95 24.95 -12.61
C VAL G 164 31.38 26.09 -11.67
N MET G 165 31.37 27.34 -12.12
CA MET G 165 31.80 28.48 -11.29
C MET G 165 30.72 28.78 -10.23
N GLY G 166 29.44 28.53 -10.55
CA GLY G 166 28.33 28.61 -9.58
C GLY G 166 28.57 27.70 -8.39
N VAL G 167 29.00 26.47 -8.65
CA VAL G 167 29.24 25.47 -7.55
C VAL G 167 30.50 25.89 -6.79
N ALA G 168 31.48 26.48 -7.46
CA ALA G 168 32.69 27.01 -6.81
C ALA G 168 32.31 28.18 -5.88
N LYS G 169 31.43 29.07 -6.32
CA LYS G 169 31.05 30.28 -5.54
C LYS G 169 30.16 29.86 -4.35
N ALA G 170 29.29 28.87 -4.53
CA ALA G 170 28.50 28.30 -3.43
C ALA G 170 29.46 27.80 -2.35
N SER G 171 30.51 27.11 -2.79
CA SER G 171 31.61 26.58 -1.95
C SER G 171 32.33 27.75 -1.25
N LEU G 172 32.68 28.78 -2.00
CA LEU G 172 33.38 29.98 -1.44
C LEU G 172 32.52 30.60 -0.35
N GLU G 173 31.21 30.75 -0.61
CA GLU G 173 30.28 31.48 0.28
C GLU G 173 30.12 30.70 1.60
N ALA G 174 30.24 29.37 1.56
CA ALA G 174 30.16 28.51 2.76
C ALA G 174 31.52 28.57 3.48
N ASN G 175 32.60 28.58 2.69
CA ASN G 175 33.98 28.79 3.16
C ASN G 175 33.99 30.02 4.08
N VAL G 176 33.46 31.15 3.60
CA VAL G 176 33.40 32.43 4.35
C VAL G 176 32.70 32.21 5.70
N LYS G 177 31.58 31.49 5.71
CA LYS G 177 30.80 31.27 6.95
C LYS G 177 31.63 30.45 7.93
N TYR G 178 32.24 29.35 7.47
CA TYR G 178 33.01 28.42 8.33
C TYR G 178 34.30 29.10 8.83
N LEU G 179 34.96 29.91 8.00
CA LEU G 179 36.13 30.72 8.42
C LEU G 179 35.68 31.74 9.47
N ALA G 180 34.55 32.40 9.25
CA ALA G 180 34.02 33.43 10.17
C ALA G 180 33.84 32.82 11.57
N LEU G 181 33.33 31.59 11.64
CA LEU G 181 33.05 30.88 12.92
C LEU G 181 34.36 30.46 13.58
N ASP G 182 35.32 30.00 12.79
CA ASP G 182 36.65 29.52 13.25
C ASP G 182 37.49 30.69 13.78
N LEU G 183 37.64 31.76 12.99
CA LEU G 183 38.59 32.88 13.25
C LEU G 183 37.92 34.02 14.04
N GLY G 184 36.63 33.91 14.33
CA GLY G 184 35.90 34.94 15.11
C GLY G 184 36.54 35.15 16.48
N PRO G 185 36.78 34.07 17.26
CA PRO G 185 37.42 34.19 18.57
C PRO G 185 38.80 34.88 18.54
N ASP G 186 39.49 34.85 17.40
CA ASP G 186 40.79 35.54 17.19
C ASP G 186 40.54 36.96 16.66
N ASN G 187 39.30 37.45 16.77
CA ASN G 187 38.88 38.80 16.31
C ASN G 187 39.26 38.99 14.82
N ILE G 188 39.11 37.94 14.01
CA ILE G 188 39.25 38.04 12.53
C ILE G 188 37.86 37.83 11.90
N ARG G 189 37.40 38.86 11.18
CA ARG G 189 36.09 38.87 10.46
C ARG G 189 36.32 38.38 9.03
N VAL G 190 35.39 37.55 8.53
CA VAL G 190 35.41 36.99 7.16
C VAL G 190 34.05 37.27 6.52
N ASN G 191 34.04 37.92 5.37
CA ASN G 191 32.82 38.37 4.67
C ASN G 191 33.05 38.27 3.17
N ALA G 192 31.98 38.30 2.39
CA ALA G 192 32.03 38.26 0.91
C ALA G 192 31.33 39.48 0.34
N ILE G 193 31.78 39.93 -0.84
CA ILE G 193 31.03 40.88 -1.70
C ILE G 193 30.54 40.11 -2.92
N SER G 194 29.22 40.11 -3.14
CA SER G 194 28.59 39.59 -4.36
C SER G 194 28.49 40.76 -5.34
N ALA G 195 29.46 40.87 -6.25
CA ALA G 195 29.50 41.94 -7.28
C ALA G 195 28.49 41.60 -8.37
N GLY G 196 27.77 42.61 -8.87
CA GLY G 196 27.07 42.52 -10.16
C GLY G 196 28.07 42.35 -11.30
N PRO G 197 27.60 42.19 -12.56
CA PRO G 197 28.50 41.99 -13.69
C PRO G 197 29.30 43.27 -14.02
N ILE G 198 30.60 43.09 -14.27
CA ILE G 198 31.58 44.15 -14.60
C ILE G 198 32.46 43.65 -15.77
N ARG G 199 32.71 44.50 -16.77
CA ARG G 199 33.60 44.17 -17.92
C ARG G 199 35.05 44.15 -17.43
N THR G 200 35.64 42.96 -17.34
CA THR G 200 37.04 42.71 -16.87
C THR G 200 37.75 41.71 -17.82
N LEU G 201 39.04 41.48 -17.58
CA LEU G 201 39.85 40.52 -18.35
C LEU G 201 39.20 39.12 -18.31
N SER G 202 38.89 38.60 -17.11
CA SER G 202 38.24 37.28 -16.89
C SER G 202 36.91 37.21 -17.65
N ALA G 203 36.10 38.27 -17.57
CA ALA G 203 34.70 38.31 -18.06
C ALA G 203 34.66 38.47 -19.59
N LYS G 204 35.59 39.24 -20.18
CA LYS G 204 35.67 39.42 -21.66
C LYS G 204 35.95 38.06 -22.30
N GLY G 205 35.11 37.65 -23.27
CA GLY G 205 35.29 36.41 -24.05
C GLY G 205 34.41 35.27 -23.57
N VAL G 206 33.41 35.55 -22.71
CA VAL G 206 32.37 34.55 -22.31
C VAL G 206 31.05 34.94 -22.99
N GLY G 207 30.26 33.95 -23.40
CA GLY G 207 29.09 34.10 -24.29
C GLY G 207 27.99 34.94 -23.69
N GLY G 208 27.46 35.90 -24.47
CA GLY G 208 26.26 36.71 -24.15
C GLY G 208 26.36 37.42 -22.81
N PHE G 209 27.57 37.81 -22.39
CA PHE G 209 27.82 38.64 -21.18
C PHE G 209 27.11 40.00 -21.35
N ASN G 210 27.01 40.47 -22.59
CA ASN G 210 26.33 41.74 -22.96
C ASN G 210 24.83 41.62 -22.73
N THR G 211 24.27 40.40 -22.81
CA THR G 211 22.85 40.11 -22.52
C THR G 211 22.57 40.36 -21.03
N ILE G 212 23.50 39.91 -20.16
CA ILE G 212 23.35 40.00 -18.68
C ILE G 212 23.46 41.47 -18.27
N LEU G 213 24.44 42.21 -18.79
CA LEU G 213 24.60 43.67 -18.51
C LEU G 213 23.32 44.42 -18.88
N LYS G 214 22.65 44.03 -19.97
CA LYS G 214 21.45 44.74 -20.49
C LYS G 214 20.26 44.40 -19.58
N GLU G 215 20.15 43.14 -19.16
CA GLU G 215 19.07 42.65 -18.24
C GLU G 215 19.15 43.39 -16.90
N ILE G 216 20.38 43.65 -16.40
CA ILE G 216 20.58 44.40 -15.13
C ILE G 216 20.04 45.82 -15.31
N GLU G 217 20.48 46.53 -16.36
CA GLU G 217 20.04 47.92 -16.64
C GLU G 217 18.51 48.00 -16.76
N GLU G 218 17.88 46.95 -17.29
CA GLU G 218 16.42 46.91 -17.57
C GLU G 218 15.64 46.52 -16.30
N ARG G 219 16.08 45.53 -15.53
CA ARG G 219 15.23 44.86 -14.48
C ARG G 219 15.68 45.20 -13.04
N ALA G 220 16.95 45.52 -12.82
CA ALA G 220 17.48 45.78 -11.46
C ALA G 220 16.88 47.06 -10.90
N PRO G 221 16.59 47.12 -9.59
CA PRO G 221 16.05 48.33 -8.96
C PRO G 221 16.70 49.66 -9.37
N LEU G 222 18.03 49.73 -9.44
CA LEU G 222 18.74 50.99 -9.73
C LEU G 222 18.84 51.22 -11.24
N LYS G 223 18.34 50.27 -12.05
CA LYS G 223 18.30 50.36 -13.53
C LYS G 223 19.69 50.78 -14.07
N ARG G 224 20.76 50.25 -13.50
CA ARG G 224 22.16 50.53 -13.94
C ARG G 224 23.08 49.42 -13.48
N ASN G 225 24.24 49.30 -14.11
CA ASN G 225 25.31 48.33 -13.73
C ASN G 225 26.22 49.00 -12.70
N VAL G 226 27.11 48.23 -12.09
CA VAL G 226 28.07 48.73 -11.07
C VAL G 226 29.48 48.68 -11.67
N ASP G 227 30.44 49.28 -10.98
CA ASP G 227 31.86 49.31 -11.42
C ASP G 227 32.77 48.86 -10.28
N GLN G 228 34.05 48.75 -10.59
CA GLN G 228 35.12 48.25 -9.70
C GLN G 228 35.20 49.13 -8.43
N VAL G 229 34.96 50.43 -8.56
CA VAL G 229 35.10 51.39 -7.41
C VAL G 229 33.97 51.14 -6.40
N GLU G 230 32.74 50.89 -6.85
CA GLU G 230 31.58 50.63 -5.95
C GLU G 230 31.90 49.38 -5.11
N VAL G 231 32.46 48.35 -5.72
CA VAL G 231 32.95 47.16 -4.99
C VAL G 231 34.05 47.63 -4.03
N GLY G 232 34.94 48.50 -4.51
CA GLY G 232 36.03 49.07 -3.69
C GLY G 232 35.52 49.74 -2.45
N LYS G 233 34.50 50.59 -2.59
CA LYS G 233 33.91 51.36 -1.45
C LYS G 233 33.41 50.35 -0.40
N THR G 234 32.65 49.33 -0.81
CA THR G 234 32.09 48.32 0.10
C THR G 234 33.24 47.52 0.71
N ALA G 235 34.30 47.25 -0.05
CA ALA G 235 35.53 46.58 0.43
C ALA G 235 36.14 47.40 1.58
N ALA G 236 36.16 48.73 1.43
CA ALA G 236 36.67 49.66 2.46
C ALA G 236 35.87 49.49 3.76
N TYR G 237 34.54 49.52 3.66
CA TYR G 237 33.62 49.31 4.81
C TYR G 237 34.00 48.00 5.52
N LEU G 238 34.08 46.89 4.76
CA LEU G 238 34.27 45.52 5.30
C LEU G 238 35.69 45.34 5.83
N LEU G 239 36.69 46.00 5.24
CA LEU G 239 38.11 45.85 5.67
C LEU G 239 38.41 46.75 6.87
N SER G 240 37.78 47.93 6.97
CA SER G 240 37.93 48.91 8.08
C SER G 240 37.16 48.44 9.31
N ASP G 241 37.16 49.21 10.40
CA ASP G 241 36.42 48.87 11.65
C ASP G 241 34.99 49.43 11.57
N LEU G 242 34.61 50.06 10.45
CA LEU G 242 33.23 50.53 10.20
C LEU G 242 32.28 49.33 10.27
N SER G 243 32.74 48.18 9.80
CA SER G 243 31.97 46.91 9.72
C SER G 243 32.23 46.04 10.95
N SER G 244 32.68 46.60 12.07
CA SER G 244 32.83 45.84 13.33
C SER G 244 31.48 45.23 13.69
N GLY G 245 31.46 43.97 14.13
CA GLY G 245 30.21 43.26 14.43
C GLY G 245 29.61 42.56 13.22
N VAL G 246 30.13 42.80 12.01
CA VAL G 246 29.70 42.11 10.76
C VAL G 246 30.73 41.03 10.40
N THR G 247 30.30 39.77 10.40
CA THR G 247 31.13 38.62 9.96
C THR G 247 30.20 37.52 9.44
N GLY G 248 30.65 36.70 8.50
CA GLY G 248 29.82 35.67 7.86
C GLY G 248 28.75 36.29 6.97
N GLU G 249 28.96 37.53 6.54
CA GLU G 249 27.95 38.28 5.76
C GLU G 249 28.35 38.26 4.28
N ASN G 250 27.34 38.37 3.41
CA ASN G 250 27.50 38.46 1.94
C ASN G 250 26.74 39.72 1.49
N ILE G 251 27.46 40.80 1.19
CA ILE G 251 26.87 42.10 0.74
C ILE G 251 26.80 42.12 -0.79
N HIS G 252 25.60 42.25 -1.32
CA HIS G 252 25.32 42.35 -2.77
C HIS G 252 25.53 43.79 -3.22
N VAL G 253 26.57 44.01 -4.03
CA VAL G 253 26.87 45.31 -4.71
C VAL G 253 26.50 45.12 -6.18
N ASP G 254 25.21 45.23 -6.51
CA ASP G 254 24.62 44.67 -7.75
C ASP G 254 23.32 45.39 -8.13
N SER G 255 23.16 46.65 -7.70
CA SER G 255 22.02 47.51 -8.08
C SER G 255 20.69 46.91 -7.63
N GLY G 256 20.71 45.98 -6.67
CA GLY G 256 19.50 45.41 -6.05
C GLY G 256 19.00 44.17 -6.76
N PHE G 257 19.74 43.66 -7.74
CA PHE G 257 19.31 42.54 -8.61
C PHE G 257 19.00 41.28 -7.79
N HIS G 258 19.76 41.03 -6.73
CA HIS G 258 19.60 39.85 -5.82
C HIS G 258 18.21 39.84 -5.17
N ALA G 259 17.59 41.00 -4.97
CA ALA G 259 16.34 41.18 -4.21
C ALA G 259 15.11 40.98 -5.09
N ILE G 260 15.24 40.89 -6.42
CA ILE G 260 14.07 40.88 -7.36
C ILE G 260 13.97 39.53 -8.06
N LYS G 261 12.82 39.30 -8.72
CA LYS G 261 12.56 38.07 -9.52
C LYS G 261 11.54 38.38 -10.65
N MET H 4 -4.40 10.57 -10.99
CA MET H 4 -3.69 11.88 -10.82
C MET H 4 -2.60 11.72 -9.76
N ALA H 5 -3.00 11.54 -8.50
CA ALA H 5 -2.10 11.32 -7.34
C ALA H 5 -1.92 9.81 -7.13
N SER H 6 -0.70 9.31 -7.32
CA SER H 6 -0.40 7.87 -7.19
C SER H 6 0.98 7.67 -6.56
N LEU H 7 1.03 6.77 -5.58
CA LEU H 7 2.29 6.31 -4.96
C LEU H 7 2.49 4.82 -5.29
N ASN H 8 1.94 4.36 -6.43
CA ASN H 8 2.07 2.96 -6.91
C ASN H 8 3.30 2.90 -7.81
N LEU H 9 4.39 2.31 -7.32
CA LEU H 9 5.70 2.31 -7.99
C LEU H 9 6.00 0.95 -8.62
N GLU H 10 4.98 0.11 -8.93
CA GLU H 10 5.17 -1.04 -9.85
C GLU H 10 5.53 -0.46 -11.22
N ASN H 11 6.33 -1.19 -12.01
CA ASN H 11 6.79 -0.75 -13.36
C ASN H 11 7.75 0.45 -13.24
N LYS H 12 8.26 0.75 -12.05
CA LYS H 12 9.27 1.80 -11.81
C LYS H 12 10.56 1.13 -11.31
N THR H 13 11.71 1.57 -11.83
CA THR H 13 13.05 1.08 -11.41
C THR H 13 13.89 2.25 -10.90
N TYR H 14 14.49 2.11 -9.72
CA TYR H 14 15.27 3.15 -9.02
C TYR H 14 16.64 2.58 -8.64
N VAL H 15 17.71 3.27 -9.02
CA VAL H 15 19.10 2.99 -8.54
C VAL H 15 19.26 3.66 -7.17
N ILE H 16 19.77 2.93 -6.19
CA ILE H 16 20.00 3.44 -4.81
C ILE H 16 21.47 3.27 -4.46
N MET H 17 22.20 4.37 -4.38
CA MET H 17 23.67 4.40 -4.13
C MET H 17 23.89 4.77 -2.65
N GLY H 18 24.67 3.96 -1.92
CA GLY H 18 25.20 4.32 -0.60
C GLY H 18 24.56 3.55 0.55
N ILE H 19 24.08 2.33 0.32
CA ILE H 19 23.76 1.40 1.44
C ILE H 19 25.08 0.75 1.90
N ALA H 20 25.31 0.71 3.21
CA ALA H 20 26.49 0.12 3.88
C ALA H 20 26.05 -0.86 4.98
N ASN H 21 24.94 -0.58 5.67
CA ASN H 21 24.37 -1.47 6.74
C ASN H 21 22.89 -1.12 6.94
N LYS H 22 22.24 -1.73 7.93
CA LYS H 22 20.78 -1.59 8.17
C LYS H 22 20.45 -0.16 8.63
N ARG H 23 21.45 0.57 9.12
CA ARG H 23 21.26 1.92 9.72
C ARG H 23 21.40 3.00 8.64
N SER H 24 21.98 2.68 7.48
CA SER H 24 22.15 3.61 6.33
C SER H 24 20.81 4.27 5.98
N ILE H 25 20.84 5.58 5.73
CA ILE H 25 19.66 6.38 5.29
C ILE H 25 19.12 5.75 4.01
N ALA H 26 20.01 5.41 3.06
CA ALA H 26 19.64 4.81 1.76
C ALA H 26 18.85 3.53 1.96
N PHE H 27 19.05 2.81 3.07
CA PHE H 27 18.28 1.57 3.37
C PHE H 27 16.85 1.94 3.75
N GLY H 28 16.67 2.94 4.62
CA GLY H 28 15.37 3.59 4.86
C GLY H 28 14.65 3.90 3.56
N VAL H 29 15.36 4.50 2.59
CA VAL H 29 14.79 4.82 1.25
C VAL H 29 14.33 3.53 0.59
N ALA H 30 15.17 2.49 0.62
CA ALA H 30 14.95 1.19 -0.04
C ALA H 30 13.70 0.50 0.54
N LYS H 31 13.63 0.36 1.87
CA LYS H 31 12.45 -0.24 2.56
C LYS H 31 11.16 0.40 2.02
N VAL H 32 11.12 1.74 1.97
CA VAL H 32 9.91 2.51 1.59
C VAL H 32 9.56 2.24 0.12
N LEU H 33 10.55 2.34 -0.78
CA LEU H 33 10.33 2.19 -2.23
C LEU H 33 9.89 0.74 -2.53
N ASP H 34 10.47 -0.21 -1.80
CA ASP H 34 10.12 -1.66 -1.84
C ASP H 34 8.62 -1.84 -1.53
N GLN H 35 8.17 -1.39 -0.36
CA GLN H 35 6.75 -1.47 0.08
C GLN H 35 5.80 -0.90 -0.98
N LEU H 36 6.27 0.03 -1.82
CA LEU H 36 5.43 0.67 -2.87
C LEU H 36 5.58 -0.08 -4.19
N GLY H 37 6.40 -1.13 -4.20
CA GLY H 37 6.46 -2.15 -5.28
C GLY H 37 7.37 -1.75 -6.41
N ALA H 38 8.52 -1.13 -6.11
CA ALA H 38 9.50 -0.68 -7.12
C ALA H 38 10.58 -1.74 -7.29
N LYS H 39 11.12 -1.85 -8.51
CA LYS H 39 12.34 -2.66 -8.80
C LYS H 39 13.54 -1.80 -8.39
N LEU H 40 14.41 -2.33 -7.52
CA LEU H 40 15.53 -1.57 -6.91
C LEU H 40 16.87 -2.18 -7.35
N VAL H 41 17.70 -1.34 -7.99
CA VAL H 41 19.14 -1.60 -8.24
C VAL H 41 19.93 -0.91 -7.13
N PHE H 42 20.97 -1.57 -6.61
CA PHE H 42 21.79 -1.09 -5.47
C PHE H 42 23.25 -0.92 -5.91
N THR H 43 23.98 0.01 -5.29
CA THR H 43 25.43 0.25 -5.52
C THR H 43 26.13 0.37 -4.16
N TYR H 44 27.41 -0.01 -4.13
CA TYR H 44 28.27 -0.13 -2.92
C TYR H 44 29.73 0.09 -3.35
N ARG H 45 30.63 0.43 -2.43
CA ARG H 45 32.09 0.56 -2.70
C ARG H 45 32.81 -0.66 -2.11
N LYS H 46 32.86 -0.76 -0.78
CA LYS H 46 33.57 -1.84 -0.04
C LYS H 46 32.82 -3.17 -0.20
N GLU H 47 33.53 -4.31 -0.06
CA GLU H 47 32.96 -5.68 -0.12
C GLU H 47 32.12 -5.93 1.14
N ARG H 48 32.52 -5.37 2.29
CA ARG H 48 31.74 -5.43 3.56
C ARG H 48 30.29 -5.01 3.30
N SER H 49 30.08 -4.01 2.43
CA SER H 49 28.76 -3.44 2.08
C SER H 49 27.96 -4.42 1.21
N ARG H 50 28.63 -5.20 0.36
CA ARG H 50 27.98 -6.22 -0.51
C ARG H 50 27.42 -7.35 0.35
N LYS H 51 28.21 -7.87 1.28
CA LYS H 51 27.78 -8.94 2.23
C LYS H 51 26.53 -8.44 2.97
N GLU H 52 26.58 -7.23 3.52
CA GLU H 52 25.47 -6.60 4.28
C GLU H 52 24.24 -6.46 3.37
N LEU H 53 24.43 -6.05 2.11
CA LEU H 53 23.32 -5.81 1.14
C LEU H 53 22.58 -7.12 0.87
N GLU H 54 23.32 -8.20 0.59
CA GLU H 54 22.75 -9.54 0.28
C GLU H 54 21.92 -10.03 1.48
N LYS H 55 22.45 -9.89 2.71
CA LYS H 55 21.73 -10.22 3.98
C LYS H 55 20.43 -9.42 4.08
N LEU H 56 20.47 -8.14 3.68
CA LEU H 56 19.34 -7.18 3.89
C LEU H 56 18.24 -7.39 2.84
N LEU H 57 18.59 -7.81 1.62
CA LEU H 57 17.61 -8.11 0.54
C LEU H 57 16.56 -9.13 0.98
N GLU H 58 16.87 -9.98 1.97
CA GLU H 58 15.94 -10.99 2.55
C GLU H 58 14.76 -10.27 3.22
N GLN H 59 15.01 -9.09 3.82
CA GLN H 59 13.97 -8.23 4.47
C GLN H 59 13.04 -7.61 3.40
N LEU H 60 13.49 -7.50 2.15
CA LEU H 60 12.74 -6.83 1.05
C LEU H 60 12.03 -7.90 0.20
N ASN H 61 11.13 -7.44 -0.67
CA ASN H 61 10.35 -8.25 -1.64
C ASN H 61 10.93 -8.03 -3.03
N GLN H 62 12.27 -8.07 -3.14
CA GLN H 62 12.99 -7.94 -4.44
C GLN H 62 13.28 -9.35 -4.93
N PRO H 63 12.62 -9.82 -6.01
CA PRO H 63 12.81 -11.18 -6.50
C PRO H 63 14.29 -11.37 -6.91
N GLU H 64 14.78 -10.52 -7.81
CA GLU H 64 16.16 -10.55 -8.34
C GLU H 64 16.98 -9.44 -7.67
N ALA H 65 18.09 -9.84 -7.03
CA ALA H 65 19.16 -8.95 -6.51
C ALA H 65 19.97 -8.44 -7.71
N HIS H 66 20.06 -7.12 -7.89
CA HIS H 66 21.01 -6.46 -8.82
C HIS H 66 21.93 -5.53 -8.01
N LEU H 67 23.14 -6.01 -7.69
CA LEU H 67 24.19 -5.28 -6.96
C LEU H 67 25.32 -4.95 -7.93
N TYR H 68 25.82 -3.71 -7.89
CA TYR H 68 26.95 -3.22 -8.71
C TYR H 68 27.92 -2.45 -7.82
N GLN H 69 29.20 -2.83 -7.82
CA GLN H 69 30.29 -2.11 -7.11
C GLN H 69 30.60 -0.83 -7.92
N ILE H 70 30.36 0.35 -7.34
CA ILE H 70 30.76 1.66 -7.92
C ILE H 70 31.41 2.51 -6.81
N ASP H 71 32.70 2.79 -6.97
CA ASP H 71 33.45 3.87 -6.27
C ASP H 71 33.31 5.12 -7.13
N VAL H 72 32.63 6.14 -6.61
CA VAL H 72 32.28 7.39 -7.37
C VAL H 72 33.54 8.22 -7.63
N GLN H 73 34.69 7.86 -7.01
CA GLN H 73 36.01 8.50 -7.28
C GLN H 73 36.53 8.17 -8.68
N SER H 74 36.01 7.11 -9.31
CA SER H 74 36.46 6.57 -10.62
C SER H 74 35.42 6.83 -11.71
N ASP H 75 35.75 7.66 -12.72
CA ASP H 75 34.87 7.88 -13.89
C ASP H 75 34.50 6.53 -14.51
N GLU H 76 35.44 5.59 -14.59
CA GLU H 76 35.26 4.28 -15.27
C GLU H 76 34.22 3.45 -14.50
N GLU H 77 34.39 3.25 -13.18
CA GLU H 77 33.46 2.45 -12.34
C GLU H 77 32.03 3.01 -12.46
N VAL H 78 31.88 4.34 -12.58
CA VAL H 78 30.55 5.04 -12.66
C VAL H 78 29.99 4.87 -14.08
N ILE H 79 30.76 5.18 -15.12
CA ILE H 79 30.31 5.06 -16.55
C ILE H 79 29.95 3.59 -16.83
N ASN H 80 30.79 2.63 -16.41
CA ASN H 80 30.63 1.18 -16.69
C ASN H 80 29.46 0.64 -15.87
N GLY H 81 29.41 0.95 -14.57
CA GLY H 81 28.30 0.55 -13.68
C GLY H 81 26.93 0.88 -14.26
N PHE H 82 26.76 2.09 -14.82
CA PHE H 82 25.45 2.59 -15.32
C PHE H 82 25.19 1.98 -16.70
N GLU H 83 26.23 1.82 -17.53
CA GLU H 83 26.14 1.08 -18.83
C GLU H 83 25.62 -0.35 -18.55
N GLN H 84 26.15 -1.01 -17.51
CA GLN H 84 25.83 -2.41 -17.13
C GLN H 84 24.38 -2.49 -16.62
N ILE H 85 23.96 -1.56 -15.78
CA ILE H 85 22.56 -1.45 -15.25
C ILE H 85 21.59 -1.31 -16.44
N GLY H 86 21.96 -0.50 -17.44
CA GLY H 86 21.17 -0.31 -18.68
C GLY H 86 20.92 -1.62 -19.42
N LYS H 87 21.91 -2.52 -19.43
CA LYS H 87 21.84 -3.84 -20.09
C LYS H 87 21.02 -4.81 -19.22
N ASP H 88 21.35 -4.91 -17.93
CA ASP H 88 20.77 -5.92 -17.00
C ASP H 88 19.27 -5.62 -16.73
N VAL H 89 18.90 -4.36 -16.47
CA VAL H 89 17.50 -3.99 -16.04
C VAL H 89 16.85 -3.03 -17.06
N GLY H 90 17.60 -2.43 -17.97
CA GLY H 90 17.04 -1.49 -18.96
C GLY H 90 16.95 -0.07 -18.40
N ASN H 91 15.98 0.70 -18.88
CA ASN H 91 15.77 2.13 -18.51
C ASN H 91 15.26 2.22 -17.06
N ILE H 92 15.67 3.29 -16.35
CA ILE H 92 15.33 3.54 -14.92
C ILE H 92 14.49 4.81 -14.83
N ASP H 93 13.86 5.04 -13.68
CA ASP H 93 12.98 6.21 -13.44
C ASP H 93 13.65 7.23 -12.49
N GLY H 94 14.72 6.84 -11.79
CA GLY H 94 15.47 7.79 -10.96
C GLY H 94 16.63 7.18 -10.20
N VAL H 95 17.36 8.01 -9.48
CA VAL H 95 18.58 7.67 -8.68
C VAL H 95 18.46 8.34 -7.32
N TYR H 96 18.63 7.59 -6.24
CA TYR H 96 18.85 8.15 -4.88
C TYR H 96 20.34 8.08 -4.55
N HIS H 97 20.94 9.25 -4.35
CA HIS H 97 22.37 9.45 -4.02
C HIS H 97 22.49 9.67 -2.51
N SER H 98 23.13 8.75 -1.79
CA SER H 98 23.33 8.82 -0.32
C SER H 98 24.82 8.61 -0.01
N ILE H 99 25.69 9.35 -0.70
CA ILE H 99 27.17 9.15 -0.64
C ILE H 99 27.83 10.46 -0.18
N ALA H 100 28.67 10.37 0.85
CA ALA H 100 29.53 11.46 1.35
C ALA H 100 30.73 10.86 2.09
N PHE H 101 31.84 11.60 2.11
CA PHE H 101 33.06 11.22 2.86
C PHE H 101 33.99 12.43 3.03
N ALA H 102 34.61 12.53 4.21
CA ALA H 102 35.80 13.38 4.47
C ALA H 102 36.71 12.68 5.49
N ASN H 103 38.00 13.04 5.50
CA ASN H 103 39.01 12.52 6.46
C ASN H 103 38.63 13.02 7.85
N MET H 104 38.54 12.09 8.82
CA MET H 104 38.31 12.39 10.25
C MET H 104 39.30 13.46 10.72
N GLU H 105 40.52 13.46 10.19
CA GLU H 105 41.59 14.46 10.48
C GLU H 105 41.02 15.87 10.32
N ASP H 106 40.41 16.13 9.16
CA ASP H 106 39.90 17.46 8.73
C ASP H 106 38.62 17.83 9.50
N LEU H 107 37.84 16.85 9.96
CA LEU H 107 36.57 17.06 10.71
C LEU H 107 36.83 17.39 12.19
N ARG H 108 38.00 17.08 12.73
CA ARG H 108 38.34 17.37 14.16
C ARG H 108 39.01 18.75 14.21
N GLY H 109 39.97 18.96 13.32
CA GLY H 109 40.70 20.24 13.15
C GLY H 109 39.78 21.44 13.09
N ARG H 110 40.28 22.59 13.51
CA ARG H 110 39.81 23.94 13.11
C ARG H 110 39.70 23.97 11.58
N PHE H 111 38.60 24.50 11.03
CA PHE H 111 38.33 24.48 9.57
C PHE H 111 39.51 25.12 8.81
N SER H 112 40.13 26.17 9.36
CA SER H 112 41.25 26.90 8.70
C SER H 112 42.48 26.01 8.55
N GLU H 113 42.58 24.92 9.33
CA GLU H 113 43.71 23.95 9.25
C GLU H 113 43.49 22.93 8.13
N THR H 114 42.31 22.87 7.51
CA THR H 114 41.94 21.84 6.50
C THR H 114 43.02 21.77 5.40
N SER H 115 43.41 20.55 5.03
CA SER H 115 44.38 20.26 3.95
C SER H 115 43.70 20.38 2.59
N ARG H 116 44.43 20.84 1.58
CA ARG H 116 43.99 20.86 0.16
C ARG H 116 43.51 19.47 -0.26
N GLU H 117 44.16 18.41 0.20
CA GLU H 117 43.84 16.99 -0.17
C GLU H 117 42.50 16.63 0.46
N GLY H 118 42.33 16.90 1.76
CA GLY H 118 41.11 16.61 2.52
C GLY H 118 39.89 17.35 1.98
N PHE H 119 40.10 18.59 1.54
CA PHE H 119 39.07 19.50 0.99
C PHE H 119 38.59 18.96 -0.36
N LEU H 120 39.52 18.78 -1.31
CA LEU H 120 39.19 18.30 -2.69
C LEU H 120 38.64 16.88 -2.64
N LEU H 121 39.03 16.08 -1.66
CA LEU H 121 38.52 14.69 -1.49
C LEU H 121 37.02 14.75 -1.18
N ALA H 122 36.66 15.52 -0.14
CA ALA H 122 35.27 15.78 0.31
C ALA H 122 34.42 16.28 -0.87
N GLN H 123 34.92 17.26 -1.65
CA GLN H 123 34.22 17.80 -2.85
C GLN H 123 33.98 16.66 -3.85
N ASP H 124 35.01 15.85 -4.12
CA ASP H 124 35.00 14.79 -5.16
C ASP H 124 33.87 13.79 -4.86
N ILE H 125 33.89 13.19 -3.67
CA ILE H 125 32.94 12.11 -3.28
C ILE H 125 31.56 12.70 -2.98
N SER H 126 31.49 13.85 -2.28
CA SER H 126 30.25 14.34 -1.63
C SER H 126 29.43 15.24 -2.59
N SER H 127 30.05 15.79 -3.63
CA SER H 127 29.43 16.78 -4.56
C SER H 127 29.61 16.34 -6.03
N TYR H 128 30.84 16.27 -6.56
CA TYR H 128 31.06 15.95 -8.01
C TYR H 128 30.40 14.62 -8.37
N SER H 129 30.43 13.64 -7.47
CA SER H 129 29.80 12.31 -7.67
C SER H 129 28.40 12.48 -8.24
N LEU H 130 27.62 13.42 -7.71
CA LEU H 130 26.24 13.67 -8.20
C LEU H 130 26.26 14.12 -9.66
N THR H 131 27.18 14.99 -10.05
CA THR H 131 27.29 15.52 -11.43
C THR H 131 27.50 14.36 -12.42
N ILE H 132 28.50 13.50 -12.18
CA ILE H 132 28.85 12.39 -13.12
C ILE H 132 27.74 11.34 -13.08
N VAL H 133 27.26 10.95 -11.90
CA VAL H 133 26.11 10.00 -11.74
C VAL H 133 24.94 10.51 -12.59
N ALA H 134 24.62 11.80 -12.53
CA ALA H 134 23.50 12.43 -13.28
C ALA H 134 23.73 12.29 -14.78
N HIS H 135 24.95 12.56 -15.26
CA HIS H 135 25.34 12.50 -16.70
C HIS H 135 25.09 11.11 -17.27
N GLU H 136 25.42 10.08 -16.49
CA GLU H 136 25.35 8.66 -16.92
C GLU H 136 23.90 8.18 -16.82
N ALA H 137 23.25 8.41 -15.67
CA ALA H 137 21.85 7.96 -15.42
C ALA H 137 20.90 8.59 -16.45
N LYS H 138 21.21 9.81 -16.92
CA LYS H 138 20.43 10.52 -17.98
C LYS H 138 20.26 9.59 -19.19
N LYS H 139 21.32 8.87 -19.57
CA LYS H 139 21.34 7.91 -20.71
C LYS H 139 20.23 6.87 -20.56
N LEU H 140 19.85 6.50 -19.34
CA LEU H 140 18.82 5.47 -19.02
C LEU H 140 17.46 6.10 -18.70
N MET H 141 17.27 7.40 -18.97
CA MET H 141 16.03 8.14 -18.60
C MET H 141 15.63 9.03 -19.77
N PRO H 142 15.39 8.45 -20.97
CA PRO H 142 15.09 9.25 -22.15
C PRO H 142 13.68 9.87 -22.05
N GLU H 143 12.79 9.26 -21.26
CA GLU H 143 11.39 9.73 -21.04
C GLU H 143 11.34 10.72 -19.87
N GLY H 144 12.46 10.88 -19.15
CA GLY H 144 12.54 11.73 -17.94
C GLY H 144 12.67 10.89 -16.69
N GLY H 145 12.83 11.53 -15.53
CA GLY H 145 13.08 10.87 -14.24
C GLY H 145 13.33 11.87 -13.12
N SER H 146 13.80 11.38 -11.97
CA SER H 146 14.00 12.16 -10.73
C SER H 146 15.32 11.72 -10.07
N ILE H 147 16.21 12.66 -9.78
CA ILE H 147 17.46 12.41 -9.01
C ILE H 147 17.36 13.15 -7.67
N VAL H 148 17.70 12.48 -6.58
CA VAL H 148 17.63 13.01 -5.20
C VAL H 148 18.97 12.75 -4.50
N ALA H 149 19.54 13.80 -3.90
CA ALA H 149 20.77 13.74 -3.09
C ALA H 149 20.41 14.07 -1.64
N THR H 150 21.25 13.61 -0.71
CA THR H 150 21.05 13.78 0.75
C THR H 150 22.03 14.85 1.23
N THR H 151 21.55 15.85 1.96
CA THR H 151 22.38 16.96 2.48
C THR H 151 22.07 17.17 3.95
N TYR H 152 22.75 18.14 4.55
CA TYR H 152 22.62 18.50 5.97
C TYR H 152 22.69 20.02 6.07
N LEU H 153 22.02 20.57 7.09
CA LEU H 153 21.85 22.02 7.35
C LEU H 153 23.22 22.71 7.38
N GLY H 154 24.31 21.97 7.60
CA GLY H 154 25.69 22.51 7.62
C GLY H 154 26.11 23.05 6.26
N GLY H 155 25.39 22.70 5.21
CA GLY H 155 25.57 23.29 3.86
C GLY H 155 25.10 24.73 3.81
N GLU H 156 24.15 25.09 4.69
CA GLU H 156 23.45 26.40 4.70
C GLU H 156 24.02 27.31 5.79
N PHE H 157 24.46 26.75 6.91
CA PHE H 157 24.97 27.51 8.09
C PHE H 157 26.25 26.85 8.58
N ALA H 158 27.16 27.67 9.12
CA ALA H 158 28.40 27.18 9.76
C ALA H 158 28.01 26.51 11.07
N VAL H 159 28.12 25.17 11.15
CA VAL H 159 27.78 24.37 12.35
C VAL H 159 29.10 23.82 12.93
N GLN H 160 29.21 23.78 14.26
CA GLN H 160 30.41 23.30 14.99
C GLN H 160 30.72 21.87 14.53
N ASN H 161 31.98 21.62 14.10
CA ASN H 161 32.58 20.28 13.84
C ASN H 161 32.30 19.77 12.42
N TYR H 162 31.34 20.31 11.68
CA TYR H 162 31.01 19.84 10.31
C TYR H 162 32.12 20.27 9.34
N ASN H 163 32.75 21.42 9.60
CA ASN H 163 33.94 21.96 8.89
C ASN H 163 33.86 21.64 7.39
N VAL H 164 34.80 20.84 6.87
CA VAL H 164 35.02 20.65 5.41
C VAL H 164 33.76 20.01 4.77
N MET H 165 32.97 19.27 5.54
CA MET H 165 31.74 18.63 5.00
C MET H 165 30.65 19.68 4.76
N GLY H 166 30.62 20.75 5.55
CA GLY H 166 29.75 21.91 5.33
C GLY H 166 29.99 22.54 3.98
N VAL H 167 31.26 22.70 3.60
CA VAL H 167 31.61 23.33 2.30
C VAL H 167 31.28 22.35 1.17
N ALA H 168 31.41 21.05 1.43
CA ALA H 168 31.04 19.99 0.45
C ALA H 168 29.52 20.02 0.24
N LYS H 169 28.73 20.17 1.31
CA LYS H 169 27.25 20.14 1.22
C LYS H 169 26.75 21.42 0.55
N ALA H 170 27.37 22.56 0.82
CA ALA H 170 27.06 23.83 0.14
C ALA H 170 27.26 23.62 -1.37
N SER H 171 28.35 22.96 -1.72
CA SER H 171 28.71 22.59 -3.11
C SER H 171 27.65 21.64 -3.69
N LEU H 172 27.27 20.61 -2.93
CA LEU H 172 26.24 19.63 -3.37
C LEU H 172 24.93 20.37 -3.66
N GLU H 173 24.54 21.28 -2.76
CA GLU H 173 23.23 21.97 -2.82
C GLU H 173 23.18 22.88 -4.06
N ALA H 174 24.32 23.41 -4.48
CA ALA H 174 24.42 24.27 -5.69
C ALA H 174 24.44 23.35 -6.92
N ASN H 175 25.15 22.23 -6.79
CA ASN H 175 25.18 21.13 -7.80
C ASN H 175 23.73 20.81 -8.18
N VAL H 176 22.88 20.54 -7.19
CA VAL H 176 21.45 20.18 -7.39
C VAL H 176 20.76 21.27 -8.23
N LYS H 177 20.97 22.54 -7.89
CA LYS H 177 20.31 23.67 -8.60
C LYS H 177 20.78 23.69 -10.06
N TYR H 178 22.09 23.60 -10.30
CA TYR H 178 22.67 23.70 -11.66
C TYR H 178 22.28 22.47 -12.50
N LEU H 179 22.23 21.27 -11.90
CA LEU H 179 21.74 20.05 -12.58
C LEU H 179 20.26 20.24 -12.92
N ALA H 180 19.46 20.76 -11.98
CA ALA H 180 18.01 20.96 -12.18
C ALA H 180 17.78 21.84 -13.41
N LEU H 181 18.58 22.89 -13.59
CA LEU H 181 18.45 23.87 -14.70
C LEU H 181 18.89 23.22 -16.02
N ASP H 182 19.95 22.42 -15.98
CA ASP H 182 20.53 21.72 -17.16
C ASP H 182 19.58 20.63 -17.66
N LEU H 183 19.13 19.73 -16.77
CA LEU H 183 18.39 18.48 -17.12
C LEU H 183 16.88 18.70 -17.09
N GLY H 184 16.41 19.89 -16.73
CA GLY H 184 14.97 20.22 -16.69
C GLY H 184 14.33 20.02 -18.05
N PRO H 185 14.90 20.60 -19.14
CA PRO H 185 14.36 20.43 -20.49
C PRO H 185 14.24 18.97 -20.94
N ASP H 186 15.05 18.06 -20.36
CA ASP H 186 14.99 16.59 -20.62
C ASP H 186 14.02 15.93 -19.65
N ASN H 187 13.16 16.72 -18.99
CA ASN H 187 12.16 16.24 -17.99
C ASN H 187 12.85 15.39 -16.92
N ILE H 188 14.06 15.78 -16.49
CA ILE H 188 14.75 15.16 -15.31
C ILE H 188 14.77 16.19 -14.18
N ARG H 189 14.14 15.84 -13.06
CA ARG H 189 14.06 16.68 -11.84
C ARG H 189 15.23 16.29 -10.91
N VAL H 190 15.85 17.30 -10.30
CA VAL H 190 16.98 17.14 -9.34
C VAL H 190 16.63 17.91 -8.07
N ASN H 191 16.65 17.24 -6.93
CA ASN H 191 16.25 17.82 -5.62
C ASN H 191 17.14 17.22 -4.53
N ALA H 192 17.15 17.84 -3.36
CA ALA H 192 17.90 17.36 -2.18
C ALA H 192 16.96 17.17 -1.00
N ILE H 193 17.29 16.22 -0.13
CA ILE H 193 16.70 16.10 1.24
C ILE H 193 17.78 16.51 2.24
N SER H 194 17.49 17.52 3.07
CA SER H 194 18.30 17.93 4.22
C SER H 194 17.78 17.14 5.42
N ALA H 195 18.43 16.01 5.73
CA ALA H 195 18.05 15.12 6.84
C ALA H 195 18.54 15.74 8.15
N GLY H 196 17.72 15.67 9.20
CA GLY H 196 18.21 15.86 10.57
C GLY H 196 19.19 14.77 10.95
N PRO H 197 19.82 14.83 12.15
CA PRO H 197 20.82 13.85 12.56
C PRO H 197 20.19 12.46 12.81
N ILE H 198 20.85 11.42 12.29
CA ILE H 198 20.44 9.99 12.41
C ILE H 198 21.66 9.15 12.79
N ARG H 199 21.51 8.23 13.75
CA ARG H 199 22.62 7.31 14.18
C ARG H 199 22.85 6.27 13.07
N THR H 200 23.98 6.40 12.37
CA THR H 200 24.40 5.48 11.27
C THR H 200 25.87 5.11 11.44
N LEU H 201 26.36 4.20 10.59
CA LEU H 201 27.77 3.74 10.58
C LEU H 201 28.68 4.96 10.39
N SER H 202 28.46 5.77 9.35
CA SER H 202 29.24 7.01 9.03
C SER H 202 29.25 7.96 10.22
N ALA H 203 28.10 8.17 10.86
CA ALA H 203 27.86 9.20 11.91
C ALA H 203 28.46 8.76 13.24
N LYS H 204 28.39 7.46 13.59
CA LYS H 204 28.99 6.93 14.84
C LYS H 204 30.51 7.17 14.83
N GLY H 205 31.03 7.85 15.86
CA GLY H 205 32.47 8.08 16.02
C GLY H 205 32.92 9.46 15.59
N VAL H 206 31.99 10.40 15.38
CA VAL H 206 32.32 11.84 15.09
C VAL H 206 31.95 12.68 16.31
N GLY H 207 32.71 13.74 16.60
CA GLY H 207 32.68 14.53 17.84
C GLY H 207 31.33 15.20 18.09
N GLY H 208 30.82 15.05 19.31
CA GLY H 208 29.64 15.76 19.84
C GLY H 208 28.39 15.62 18.98
N PHE H 209 28.25 14.54 18.22
CA PHE H 209 27.03 14.18 17.45
C PHE H 209 25.86 14.01 18.43
N ASN H 210 26.16 13.52 19.64
CA ASN H 210 25.15 13.27 20.71
C ASN H 210 24.63 14.61 21.22
N THR H 211 25.44 15.69 21.12
CA THR H 211 25.04 17.07 21.50
C THR H 211 23.94 17.54 20.55
N ILE H 212 24.12 17.27 19.24
CA ILE H 212 23.18 17.74 18.18
C ILE H 212 21.86 17.00 18.32
N LEU H 213 21.88 15.67 18.51
CA LEU H 213 20.66 14.86 18.73
C LEU H 213 19.85 15.40 19.90
N LYS H 214 20.55 15.85 20.98
CA LYS H 214 19.87 16.29 22.23
C LYS H 214 19.28 17.68 21.99
N GLU H 215 19.99 18.55 21.26
CA GLU H 215 19.56 19.94 20.94
C GLU H 215 18.30 19.87 20.06
N ILE H 216 18.22 18.91 19.15
CA ILE H 216 17.03 18.72 18.26
C ILE H 216 15.83 18.37 19.15
N GLU H 217 15.94 17.35 20.00
CA GLU H 217 14.84 16.92 20.91
C GLU H 217 14.38 18.09 21.78
N GLU H 218 15.30 18.98 22.18
CA GLU H 218 15.02 20.09 23.12
C GLU H 218 14.41 21.28 22.36
N ARG H 219 14.96 21.68 21.20
CA ARG H 219 14.72 23.03 20.59
C ARG H 219 13.88 22.94 19.31
N ALA H 220 13.93 21.82 18.56
CA ALA H 220 13.23 21.69 17.26
C ALA H 220 11.72 21.68 17.51
N PRO H 221 10.92 22.29 16.61
CA PRO H 221 9.46 22.33 16.75
C PRO H 221 8.79 21.02 17.18
N LEU H 222 9.16 19.88 16.59
CA LEU H 222 8.51 18.57 16.87
C LEU H 222 9.12 17.93 18.13
N LYS H 223 10.13 18.56 18.73
CA LYS H 223 10.79 18.10 19.99
C LYS H 223 11.13 16.59 19.88
N ARG H 224 11.61 16.13 18.72
CA ARG H 224 12.03 14.73 18.49
C ARG H 224 12.99 14.67 17.30
N ASN H 225 13.77 13.60 17.22
CA ASN H 225 14.68 13.32 16.08
C ASN H 225 13.90 12.58 14.99
N VAL H 226 14.48 12.44 13.81
CA VAL H 226 13.86 11.73 12.65
C VAL H 226 14.62 10.42 12.43
N ASP H 227 14.08 9.55 11.57
CA ASP H 227 14.72 8.25 11.24
C ASP H 227 14.82 8.09 9.74
N GLN H 228 15.47 7.01 9.31
CA GLN H 228 15.78 6.66 7.91
C GLN H 228 14.48 6.55 7.10
N VAL H 229 13.38 6.07 7.71
CA VAL H 229 12.10 5.84 6.98
C VAL H 229 11.46 7.20 6.65
N GLU H 230 11.50 8.18 7.55
CA GLU H 230 10.93 9.52 7.31
C GLU H 230 11.62 10.15 6.10
N VAL H 231 12.95 9.99 6.02
CA VAL H 231 13.72 10.42 4.82
C VAL H 231 13.21 9.60 3.63
N GLY H 232 13.00 8.30 3.84
CA GLY H 232 12.49 7.38 2.80
C GLY H 232 11.16 7.85 2.24
N LYS H 233 10.22 8.22 3.11
CA LYS H 233 8.87 8.69 2.70
C LYS H 233 9.03 9.91 1.79
N THR H 234 9.83 10.89 2.21
CA THR H 234 10.05 12.14 1.42
C THR H 234 10.77 11.78 0.11
N ALA H 235 11.69 10.82 0.15
CA ALA H 235 12.39 10.30 -1.04
C ALA H 235 11.37 9.74 -2.04
N ALA H 236 10.35 9.03 -1.54
CA ALA H 236 9.26 8.46 -2.37
C ALA H 236 8.52 9.59 -3.07
N TYR H 237 8.12 10.64 -2.34
CA TYR H 237 7.46 11.84 -2.90
C TYR H 237 8.31 12.39 -4.05
N LEU H 238 9.60 12.64 -3.80
CA LEU H 238 10.52 13.32 -4.75
C LEU H 238 10.85 12.40 -5.94
N LEU H 239 10.93 11.09 -5.73
CA LEU H 239 11.29 10.14 -6.83
C LEU H 239 10.06 9.80 -7.69
N SER H 240 8.86 9.77 -7.11
CA SER H 240 7.57 9.50 -7.80
C SER H 240 7.12 10.74 -8.58
N ASP H 241 5.96 10.68 -9.25
CA ASP H 241 5.43 11.84 -10.03
C ASP H 241 4.54 12.70 -9.11
N LEU H 242 4.44 12.36 -7.83
CA LEU H 242 3.74 13.18 -6.82
C LEU H 242 4.37 14.57 -6.75
N SER H 243 5.70 14.61 -6.93
CA SER H 243 6.53 15.84 -6.86
C SER H 243 6.73 16.45 -8.25
N SER H 244 5.88 16.15 -9.22
CA SER H 244 5.96 16.79 -10.57
C SER H 244 5.85 18.30 -10.36
N GLY H 245 6.68 19.07 -11.08
CA GLY H 245 6.73 20.54 -10.92
C GLY H 245 7.67 21.00 -9.80
N VAL H 246 8.23 20.08 -9.01
CA VAL H 246 9.27 20.36 -7.98
C VAL H 246 10.64 19.95 -8.52
N THR H 247 11.54 20.92 -8.68
CA THR H 247 12.95 20.68 -9.06
C THR H 247 13.80 21.82 -8.50
N GLY H 248 15.07 21.57 -8.19
CA GLY H 248 15.98 22.54 -7.56
C GLY H 248 15.55 22.84 -6.12
N GLU H 249 14.81 21.93 -5.51
CA GLU H 249 14.26 22.15 -4.15
C GLU H 249 15.13 21.37 -3.14
N ASN H 250 15.15 21.87 -1.90
CA ASN H 250 15.83 21.25 -0.75
C ASN H 250 14.78 21.12 0.37
N ILE H 251 14.28 19.91 0.59
CA ILE H 251 13.25 19.61 1.62
C ILE H 251 13.94 19.21 2.92
N HIS H 252 13.69 19.96 3.98
CA HIS H 252 14.24 19.70 5.35
C HIS H 252 13.33 18.67 6.02
N VAL H 253 13.86 17.47 6.24
CA VAL H 253 13.23 16.37 7.04
C VAL H 253 13.99 16.30 8.37
N ASP H 254 13.65 17.20 9.30
CA ASP H 254 14.52 17.57 10.45
C ASP H 254 13.70 18.14 11.62
N SER H 255 12.43 17.79 11.71
CA SER H 255 11.54 18.15 12.84
C SER H 255 11.38 19.68 12.95
N GLY H 256 11.69 20.42 11.88
CA GLY H 256 11.48 21.87 11.80
C GLY H 256 12.68 22.69 12.26
N PHE H 257 13.81 22.04 12.54
CA PHE H 257 15.01 22.68 13.15
C PHE H 257 15.54 23.81 12.25
N HIS H 258 15.49 23.65 10.92
CA HIS H 258 15.98 24.63 9.92
C HIS H 258 15.23 25.97 10.05
N ALA H 259 13.99 25.96 10.54
CA ALA H 259 13.08 27.12 10.59
C ALA H 259 13.28 27.96 11.86
N ILE H 260 14.02 27.48 12.84
CA ILE H 260 14.14 28.17 14.16
C ILE H 260 15.57 28.68 14.37
N LYS H 261 15.74 29.54 15.37
CA LYS H 261 17.06 30.11 15.74
C LYS H 261 17.04 30.57 17.21
#